data_5JW2
# 
_entry.id   5JW2 
# 
_audit_conform.dict_name       mmcif_pdbx.dic 
_audit_conform.dict_version    5.387 
_audit_conform.dict_location   http://mmcif.pdb.org/dictionaries/ascii/mmcif_pdbx.dic 
# 
loop_
_database_2.database_id 
_database_2.database_code 
_database_2.pdbx_database_accession 
_database_2.pdbx_DOI 
PDB   5JW2         pdb_00005jw2 10.2210/pdb5jw2/pdb 
WWPDB D_1000221313 ?            ?                   
# 
loop_
_pdbx_audit_revision_history.ordinal 
_pdbx_audit_revision_history.data_content_type 
_pdbx_audit_revision_history.major_revision 
_pdbx_audit_revision_history.minor_revision 
_pdbx_audit_revision_history.revision_date 
1 'Structure model' 1 0 2016-09-14 
2 'Structure model' 1 1 2016-10-26 
3 'Structure model' 1 2 2024-03-06 
# 
_pdbx_audit_revision_details.ordinal             1 
_pdbx_audit_revision_details.revision_ordinal    1 
_pdbx_audit_revision_details.data_content_type   'Structure model' 
_pdbx_audit_revision_details.provider            repository 
_pdbx_audit_revision_details.type                'Initial release' 
_pdbx_audit_revision_details.description         ? 
_pdbx_audit_revision_details.details             ? 
# 
loop_
_pdbx_audit_revision_group.ordinal 
_pdbx_audit_revision_group.revision_ordinal 
_pdbx_audit_revision_group.data_content_type 
_pdbx_audit_revision_group.group 
1 2 'Structure model' 'Database references'  
2 3 'Structure model' 'Data collection'      
3 3 'Structure model' 'Database references'  
4 3 'Structure model' 'Derived calculations' 
5 3 'Structure model' 'Structure summary'    
# 
loop_
_pdbx_audit_revision_category.ordinal 
_pdbx_audit_revision_category.revision_ordinal 
_pdbx_audit_revision_category.data_content_type 
_pdbx_audit_revision_category.category 
1 3 'Structure model' chem_comp              
2 3 'Structure model' chem_comp_atom         
3 3 'Structure model' chem_comp_bond         
4 3 'Structure model' citation               
5 3 'Structure model' database_2             
6 3 'Structure model' pdbx_struct_conn_angle 
7 3 'Structure model' pdbx_struct_oper_list  
8 3 'Structure model' struct_conn            
# 
loop_
_pdbx_audit_revision_item.ordinal 
_pdbx_audit_revision_item.revision_ordinal 
_pdbx_audit_revision_item.data_content_type 
_pdbx_audit_revision_item.item 
1  3 'Structure model' '_chem_comp.pdbx_synonyms'                    
2  3 'Structure model' '_citation.journal_id_CSD'                    
3  3 'Structure model' '_database_2.pdbx_DOI'                        
4  3 'Structure model' '_database_2.pdbx_database_accession'         
5  3 'Structure model' '_pdbx_struct_conn_angle.ptnr1_auth_asym_id'  
6  3 'Structure model' '_pdbx_struct_conn_angle.ptnr1_auth_comp_id'  
7  3 'Structure model' '_pdbx_struct_conn_angle.ptnr1_auth_seq_id'   
8  3 'Structure model' '_pdbx_struct_conn_angle.ptnr1_label_asym_id' 
9  3 'Structure model' '_pdbx_struct_conn_angle.ptnr1_label_atom_id' 
10 3 'Structure model' '_pdbx_struct_conn_angle.ptnr1_label_comp_id' 
11 3 'Structure model' '_pdbx_struct_conn_angle.ptnr1_label_seq_id'  
12 3 'Structure model' '_pdbx_struct_conn_angle.ptnr2_auth_asym_id'  
13 3 'Structure model' '_pdbx_struct_conn_angle.ptnr2_auth_seq_id'   
14 3 'Structure model' '_pdbx_struct_conn_angle.ptnr2_label_asym_id' 
15 3 'Structure model' '_pdbx_struct_conn_angle.ptnr3_auth_asym_id'  
16 3 'Structure model' '_pdbx_struct_conn_angle.ptnr3_auth_comp_id'  
17 3 'Structure model' '_pdbx_struct_conn_angle.ptnr3_auth_seq_id'   
18 3 'Structure model' '_pdbx_struct_conn_angle.ptnr3_label_asym_id' 
19 3 'Structure model' '_pdbx_struct_conn_angle.ptnr3_label_atom_id' 
20 3 'Structure model' '_pdbx_struct_conn_angle.ptnr3_label_comp_id' 
21 3 'Structure model' '_pdbx_struct_conn_angle.value'               
22 3 'Structure model' '_pdbx_struct_oper_list.symmetry_operation'   
23 3 'Structure model' '_struct_conn.pdbx_dist_value'                
24 3 'Structure model' '_struct_conn.ptnr1_auth_asym_id'             
25 3 'Structure model' '_struct_conn.ptnr1_auth_comp_id'             
26 3 'Structure model' '_struct_conn.ptnr1_auth_seq_id'              
27 3 'Structure model' '_struct_conn.ptnr1_label_asym_id'            
28 3 'Structure model' '_struct_conn.ptnr1_label_atom_id'            
29 3 'Structure model' '_struct_conn.ptnr1_label_comp_id'            
30 3 'Structure model' '_struct_conn.ptnr1_label_seq_id'             
31 3 'Structure model' '_struct_conn.ptnr2_auth_asym_id'             
32 3 'Structure model' '_struct_conn.ptnr2_auth_comp_id'             
33 3 'Structure model' '_struct_conn.ptnr2_auth_seq_id'              
34 3 'Structure model' '_struct_conn.ptnr2_label_asym_id'            
35 3 'Structure model' '_struct_conn.ptnr2_label_atom_id'            
36 3 'Structure model' '_struct_conn.ptnr2_label_comp_id'            
# 
_pdbx_database_status.status_code                     REL 
_pdbx_database_status.status_code_sf                  REL 
_pdbx_database_status.status_code_mr                  ? 
_pdbx_database_status.entry_id                        5JW2 
_pdbx_database_status.recvd_initial_deposition_date   2016-05-11 
_pdbx_database_status.SG_entry                        N 
_pdbx_database_status.deposit_site                    RCSB 
_pdbx_database_status.process_site                    RCSB 
_pdbx_database_status.status_code_cs                  ? 
_pdbx_database_status.methods_development_category    ? 
_pdbx_database_status.pdb_format_compatible           Y 
_pdbx_database_status.status_code_nmr_data            ? 
# 
loop_
_audit_author.name 
_audit_author.pdbx_ordinal 
'Hou, C.'        1 
'Rohr, J.'       2 
'Tsodikov, O.V.' 3 
# 
_citation.abstract                  ? 
_citation.abstract_id_CAS           ? 
_citation.book_id_ISBN              ? 
_citation.book_publisher            ? 
_citation.book_publisher_city       ? 
_citation.book_title                ? 
_citation.coordinate_linkage        ? 
_citation.country                   UK 
_citation.database_id_Medline       ? 
_citation.details                   ? 
_citation.id                        primary 
_citation.journal_abbrev            'Nucleic Acids Res.' 
_citation.journal_id_ASTM           NARHAD 
_citation.journal_id_CSD            0389 
_citation.journal_id_ISSN           1362-4962 
_citation.journal_full              ? 
_citation.journal_issue             ? 
_citation.journal_volume            44 
_citation.language                  ? 
_citation.page_first                8990 
_citation.page_last                 9004 
_citation.title                     
'Structures of mithramycin analogues bound to DNA and implications for targeting transcription factor FLI1.' 
_citation.year                      2016 
_citation.database_id_CSD           ? 
_citation.pdbx_database_id_DOI      10.1093/nar/gkw761 
_citation.pdbx_database_id_PubMed   27587584 
_citation.unpublished_flag          ? 
# 
loop_
_citation_author.citation_id 
_citation_author.name 
_citation_author.ordinal 
_citation_author.identifier_ORCID 
primary 'Hou, C.'        1 ? 
primary 'Weidenbach, S.' 2 ? 
primary 'Cano, K.E.'     3 ? 
primary 'Wang, Z.'       4 ? 
primary 'Mitra, P.'      5 ? 
primary 'Ivanov, D.N.'   6 ? 
primary 'Rohr, J.'       7 ? 
primary 'Tsodikov, O.V.' 8 ? 
# 
loop_
_entity.id 
_entity.type 
_entity.src_method 
_entity.pdbx_description 
_entity.formula_weight 
_entity.pdbx_number_of_molecules 
_entity.pdbx_ec 
_entity.pdbx_mutation 
_entity.pdbx_fragment 
_entity.details 
1 polymer     syn 
;DNA (5'-D(*AP*GP*GP*GP*AP*TP*CP*CP*CP*T)-3')
;
3045.005 2  ? ? ? ? 
2 non-polymer syn 'Plicamycin, mithramycin analogue MTM SA-Phe'  1188.267 4  ? ? ? ? 
3 non-polymer syn 'ZINC ION'                                     65.409   5  ? ? ? ? 
4 water       nat water                                          18.015   20 ? ? ? ? 
# 
_entity_poly.entity_id                      1 
_entity_poly.type                           polydeoxyribonucleotide 
_entity_poly.nstd_linkage                   no 
_entity_poly.nstd_monomer                   no 
_entity_poly.pdbx_seq_one_letter_code       '(DA)(DG)(DG)(DG)(DA)(DT)(DC)(DC)(DC)(DT)' 
_entity_poly.pdbx_seq_one_letter_code_can   AGGGATCCCT 
_entity_poly.pdbx_strand_id                 A,B 
_entity_poly.pdbx_target_identifier         ? 
# 
loop_
_pdbx_entity_nonpoly.entity_id 
_pdbx_entity_nonpoly.name 
_pdbx_entity_nonpoly.comp_id 
2 'Plicamycin, mithramycin analogue MTM SA-Phe' 6O7 
3 'ZINC ION'                                    ZN  
4 water                                         HOH 
# 
loop_
_entity_poly_seq.entity_id 
_entity_poly_seq.num 
_entity_poly_seq.mon_id 
_entity_poly_seq.hetero 
1 1  DA n 
1 2  DG n 
1 3  DG n 
1 4  DG n 
1 5  DA n 
1 6  DT n 
1 7  DC n 
1 8  DC n 
1 9  DC n 
1 10 DT n 
# 
_pdbx_entity_src_syn.entity_id              1 
_pdbx_entity_src_syn.pdbx_src_id            1 
_pdbx_entity_src_syn.pdbx_alt_source_flag   sample 
_pdbx_entity_src_syn.pdbx_beg_seq_num       1 
_pdbx_entity_src_syn.pdbx_end_seq_num       10 
_pdbx_entity_src_syn.organism_scientific    'synthetic construct' 
_pdbx_entity_src_syn.organism_common_name   ? 
_pdbx_entity_src_syn.ncbi_taxonomy_id       32630 
_pdbx_entity_src_syn.details                ? 
# 
loop_
_chem_comp.id 
_chem_comp.type 
_chem_comp.mon_nstd_flag 
_chem_comp.name 
_chem_comp.pdbx_synonyms 
_chem_comp.formula 
_chem_comp.formula_weight 
6O7 non-polymer   . 'Plicamycin, mithramycin analogue MTM SA-Phe' 
;methyl (2S)-2-({(2S)-2-[(2R,3S)-3-{[(2S,4R,5R,6R)-4-{[(2S,4R,5S,6R)-4-{[(2S,4S,5R,6R)-4,5-dihydroxy-4,6-dimethyltetrahydro-2H-p yran-2-yl]oxy}-5-hydroxy-6-methyltetrahydro-2H-pyran-2-yl]oxy}-5-hydroxy-6-methyltetrahydro-2H-pyran-2-yl]oxy}-7-{[(2S,4 R,5R,6R)-4-{[(2S,4R,5S,6R)-4,5-dihydroxy-6-methyltetrahydro-2H-pyran-2-yl]oxy}-5-hydroxy-6-methyltetrahydro-2H-pyran-2-y l]oxy}-5,10-dihydroxy-6-methyl-4-oxo-1,2,3,4-tetrahydroanthracen-2-yl]-2-methoxyacetyl}amino)-3-phenylpropanoate (non-preferred name)
;
'C59 H81 N O24'   1188.267 
DA  'DNA linking' y "2'-DEOXYADENOSINE-5'-MONOPHOSPHATE"          ? 'C10 H14 N5 O6 P' 331.222  
DC  'DNA linking' y "2'-DEOXYCYTIDINE-5'-MONOPHOSPHATE"           ? 'C9 H14 N3 O7 P'  307.197  
DG  'DNA linking' y "2'-DEOXYGUANOSINE-5'-MONOPHOSPHATE"          ? 'C10 H14 N5 O7 P' 347.221  
DT  'DNA linking' y "THYMIDINE-5'-MONOPHOSPHATE"                  ? 'C10 H15 N2 O8 P' 322.208  
HOH non-polymer   . WATER                                         ? 'H2 O'            18.015   
ZN  non-polymer   . 'ZINC ION'                                    ? 'Zn 2'            65.409   
# 
loop_
_pdbx_poly_seq_scheme.asym_id 
_pdbx_poly_seq_scheme.entity_id 
_pdbx_poly_seq_scheme.seq_id 
_pdbx_poly_seq_scheme.mon_id 
_pdbx_poly_seq_scheme.ndb_seq_num 
_pdbx_poly_seq_scheme.pdb_seq_num 
_pdbx_poly_seq_scheme.auth_seq_num 
_pdbx_poly_seq_scheme.pdb_mon_id 
_pdbx_poly_seq_scheme.auth_mon_id 
_pdbx_poly_seq_scheme.pdb_strand_id 
_pdbx_poly_seq_scheme.pdb_ins_code 
_pdbx_poly_seq_scheme.hetero 
A 1 1  DA 1  4  4  DA DA A . n 
A 1 2  DG 2  5  5  DG DG A . n 
A 1 3  DG 3  6  6  DG DG A . n 
A 1 4  DG 4  7  7  DG DG A . n 
A 1 5  DA 5  8  8  DA DA A . n 
A 1 6  DT 6  9  9  DT DT A . n 
A 1 7  DC 7  10 10 DC DC A . n 
A 1 8  DC 8  11 11 DC DC A . n 
A 1 9  DC 9  12 12 DC DC A . n 
A 1 10 DT 10 13 13 DT DT A . n 
B 1 1  DA 1  -2 -2 DA DA B . n 
B 1 2  DG 2  -1 -1 DG DG B . n 
B 1 3  DG 3  0  0  DG DG B . n 
B 1 4  DG 4  1  1  DG DG B . n 
B 1 5  DA 5  2  2  DA DA B . n 
B 1 6  DT 6  3  3  DT DT B . n 
B 1 7  DC 7  4  4  DC DC B . n 
B 1 8  DC 8  5  5  DC DC B . n 
B 1 9  DC 9  6  6  DC DC B . n 
B 1 10 DT 10 7  7  DT DT B . n 
# 
loop_
_pdbx_nonpoly_scheme.asym_id 
_pdbx_nonpoly_scheme.entity_id 
_pdbx_nonpoly_scheme.mon_id 
_pdbx_nonpoly_scheme.ndb_seq_num 
_pdbx_nonpoly_scheme.pdb_seq_num 
_pdbx_nonpoly_scheme.auth_seq_num 
_pdbx_nonpoly_scheme.pdb_mon_id 
_pdbx_nonpoly_scheme.auth_mon_id 
_pdbx_nonpoly_scheme.pdb_strand_id 
_pdbx_nonpoly_scheme.pdb_ins_code 
C 2 6O7 1  101 1  6O7 MTF A . 
D 2 6O7 1  102 1  6O7 MTF A . 
E 2 6O7 1  103 1  6O7 MTF A . 
F 3 ZN  1  104 6  ZN  ZN  A . 
G 3 ZN  1  105 1  ZN  ZN  A . 
H 3 ZN  1  106 5  ZN  ZN  A . 
I 2 6O7 1  101 1  6O7 MTF B . 
J 3 ZN  1  102 2  ZN  ZN  B . 
K 3 ZN  1  103 3  ZN  ZN  B . 
L 4 HOH 1  201 5  HOH HOH A . 
L 4 HOH 2  202 7  HOH HOH A . 
L 4 HOH 3  203 11 HOH HOH A . 
L 4 HOH 4  204 10 HOH HOH A . 
L 4 HOH 5  205 9  HOH HOH A . 
L 4 HOH 6  206 21 HOH HOH A . 
L 4 HOH 7  207 6  HOH HOH A . 
L 4 HOH 8  208 12 HOH HOH A . 
L 4 HOH 9  209 8  HOH HOH A . 
M 4 HOH 1  201 4  HOH HOH B . 
M 4 HOH 2  202 1  HOH HOH B . 
M 4 HOH 3  203 14 HOH HOH B . 
M 4 HOH 4  204 13 HOH HOH B . 
M 4 HOH 5  205 20 HOH HOH B . 
M 4 HOH 6  206 18 HOH HOH B . 
M 4 HOH 7  207 16 HOH HOH B . 
M 4 HOH 8  208 17 HOH HOH B . 
M 4 HOH 9  209 2  HOH HOH B . 
M 4 HOH 10 210 15 HOH HOH B . 
M 4 HOH 11 211 19 HOH HOH B . 
# 
loop_
_software.citation_id 
_software.classification 
_software.compiler_name 
_software.compiler_version 
_software.contact_author 
_software.contact_author_email 
_software.date 
_software.description 
_software.dependencies 
_software.hardware 
_software.language 
_software.location 
_software.mods 
_software.name 
_software.os 
_software.os_version 
_software.type 
_software.version 
_software.pdbx_ordinal 
? refinement       ? ? ? ? ? ? ? ? ? ? ? REFMAC   ? ? ? 5.8.0135 1 
? 'data reduction' ? ? ? ? ? ? ? ? ? ? ? HKL-2000 ? ? ? .        2 
? 'data scaling'   ? ? ? ? ? ? ? ? ? ? ? HKL-2000 ? ? ? .        3 
? phasing          ? ? ? ? ? ? ? ? ? ? ? PHASER   ? ? ? .        4 
# 
_cell.angle_alpha                  90.00 
_cell.angle_alpha_esd              ? 
_cell.angle_beta                   90.00 
_cell.angle_beta_esd               ? 
_cell.angle_gamma                  90.00 
_cell.angle_gamma_esd              ? 
_cell.entry_id                     5JW2 
_cell.details                      ? 
_cell.formula_units_Z              ? 
_cell.length_a                     49.380 
_cell.length_a_esd                 ? 
_cell.length_b                     49.380 
_cell.length_b_esd                 ? 
_cell.length_c                     128.295 
_cell.length_c_esd                 ? 
_cell.volume                       ? 
_cell.volume_esd                   ? 
_cell.Z_PDB                        16 
_cell.reciprocal_angle_alpha       ? 
_cell.reciprocal_angle_beta        ? 
_cell.reciprocal_angle_gamma       ? 
_cell.reciprocal_angle_alpha_esd   ? 
_cell.reciprocal_angle_beta_esd    ? 
_cell.reciprocal_angle_gamma_esd   ? 
_cell.reciprocal_length_a          ? 
_cell.reciprocal_length_b          ? 
_cell.reciprocal_length_c          ? 
_cell.reciprocal_length_a_esd      ? 
_cell.reciprocal_length_b_esd      ? 
_cell.reciprocal_length_c_esd      ? 
_cell.pdbx_unique_axis             ? 
# 
_symmetry.entry_id                         5JW2 
_symmetry.cell_setting                     ? 
_symmetry.Int_Tables_number                96 
_symmetry.space_group_name_Hall            ? 
_symmetry.space_group_name_H-M             'P 43 21 2' 
_symmetry.pdbx_full_space_group_name_H-M   ? 
# 
_exptl.absorpt_coefficient_mu     ? 
_exptl.absorpt_correction_T_max   ? 
_exptl.absorpt_correction_T_min   ? 
_exptl.absorpt_correction_type    ? 
_exptl.absorpt_process_details    ? 
_exptl.entry_id                   5JW2 
_exptl.crystals_number            1 
_exptl.details                    ? 
_exptl.method                     'X-RAY DIFFRACTION' 
_exptl.method_details             ? 
# 
_exptl_crystal.colour                      ? 
_exptl_crystal.density_diffrn              ? 
_exptl_crystal.density_Matthews            6.42 
_exptl_crystal.density_method              ? 
_exptl_crystal.density_percent_sol         80.84 
_exptl_crystal.description                 ? 
_exptl_crystal.F_000                       ? 
_exptl_crystal.id                          1 
_exptl_crystal.preparation                 ? 
_exptl_crystal.size_max                    ? 
_exptl_crystal.size_mid                    ? 
_exptl_crystal.size_min                    ? 
_exptl_crystal.size_rad                    ? 
_exptl_crystal.colour_lustre               ? 
_exptl_crystal.colour_modifier             ? 
_exptl_crystal.colour_primary              ? 
_exptl_crystal.density_meas                ? 
_exptl_crystal.density_meas_esd            ? 
_exptl_crystal.density_meas_gt             ? 
_exptl_crystal.density_meas_lt             ? 
_exptl_crystal.density_meas_temp           ? 
_exptl_crystal.density_meas_temp_esd       ? 
_exptl_crystal.density_meas_temp_gt        ? 
_exptl_crystal.density_meas_temp_lt        ? 
_exptl_crystal.pdbx_crystal_image_url      ? 
_exptl_crystal.pdbx_crystal_image_format   ? 
_exptl_crystal.pdbx_mosaicity              ? 
_exptl_crystal.pdbx_mosaicity_esd          ? 
# 
_exptl_crystal_grow.apparatus       ? 
_exptl_crystal_grow.atmosphere      ? 
_exptl_crystal_grow.crystal_id      1 
_exptl_crystal_grow.details         ? 
_exptl_crystal_grow.method          'VAPOR DIFFUSION, HANGING DROP' 
_exptl_crystal_grow.method_ref      ? 
_exptl_crystal_grow.pH              6.0 
_exptl_crystal_grow.pressure        ? 
_exptl_crystal_grow.pressure_esd    ? 
_exptl_crystal_grow.seeding         ? 
_exptl_crystal_grow.seeding_ref     ? 
_exptl_crystal_grow.temp            294 
_exptl_crystal_grow.temp_details    ? 
_exptl_crystal_grow.temp_esd        ? 
_exptl_crystal_grow.time            ? 
_exptl_crystal_grow.pdbx_details    'Incubated against 35% v/v 2-methyl-2,4-pentanediol' 
_exptl_crystal_grow.pdbx_pH_range   ? 
# 
_diffrn.ambient_environment    ? 
_diffrn.ambient_temp           100 
_diffrn.ambient_temp_details   ? 
_diffrn.ambient_temp_esd       ? 
_diffrn.crystal_id             1 
_diffrn.crystal_support        ? 
_diffrn.crystal_treatment      ? 
_diffrn.details                ? 
_diffrn.id                     1 
_diffrn.ambient_pressure       ? 
_diffrn.ambient_pressure_esd   ? 
_diffrn.ambient_pressure_gt    ? 
_diffrn.ambient_pressure_lt    ? 
_diffrn.ambient_temp_gt        ? 
_diffrn.ambient_temp_lt        ? 
# 
_diffrn_detector.details                      ? 
_diffrn_detector.detector                     CCD 
_diffrn_detector.diffrn_id                    1 
_diffrn_detector.type                         'MARMOSAIC 300 mm CCD' 
_diffrn_detector.area_resol_mean              ? 
_diffrn_detector.dtime                        ? 
_diffrn_detector.pdbx_frames_total            ? 
_diffrn_detector.pdbx_collection_time_total   ? 
_diffrn_detector.pdbx_collection_date         2014-05-29 
# 
_diffrn_radiation.collimation                      ? 
_diffrn_radiation.diffrn_id                        1 
_diffrn_radiation.filter_edge                      ? 
_diffrn_radiation.inhomogeneity                    ? 
_diffrn_radiation.monochromator                    ? 
_diffrn_radiation.polarisn_norm                    ? 
_diffrn_radiation.polarisn_ratio                   ? 
_diffrn_radiation.probe                            ? 
_diffrn_radiation.type                             ? 
_diffrn_radiation.xray_symbol                      ? 
_diffrn_radiation.wavelength_id                    1 
_diffrn_radiation.pdbx_monochromatic_or_laue_m_l   M 
_diffrn_radiation.pdbx_wavelength_list             ? 
_diffrn_radiation.pdbx_wavelength                  ? 
_diffrn_radiation.pdbx_diffrn_protocol             'SINGLE WAVELENGTH' 
_diffrn_radiation.pdbx_analyzer                    ? 
_diffrn_radiation.pdbx_scattering_type             x-ray 
# 
_diffrn_radiation_wavelength.id           1 
_diffrn_radiation_wavelength.wavelength   0.98 
_diffrn_radiation_wavelength.wt           1.0 
# 
_diffrn_source.current                     ? 
_diffrn_source.details                     ? 
_diffrn_source.diffrn_id                   1 
_diffrn_source.power                       ? 
_diffrn_source.size                        ? 
_diffrn_source.source                      SYNCHROTRON 
_diffrn_source.target                      ? 
_diffrn_source.type                        'APS BEAMLINE 21-ID-D' 
_diffrn_source.voltage                     ? 
_diffrn_source.take-off_angle              ? 
_diffrn_source.pdbx_wavelength_list        0.98 
_diffrn_source.pdbx_wavelength             ? 
_diffrn_source.pdbx_synchrotron_beamline   21-ID-D 
_diffrn_source.pdbx_synchrotron_site       APS 
# 
_reflns.B_iso_Wilson_estimate            ? 
_reflns.entry_id                         5JW2 
_reflns.data_reduction_details           ? 
_reflns.data_reduction_method            ? 
_reflns.d_resolution_high                3.1 
_reflns.d_resolution_low                 50.0 
_reflns.details                          ? 
_reflns.limit_h_max                      ? 
_reflns.limit_h_min                      ? 
_reflns.limit_k_max                      ? 
_reflns.limit_k_min                      ? 
_reflns.limit_l_max                      ? 
_reflns.limit_l_min                      ? 
_reflns.number_all                       ? 
_reflns.number_obs                       3055 
_reflns.observed_criterion               ? 
_reflns.observed_criterion_F_max         ? 
_reflns.observed_criterion_F_min         ? 
_reflns.observed_criterion_I_max         ? 
_reflns.observed_criterion_I_min         ? 
_reflns.observed_criterion_sigma_F       ? 
_reflns.observed_criterion_sigma_I       ? 
_reflns.percent_possible_obs             99.6 
_reflns.R_free_details                   ? 
_reflns.Rmerge_F_all                     ? 
_reflns.Rmerge_F_obs                     ? 
_reflns.Friedel_coverage                 ? 
_reflns.number_gt                        ? 
_reflns.threshold_expression             ? 
_reflns.pdbx_redundancy                  14.6 
_reflns.pdbx_Rmerge_I_obs                0.13 
_reflns.pdbx_Rmerge_I_all                ? 
_reflns.pdbx_Rsym_value                  ? 
_reflns.pdbx_netI_over_av_sigmaI         ? 
_reflns.pdbx_netI_over_sigmaI            25.9 
_reflns.pdbx_res_netI_over_av_sigmaI_2   ? 
_reflns.pdbx_res_netI_over_sigmaI_2      ? 
_reflns.pdbx_chi_squared                 ? 
_reflns.pdbx_scaling_rejects             ? 
_reflns.pdbx_d_res_high_opt              ? 
_reflns.pdbx_d_res_low_opt               ? 
_reflns.pdbx_d_res_opt_method            ? 
_reflns.phase_calculation_details        ? 
_reflns.pdbx_Rrim_I_all                  ? 
_reflns.pdbx_Rpim_I_all                  ? 
_reflns.pdbx_d_opt                       ? 
_reflns.pdbx_number_measured_all         ? 
_reflns.pdbx_diffrn_id                   1 
_reflns.pdbx_ordinal                     1 
_reflns.pdbx_CC_half                     ? 
_reflns.pdbx_R_split                     ? 
# 
_refine.aniso_B[1][1]                            -2.21 
_refine.aniso_B[1][2]                            0.00 
_refine.aniso_B[1][3]                            0.00 
_refine.aniso_B[2][2]                            -2.21 
_refine.aniso_B[2][3]                            0.00 
_refine.aniso_B[3][3]                            4.42 
_refine.B_iso_max                                ? 
_refine.B_iso_mean                               12.121 
_refine.B_iso_min                                ? 
_refine.correlation_coeff_Fo_to_Fc               0.814 
_refine.correlation_coeff_Fo_to_Fc_free          0.889 
_refine.details                                  'HYDROGENS HAVE BEEN ADDED IN THE RIDING POSITIONS' 
_refine.diff_density_max                         ? 
_refine.diff_density_max_esd                     ? 
_refine.diff_density_min                         ? 
_refine.diff_density_min_esd                     ? 
_refine.diff_density_rms                         ? 
_refine.diff_density_rms_esd                     ? 
_refine.entry_id                                 5JW2 
_refine.pdbx_refine_id                           'X-RAY DIFFRACTION' 
_refine.ls_abs_structure_details                 ? 
_refine.ls_abs_structure_Flack                   ? 
_refine.ls_abs_structure_Flack_esd               ? 
_refine.ls_abs_structure_Rogers                  ? 
_refine.ls_abs_structure_Rogers_esd              ? 
_refine.ls_d_res_high                            3.10 
_refine.ls_d_res_low                             30.00 
_refine.ls_extinction_coef                       ? 
_refine.ls_extinction_coef_esd                   ? 
_refine.ls_extinction_expression                 ? 
_refine.ls_extinction_method                     ? 
_refine.ls_goodness_of_fit_all                   ? 
_refine.ls_goodness_of_fit_all_esd               ? 
_refine.ls_goodness_of_fit_obs                   ? 
_refine.ls_goodness_of_fit_obs_esd               ? 
_refine.ls_hydrogen_treatment                    ? 
_refine.ls_matrix_type                           ? 
_refine.ls_number_constraints                    ? 
_refine.ls_number_parameters                     ? 
_refine.ls_number_reflns_all                     ? 
_refine.ls_number_reflns_obs                     3055 
_refine.ls_number_reflns_R_free                  156 
_refine.ls_number_reflns_R_work                  ? 
_refine.ls_number_restraints                     ? 
_refine.ls_percent_reflns_obs                    99.63 
_refine.ls_percent_reflns_R_free                 4.9 
_refine.ls_R_factor_all                          ? 
_refine.ls_R_factor_obs                          0.27973 
_refine.ls_R_factor_R_free                       0.28824 
_refine.ls_R_factor_R_free_error                 ? 
_refine.ls_R_factor_R_free_error_details         ? 
_refine.ls_R_factor_R_work                       0.27932 
_refine.ls_R_Fsqd_factor_obs                     ? 
_refine.ls_R_I_factor_obs                        ? 
_refine.ls_redundancy_reflns_all                 ? 
_refine.ls_redundancy_reflns_obs                 ? 
_refine.ls_restrained_S_all                      ? 
_refine.ls_restrained_S_obs                      ? 
_refine.ls_shift_over_esd_max                    ? 
_refine.ls_shift_over_esd_mean                   ? 
_refine.ls_structure_factor_coef                 ? 
_refine.ls_weighting_details                     ? 
_refine.ls_weighting_scheme                      ? 
_refine.ls_wR_factor_all                         ? 
_refine.ls_wR_factor_obs                         ? 
_refine.ls_wR_factor_R_free                      ? 
_refine.ls_wR_factor_R_work                      ? 
_refine.occupancy_max                            ? 
_refine.occupancy_min                            ? 
_refine.solvent_model_details                    ? 
_refine.solvent_model_param_bsol                 ? 
_refine.solvent_model_param_ksol                 ? 
_refine.ls_R_factor_gt                           ? 
_refine.ls_goodness_of_fit_gt                    ? 
_refine.ls_goodness_of_fit_ref                   ? 
_refine.ls_shift_over_su_max                     ? 
_refine.ls_shift_over_su_max_lt                  ? 
_refine.ls_shift_over_su_mean                    ? 
_refine.ls_shift_over_su_mean_lt                 ? 
_refine.pdbx_ls_sigma_I                          ? 
_refine.pdbx_ls_sigma_F                          ? 
_refine.pdbx_ls_sigma_Fsqd                       ? 
_refine.pdbx_data_cutoff_high_absF               ? 
_refine.pdbx_data_cutoff_high_rms_absF           ? 
_refine.pdbx_data_cutoff_low_absF                ? 
_refine.pdbx_isotropic_thermal_model             ? 
_refine.pdbx_ls_cross_valid_method               THROUGHOUT 
_refine.pdbx_method_to_determine_struct          SAD 
_refine.pdbx_starting_model                      ? 
_refine.pdbx_stereochemistry_target_values       ? 
_refine.pdbx_R_Free_selection_details            RANDOM 
_refine.pdbx_stereochem_target_val_spec_case     ? 
_refine.pdbx_overall_ESU_R                       ? 
_refine.pdbx_overall_ESU_R_Free                  0.455 
_refine.pdbx_solvent_vdw_probe_radii             1.20 
_refine.pdbx_solvent_ion_probe_radii             0.80 
_refine.pdbx_solvent_shrinkage_radii             0.80 
_refine.pdbx_real_space_R                        ? 
_refine.pdbx_density_correlation                 ? 
_refine.pdbx_pd_number_of_powder_patterns        ? 
_refine.pdbx_pd_number_of_points                 ? 
_refine.pdbx_pd_meas_number_of_points            ? 
_refine.pdbx_pd_proc_ls_prof_R_factor            ? 
_refine.pdbx_pd_proc_ls_prof_wR_factor           ? 
_refine.pdbx_pd_Marquardt_correlation_coeff      ? 
_refine.pdbx_pd_Fsqrd_R_factor                   ? 
_refine.pdbx_pd_ls_matrix_band_width             ? 
_refine.pdbx_overall_phase_error                 ? 
_refine.pdbx_overall_SU_R_free_Cruickshank_DPI   ? 
_refine.pdbx_overall_SU_R_free_Blow_DPI          ? 
_refine.pdbx_overall_SU_R_Blow_DPI               ? 
_refine.pdbx_TLS_residual_ADP_flag               ? 
_refine.pdbx_diffrn_id                           1 
_refine.overall_SU_B                             21.357 
_refine.overall_SU_ML                            0.344 
_refine.overall_SU_R_Cruickshank_DPI             ? 
_refine.overall_SU_R_free                        ? 
_refine.overall_FOM_free_R_set                   ? 
_refine.overall_FOM_work_R_set                   ? 
_refine.pdbx_average_fsc_overall                 ? 
_refine.pdbx_average_fsc_work                    ? 
_refine.pdbx_average_fsc_free                    ? 
# 
_refine_hist.pdbx_refine_id                   'X-RAY DIFFRACTION' 
_refine_hist.cycle_id                         LAST 
_refine_hist.pdbx_number_atoms_protein        0 
_refine_hist.pdbx_number_atoms_nucleic_acid   404 
_refine_hist.pdbx_number_atoms_ligand         341 
_refine_hist.number_atoms_solvent             20 
_refine_hist.number_atoms_total               765 
_refine_hist.d_res_high                       3.10 
_refine_hist.d_res_low                        30.00 
# 
loop_
_refine_ls_restr.pdbx_refine_id 
_refine_ls_restr.criterion 
_refine_ls_restr.dev_ideal 
_refine_ls_restr.dev_ideal_target 
_refine_ls_restr.number 
_refine_ls_restr.rejects 
_refine_ls_restr.type 
_refine_ls_restr.weight 
_refine_ls_restr.pdbx_restraint_function 
'X-RAY DIFFRACTION' ? 0.009 0.015  845  ? r_bond_refined_d             ? ? 
'X-RAY DIFFRACTION' ? 0.005 0.020  546  ? r_bond_other_d               ? ? 
'X-RAY DIFFRACTION' ? 1.969 1.978  1246 ? r_angle_refined_deg          ? ? 
'X-RAY DIFFRACTION' ? 1.394 3.000  1248 ? r_angle_other_deg            ? ? 
'X-RAY DIFFRACTION' ? ?     ?      ?    ? r_dihedral_angle_1_deg       ? ? 
'X-RAY DIFFRACTION' ? ?     ?      ?    ? r_dihedral_angle_2_deg       ? ? 
'X-RAY DIFFRACTION' ? ?     ?      ?    ? r_dihedral_angle_3_deg       ? ? 
'X-RAY DIFFRACTION' ? ?     ?      ?    ? r_dihedral_angle_4_deg       ? ? 
'X-RAY DIFFRACTION' ? 0.063 0.200  152  ? r_chiral_restr               ? ? 
'X-RAY DIFFRACTION' ? 0.007 0.020  390  ? r_gen_planes_refined         ? ? 
'X-RAY DIFFRACTION' ? 0.004 0.020  136  ? r_gen_planes_other           ? ? 
'X-RAY DIFFRACTION' ? ?     ?      ?    ? r_nbd_refined                ? ? 
'X-RAY DIFFRACTION' ? ?     ?      ?    ? r_nbd_other                  ? ? 
'X-RAY DIFFRACTION' ? ?     ?      ?    ? r_nbtor_refined              ? ? 
'X-RAY DIFFRACTION' ? ?     ?      ?    ? r_nbtor_other                ? ? 
'X-RAY DIFFRACTION' ? ?     ?      ?    ? r_xyhbond_nbd_refined        ? ? 
'X-RAY DIFFRACTION' ? ?     ?      ?    ? r_xyhbond_nbd_other          ? ? 
'X-RAY DIFFRACTION' ? ?     ?      ?    ? r_metal_ion_refined          ? ? 
'X-RAY DIFFRACTION' ? ?     ?      ?    ? r_metal_ion_other            ? ? 
'X-RAY DIFFRACTION' ? ?     ?      ?    ? r_symmetry_vdw_refined       ? ? 
'X-RAY DIFFRACTION' ? ?     ?      ?    ? r_symmetry_vdw_other         ? ? 
'X-RAY DIFFRACTION' ? ?     ?      ?    ? r_symmetry_hbond_refined     ? ? 
'X-RAY DIFFRACTION' ? ?     ?      ?    ? r_symmetry_hbond_other       ? ? 
'X-RAY DIFFRACTION' ? ?     ?      ?    ? r_symmetry_metal_ion_refined ? ? 
'X-RAY DIFFRACTION' ? ?     ?      ?    ? r_symmetry_metal_ion_other   ? ? 
'X-RAY DIFFRACTION' ? ?     ?      ?    ? r_mcbond_it                  ? ? 
'X-RAY DIFFRACTION' ? 0.199 1.707  1    ? r_mcbond_other               ? ? 
'X-RAY DIFFRACTION' ? ?     ?      ?    ? r_mcangle_it                 ? ? 
'X-RAY DIFFRACTION' ? ?     ?      ?    ? r_mcangle_other              ? ? 
'X-RAY DIFFRACTION' ? 0.530 1.230  845  ? r_scbond_it                  ? ? 
'X-RAY DIFFRACTION' ? 0.529 1.229  846  ? r_scbond_other               ? ? 
'X-RAY DIFFRACTION' ? ?     ?      ?    ? r_scangle_it                 ? ? 
'X-RAY DIFFRACTION' ? 0.901 1.838  1247 ? r_scangle_other              ? ? 
'X-RAY DIFFRACTION' ? 2.146 12.771 1179 ? r_long_range_B_refined       ? ? 
'X-RAY DIFFRACTION' ? 2.145 12.765 1180 ? r_long_range_B_other         ? ? 
'X-RAY DIFFRACTION' ? ?     ?      ?    ? r_rigid_bond_restr           ? ? 
'X-RAY DIFFRACTION' ? ?     ?      ?    ? r_sphericity_free            ? ? 
'X-RAY DIFFRACTION' ? ?     ?      ?    ? r_sphericity_bonded          ? ? 
# 
_refine_ls_shell.pdbx_refine_id                   'X-RAY DIFFRACTION' 
_refine_ls_shell.d_res_high                       3.100 
_refine_ls_shell.d_res_low                        3.180 
_refine_ls_shell.number_reflns_all                ? 
_refine_ls_shell.number_reflns_obs                ? 
_refine_ls_shell.number_reflns_R_free             8 
_refine_ls_shell.number_reflns_R_work             219 
_refine_ls_shell.percent_reflns_obs               100.00 
_refine_ls_shell.percent_reflns_R_free            ? 
_refine_ls_shell.R_factor_all                     ? 
_refine_ls_shell.R_factor_obs                     ? 
_refine_ls_shell.R_factor_R_free                  0.399 
_refine_ls_shell.R_factor_R_free_error            ? 
_refine_ls_shell.R_factor_R_work                  0.410 
_refine_ls_shell.redundancy_reflns_all            ? 
_refine_ls_shell.redundancy_reflns_obs            ? 
_refine_ls_shell.wR_factor_all                    ? 
_refine_ls_shell.wR_factor_obs                    ? 
_refine_ls_shell.wR_factor_R_free                 ? 
_refine_ls_shell.wR_factor_R_work                 ? 
_refine_ls_shell.pdbx_total_number_of_bins_used   20 
_refine_ls_shell.pdbx_phase_error                 ? 
_refine_ls_shell.pdbx_fsc_work                    ? 
_refine_ls_shell.pdbx_fsc_free                    ? 
# 
_struct.entry_id                     5JW2 
_struct.title                        'Crystal structure of mithramycin analogue MTM SA-Phe in complex with a 10-mer DNA AGGGATCCCT' 
_struct.pdbx_model_details           ? 
_struct.pdbx_formula_weight          ? 
_struct.pdbx_formula_weight_method   ? 
_struct.pdbx_model_type_details      ? 
_struct.pdbx_CASP_flag               N 
# 
_struct_keywords.entry_id        5JW2 
_struct_keywords.text            
'anti-cancer agent, DNA binding, natural product, transcription factor, Ewing sarcoma, DNA-antibiotic complex' 
_struct_keywords.pdbx_keywords   DNA/antibiotic 
# 
loop_
_struct_asym.id 
_struct_asym.pdbx_blank_PDB_chainid_flag 
_struct_asym.pdbx_modified 
_struct_asym.entity_id 
_struct_asym.details 
A N N 1 ? 
B N N 1 ? 
C N N 2 ? 
D N N 2 ? 
E N N 2 ? 
F N N 3 ? 
G N N 3 ? 
H N N 3 ? 
I N N 2 ? 
J N N 3 ? 
K N N 3 ? 
L N N 4 ? 
M N N 4 ? 
# 
_struct_ref.id                         1 
_struct_ref.db_name                    PDB 
_struct_ref.db_code                    5JW2 
_struct_ref.pdbx_db_accession          5JW2 
_struct_ref.pdbx_db_isoform            ? 
_struct_ref.entity_id                  1 
_struct_ref.pdbx_seq_one_letter_code   ? 
_struct_ref.pdbx_align_begin           1 
# 
loop_
_struct_ref_seq.align_id 
_struct_ref_seq.ref_id 
_struct_ref_seq.pdbx_PDB_id_code 
_struct_ref_seq.pdbx_strand_id 
_struct_ref_seq.seq_align_beg 
_struct_ref_seq.pdbx_seq_align_beg_ins_code 
_struct_ref_seq.seq_align_end 
_struct_ref_seq.pdbx_seq_align_end_ins_code 
_struct_ref_seq.pdbx_db_accession 
_struct_ref_seq.db_align_beg 
_struct_ref_seq.pdbx_db_align_beg_ins_code 
_struct_ref_seq.db_align_end 
_struct_ref_seq.pdbx_db_align_end_ins_code 
_struct_ref_seq.pdbx_auth_seq_align_beg 
_struct_ref_seq.pdbx_auth_seq_align_end 
1 1 5JW2 A 1 ? 10 ? 5JW2 4  ? 13 ? 4  13 
2 1 5JW2 B 1 ? 10 ? 5JW2 -2 ? 7  ? -2 7  
# 
_pdbx_struct_assembly.id                   1 
_pdbx_struct_assembly.details              author_and_software_defined_assembly 
_pdbx_struct_assembly.method_details       PISA 
_pdbx_struct_assembly.oligomeric_details   dimeric 
_pdbx_struct_assembly.oligomeric_count     2 
# 
loop_
_pdbx_struct_assembly_prop.biol_id 
_pdbx_struct_assembly_prop.type 
_pdbx_struct_assembly_prop.value 
_pdbx_struct_assembly_prop.details 
1 'ABSA (A^2)' 2660 ? 
1 MORE         -160 ? 
1 'SSA (A^2)'  5840 ? 
# 
_pdbx_struct_assembly_gen.assembly_id       1 
_pdbx_struct_assembly_gen.oper_expression   1 
_pdbx_struct_assembly_gen.asym_id_list      A,B,C,D,E,F,G,H,I,J,K,L,M 
# 
_pdbx_struct_oper_list.id                   1 
_pdbx_struct_oper_list.type                 'identity operation' 
_pdbx_struct_oper_list.name                 1_555 
_pdbx_struct_oper_list.symmetry_operation   x,y,z 
_pdbx_struct_oper_list.matrix[1][1]         1.0000000000 
_pdbx_struct_oper_list.matrix[1][2]         0.0000000000 
_pdbx_struct_oper_list.matrix[1][3]         0.0000000000 
_pdbx_struct_oper_list.vector[1]            0.0000000000 
_pdbx_struct_oper_list.matrix[2][1]         0.0000000000 
_pdbx_struct_oper_list.matrix[2][2]         1.0000000000 
_pdbx_struct_oper_list.matrix[2][3]         0.0000000000 
_pdbx_struct_oper_list.vector[2]            0.0000000000 
_pdbx_struct_oper_list.matrix[3][1]         0.0000000000 
_pdbx_struct_oper_list.matrix[3][2]         0.0000000000 
_pdbx_struct_oper_list.matrix[3][3]         1.0000000000 
_pdbx_struct_oper_list.vector[3]            0.0000000000 
# 
_struct_biol.id        1 
_struct_biol.details   '1 complex of two MTM SA-Phe dimers bound to one double-stranded DNA oligomer' 
# 
loop_
_struct_conn.id 
_struct_conn.conn_type_id 
_struct_conn.pdbx_leaving_atom_flag 
_struct_conn.pdbx_PDB_id 
_struct_conn.ptnr1_label_asym_id 
_struct_conn.ptnr1_label_comp_id 
_struct_conn.ptnr1_label_seq_id 
_struct_conn.ptnr1_label_atom_id 
_struct_conn.pdbx_ptnr1_label_alt_id 
_struct_conn.pdbx_ptnr1_PDB_ins_code 
_struct_conn.pdbx_ptnr1_standard_comp_id 
_struct_conn.ptnr1_symmetry 
_struct_conn.ptnr2_label_asym_id 
_struct_conn.ptnr2_label_comp_id 
_struct_conn.ptnr2_label_seq_id 
_struct_conn.ptnr2_label_atom_id 
_struct_conn.pdbx_ptnr2_label_alt_id 
_struct_conn.pdbx_ptnr2_PDB_ins_code 
_struct_conn.ptnr1_auth_asym_id 
_struct_conn.ptnr1_auth_comp_id 
_struct_conn.ptnr1_auth_seq_id 
_struct_conn.ptnr2_auth_asym_id 
_struct_conn.ptnr2_auth_comp_id 
_struct_conn.ptnr2_auth_seq_id 
_struct_conn.ptnr2_symmetry 
_struct_conn.pdbx_ptnr3_label_atom_id 
_struct_conn.pdbx_ptnr3_label_seq_id 
_struct_conn.pdbx_ptnr3_label_comp_id 
_struct_conn.pdbx_ptnr3_label_asym_id 
_struct_conn.pdbx_ptnr3_label_alt_id 
_struct_conn.pdbx_ptnr3_PDB_ins_code 
_struct_conn.details 
_struct_conn.pdbx_dist_value 
_struct_conn.pdbx_value_order 
_struct_conn.pdbx_role 
metalc1  metalc ? ? A DG  2  N7  ? ? ? 1_555 H ZN  .  ZN ? ? A DG  5   A ZN  106 1_555 ? ? ? ? ? ? ?            2.067 ? ? 
metalc2  metalc ? ? A DG  3  N7  ? ? ? 1_555 G ZN  .  ZN ? ? A DG  6   A ZN  105 1_555 ? ? ? ? ? ? ?            2.088 ? ? 
metalc3  metalc ? ? C 6O7 .  O14 ? ? ? 1_555 F ZN  .  ZN ? ? A 6O7 101 A ZN  104 1_555 ? ? ? ? ? ? ?            1.972 ? ? 
metalc4  metalc ? ? C 6O7 .  O15 ? ? ? 1_555 F ZN  .  ZN ? ? A 6O7 101 A ZN  104 1_555 ? ? ? ? ? ? ?            1.950 ? ? 
metalc5  metalc ? ? D 6O7 .  O14 ? ? ? 1_555 F ZN  .  ZN ? ? A 6O7 102 A ZN  104 1_555 ? ? ? ? ? ? ?            1.960 ? ? 
metalc6  metalc ? ? D 6O7 .  O15 ? ? ? 1_555 F ZN  .  ZN ? ? A 6O7 102 A ZN  104 1_555 ? ? ? ? ? ? ?            1.938 ? ? 
metalc7  metalc ? ? E 6O7 .  O14 ? ? ? 1_555 J ZN  .  ZN ? ? A 6O7 103 B ZN  102 1_555 ? ? ? ? ? ? ?            2.005 ? ? 
metalc8  metalc ? ? E 6O7 .  O15 ? ? ? 1_555 J ZN  .  ZN ? ? A 6O7 103 B ZN  102 1_555 ? ? ? ? ? ? ?            1.964 ? ? 
metalc9  metalc ? ? F ZN  .  ZN  ? ? ? 1_555 L HOH .  O  ? ? A ZN  104 A HOH 201 1_555 ? ? ? ? ? ? ?            1.975 ? ? 
metalc10 metalc ? ? F ZN  .  ZN  ? ? ? 1_555 L HOH .  O  ? ? A ZN  104 A HOH 202 1_555 ? ? ? ? ? ? ?            1.972 ? ? 
metalc11 metalc ? ? G ZN  .  ZN  ? ? ? 1_555 L HOH .  O  ? ? A ZN  105 A HOH 203 1_555 ? ? ? ? ? ? ?            2.004 ? ? 
metalc12 metalc ? ? G ZN  .  ZN  ? ? ? 1_555 L HOH .  O  ? ? A ZN  105 A HOH 204 1_555 ? ? ? ? ? ? ?            1.999 ? ? 
metalc13 metalc ? ? G ZN  .  ZN  ? ? ? 1_555 L HOH .  O  ? ? A ZN  105 A HOH 205 1_555 ? ? ? ? ? ? ?            2.013 ? ? 
metalc14 metalc ? ? G ZN  .  ZN  ? ? ? 1_555 L HOH .  O  ? ? A ZN  105 A HOH 209 1_555 ? ? ? ? ? ? ?            2.004 ? ? 
metalc15 metalc ? ? H ZN  .  ZN  ? ? ? 1_555 L HOH .  O  ? ? A ZN  106 A HOH 206 1_555 ? ? ? ? ? ? ?            1.992 ? ? 
metalc16 metalc ? ? H ZN  .  ZN  ? ? ? 1_555 L HOH .  O  ? ? A ZN  106 A HOH 208 1_555 ? ? ? ? ? ? ?            1.991 ? ? 
metalc17 metalc ? ? B DG  3  N7  ? ? ? 1_555 K ZN  .  ZN ? ? B DG  0   B ZN  103 1_555 ? ? ? ? ? ? ?            2.051 ? ? 
metalc18 metalc ? ? I 6O7 .  O14 ? ? ? 1_555 J ZN  .  ZN ? ? B 6O7 101 B ZN  102 1_555 ? ? ? ? ? ? ?            1.948 ? ? 
metalc19 metalc ? ? I 6O7 .  O15 ? ? ? 1_555 J ZN  .  ZN ? ? B 6O7 101 B ZN  102 1_555 ? ? ? ? ? ? ?            1.924 ? ? 
metalc20 metalc ? ? J ZN  .  ZN  ? ? ? 1_555 M HOH .  O  ? ? B ZN  102 B HOH 201 1_555 ? ? ? ? ? ? ?            1.992 ? ? 
metalc21 metalc ? ? J ZN  .  ZN  ? ? ? 1_555 M HOH .  O  ? ? B ZN  102 B HOH 202 1_555 ? ? ? ? ? ? ?            1.977 ? ? 
metalc22 metalc ? ? K ZN  .  ZN  ? ? ? 1_555 M HOH .  O  ? ? B ZN  103 B HOH 203 1_555 ? ? ? ? ? ? ?            2.001 ? ? 
metalc23 metalc ? ? K ZN  .  ZN  ? ? ? 1_555 M HOH .  O  ? ? B ZN  103 B HOH 204 1_555 ? ? ? ? ? ? ?            2.000 ? ? 
metalc24 metalc ? ? K ZN  .  ZN  ? ? ? 1_555 M HOH .  O  ? ? B ZN  103 B HOH 207 1_555 ? ? ? ? ? ? ?            2.003 ? ? 
metalc25 metalc ? ? K ZN  .  ZN  ? ? ? 1_555 M HOH .  O  ? ? B ZN  103 B HOH 210 1_555 ? ? ? ? ? ? ?            1.999 ? ? 
hydrog1  hydrog ? ? A DA  1  N1  ? ? ? 1_555 B DT  10 N3 ? ? A DA  4   B DT  7   1_555 ? ? ? ? ? ? WATSON-CRICK ?     ? ? 
hydrog2  hydrog ? ? A DA  1  N6  ? ? ? 1_555 B DT  10 O4 ? ? A DA  4   B DT  7   1_555 ? ? ? ? ? ? WATSON-CRICK ?     ? ? 
hydrog3  hydrog ? ? A DG  2  N1  ? ? ? 1_555 B DC  9  N3 ? ? A DG  5   B DC  6   1_555 ? ? ? ? ? ? WATSON-CRICK ?     ? ? 
hydrog4  hydrog ? ? A DG  2  N2  ? ? ? 1_555 B DC  9  O2 ? ? A DG  5   B DC  6   1_555 ? ? ? ? ? ? WATSON-CRICK ?     ? ? 
hydrog5  hydrog ? ? A DG  2  O6  ? ? ? 1_555 B DC  9  N4 ? ? A DG  5   B DC  6   1_555 ? ? ? ? ? ? WATSON-CRICK ?     ? ? 
hydrog6  hydrog ? ? A DG  3  N1  ? ? ? 1_555 B DC  8  N3 ? ? A DG  6   B DC  5   1_555 ? ? ? ? ? ? WATSON-CRICK ?     ? ? 
hydrog7  hydrog ? ? A DG  3  N2  ? ? ? 1_555 B DC  8  O2 ? ? A DG  6   B DC  5   1_555 ? ? ? ? ? ? WATSON-CRICK ?     ? ? 
hydrog8  hydrog ? ? A DG  3  O6  ? ? ? 1_555 B DC  8  N4 ? ? A DG  6   B DC  5   1_555 ? ? ? ? ? ? WATSON-CRICK ?     ? ? 
hydrog9  hydrog ? ? A DG  4  N1  ? ? ? 1_555 B DC  7  N3 ? ? A DG  7   B DC  4   1_555 ? ? ? ? ? ? WATSON-CRICK ?     ? ? 
hydrog10 hydrog ? ? A DG  4  N2  ? ? ? 1_555 B DC  7  O2 ? ? A DG  7   B DC  4   1_555 ? ? ? ? ? ? WATSON-CRICK ?     ? ? 
hydrog11 hydrog ? ? A DG  4  O6  ? ? ? 1_555 B DC  7  N4 ? ? A DG  7   B DC  4   1_555 ? ? ? ? ? ? WATSON-CRICK ?     ? ? 
hydrog12 hydrog ? ? A DA  5  N1  ? ? ? 1_555 B DT  6  N3 ? ? A DA  8   B DT  3   1_555 ? ? ? ? ? ? WATSON-CRICK ?     ? ? 
hydrog13 hydrog ? ? A DA  5  N6  ? ? ? 1_555 B DT  6  O4 ? ? A DA  8   B DT  3   1_555 ? ? ? ? ? ? WATSON-CRICK ?     ? ? 
hydrog14 hydrog ? ? A DT  6  N3  ? ? ? 1_555 B DA  5  N1 ? ? A DT  9   B DA  2   1_555 ? ? ? ? ? ? WATSON-CRICK ?     ? ? 
hydrog15 hydrog ? ? A DT  6  O4  ? ? ? 1_555 B DA  5  N6 ? ? A DT  9   B DA  2   1_555 ? ? ? ? ? ? WATSON-CRICK ?     ? ? 
hydrog16 hydrog ? ? A DC  7  N3  ? ? ? 1_555 B DG  4  N1 ? ? A DC  10  B DG  1   1_555 ? ? ? ? ? ? WATSON-CRICK ?     ? ? 
hydrog17 hydrog ? ? A DC  7  N4  ? ? ? 1_555 B DG  4  O6 ? ? A DC  10  B DG  1   1_555 ? ? ? ? ? ? WATSON-CRICK ?     ? ? 
hydrog18 hydrog ? ? A DC  7  O2  ? ? ? 1_555 B DG  4  N2 ? ? A DC  10  B DG  1   1_555 ? ? ? ? ? ? WATSON-CRICK ?     ? ? 
hydrog19 hydrog ? ? A DC  8  N3  ? ? ? 1_555 B DG  3  N1 ? ? A DC  11  B DG  0   1_555 ? ? ? ? ? ? WATSON-CRICK ?     ? ? 
hydrog20 hydrog ? ? A DC  8  N4  ? ? ? 1_555 B DG  3  O6 ? ? A DC  11  B DG  0   1_555 ? ? ? ? ? ? WATSON-CRICK ?     ? ? 
hydrog21 hydrog ? ? A DC  8  O2  ? ? ? 1_555 B DG  3  N2 ? ? A DC  11  B DG  0   1_555 ? ? ? ? ? ? WATSON-CRICK ?     ? ? 
hydrog22 hydrog ? ? A DC  9  N3  ? ? ? 1_555 B DG  2  N1 ? ? A DC  12  B DG  -1  1_555 ? ? ? ? ? ? WATSON-CRICK ?     ? ? 
hydrog23 hydrog ? ? A DC  9  N4  ? ? ? 1_555 B DG  2  O6 ? ? A DC  12  B DG  -1  1_555 ? ? ? ? ? ? WATSON-CRICK ?     ? ? 
hydrog24 hydrog ? ? A DC  9  O2  ? ? ? 1_555 B DG  2  N2 ? ? A DC  12  B DG  -1  1_555 ? ? ? ? ? ? WATSON-CRICK ?     ? ? 
hydrog25 hydrog ? ? A DT  10 N3  ? ? ? 1_555 B DA  1  N1 ? ? A DT  13  B DA  -2  1_555 ? ? ? ? ? ? WATSON-CRICK ?     ? ? 
hydrog26 hydrog ? ? A DT  10 O4  ? ? ? 1_555 B DA  1  N6 ? ? A DT  13  B DA  -2  1_555 ? ? ? ? ? ? WATSON-CRICK ?     ? ? 
# 
loop_
_struct_conn_type.id 
_struct_conn_type.criteria 
_struct_conn_type.reference 
metalc ? ? 
hydrog ? ? 
# 
loop_
_pdbx_struct_conn_angle.id 
_pdbx_struct_conn_angle.ptnr1_label_atom_id 
_pdbx_struct_conn_angle.ptnr1_label_alt_id 
_pdbx_struct_conn_angle.ptnr1_label_asym_id 
_pdbx_struct_conn_angle.ptnr1_label_comp_id 
_pdbx_struct_conn_angle.ptnr1_label_seq_id 
_pdbx_struct_conn_angle.ptnr1_auth_atom_id 
_pdbx_struct_conn_angle.ptnr1_auth_asym_id 
_pdbx_struct_conn_angle.ptnr1_auth_comp_id 
_pdbx_struct_conn_angle.ptnr1_auth_seq_id 
_pdbx_struct_conn_angle.ptnr1_PDB_ins_code 
_pdbx_struct_conn_angle.ptnr1_symmetry 
_pdbx_struct_conn_angle.ptnr2_label_atom_id 
_pdbx_struct_conn_angle.ptnr2_label_alt_id 
_pdbx_struct_conn_angle.ptnr2_label_asym_id 
_pdbx_struct_conn_angle.ptnr2_label_comp_id 
_pdbx_struct_conn_angle.ptnr2_label_seq_id 
_pdbx_struct_conn_angle.ptnr2_auth_atom_id 
_pdbx_struct_conn_angle.ptnr2_auth_asym_id 
_pdbx_struct_conn_angle.ptnr2_auth_comp_id 
_pdbx_struct_conn_angle.ptnr2_auth_seq_id 
_pdbx_struct_conn_angle.ptnr2_PDB_ins_code 
_pdbx_struct_conn_angle.ptnr2_symmetry 
_pdbx_struct_conn_angle.ptnr3_label_atom_id 
_pdbx_struct_conn_angle.ptnr3_label_alt_id 
_pdbx_struct_conn_angle.ptnr3_label_asym_id 
_pdbx_struct_conn_angle.ptnr3_label_comp_id 
_pdbx_struct_conn_angle.ptnr3_label_seq_id 
_pdbx_struct_conn_angle.ptnr3_auth_atom_id 
_pdbx_struct_conn_angle.ptnr3_auth_asym_id 
_pdbx_struct_conn_angle.ptnr3_auth_comp_id 
_pdbx_struct_conn_angle.ptnr3_auth_seq_id 
_pdbx_struct_conn_angle.ptnr3_PDB_ins_code 
_pdbx_struct_conn_angle.ptnr3_symmetry 
_pdbx_struct_conn_angle.value 
_pdbx_struct_conn_angle.value_esd 
1  N7  ? A DG  2 ? A DG  5   ? 1_555 ZN ? H ZN . ? A ZN 106 ? 1_555 O   ? L HOH . ? A HOH 206 ? 1_555 94.4  ? 
2  N7  ? A DG  2 ? A DG  5   ? 1_555 ZN ? H ZN . ? A ZN 106 ? 1_555 O   ? L HOH . ? A HOH 208 ? 1_555 126.8 ? 
3  O   ? L HOH . ? A HOH 206 ? 1_555 ZN ? H ZN . ? A ZN 106 ? 1_555 O   ? L HOH . ? A HOH 208 ? 1_555 117.2 ? 
4  N7  ? A DG  3 ? A DG  6   ? 1_555 ZN ? G ZN . ? A ZN 105 ? 1_555 O   ? L HOH . ? A HOH 203 ? 1_555 87.4  ? 
5  N7  ? A DG  3 ? A DG  6   ? 1_555 ZN ? G ZN . ? A ZN 105 ? 1_555 O   ? L HOH . ? A HOH 204 ? 1_555 82.2  ? 
6  O   ? L HOH . ? A HOH 203 ? 1_555 ZN ? G ZN . ? A ZN 105 ? 1_555 O   ? L HOH . ? A HOH 204 ? 1_555 147.7 ? 
7  N7  ? A DG  3 ? A DG  6   ? 1_555 ZN ? G ZN . ? A ZN 105 ? 1_555 O   ? L HOH . ? A HOH 205 ? 1_555 83.6  ? 
8  O   ? L HOH . ? A HOH 203 ? 1_555 ZN ? G ZN . ? A ZN 105 ? 1_555 O   ? L HOH . ? A HOH 205 ? 1_555 63.2  ? 
9  O   ? L HOH . ? A HOH 204 ? 1_555 ZN ? G ZN . ? A ZN 105 ? 1_555 O   ? L HOH . ? A HOH 205 ? 1_555 85.3  ? 
10 N7  ? A DG  3 ? A DG  6   ? 1_555 ZN ? G ZN . ? A ZN 105 ? 1_555 O   ? L HOH . ? A HOH 209 ? 1_555 155.9 ? 
11 O   ? L HOH . ? A HOH 203 ? 1_555 ZN ? G ZN . ? A ZN 105 ? 1_555 O   ? L HOH . ? A HOH 209 ? 1_555 75.2  ? 
12 O   ? L HOH . ? A HOH 204 ? 1_555 ZN ? G ZN . ? A ZN 105 ? 1_555 O   ? L HOH . ? A HOH 209 ? 1_555 103.6 ? 
13 O   ? L HOH . ? A HOH 205 ? 1_555 ZN ? G ZN . ? A ZN 105 ? 1_555 O   ? L HOH . ? A HOH 209 ? 1_555 73.7  ? 
14 O14 ? C 6O7 . ? A 6O7 101 ? 1_555 ZN ? F ZN . ? A ZN 104 ? 1_555 O15 ? C 6O7 . ? A 6O7 101 ? 1_555 82.7  ? 
15 O14 ? C 6O7 . ? A 6O7 101 ? 1_555 ZN ? F ZN . ? A ZN 104 ? 1_555 O14 ? D 6O7 . ? A 6O7 102 ? 1_555 66.7  ? 
16 O15 ? C 6O7 . ? A 6O7 101 ? 1_555 ZN ? F ZN . ? A ZN 104 ? 1_555 O14 ? D 6O7 . ? A 6O7 102 ? 1_555 107.3 ? 
17 O14 ? C 6O7 . ? A 6O7 101 ? 1_555 ZN ? F ZN . ? A ZN 104 ? 1_555 O15 ? D 6O7 . ? A 6O7 102 ? 1_555 91.0  ? 
18 O15 ? C 6O7 . ? A 6O7 101 ? 1_555 ZN ? F ZN . ? A ZN 104 ? 1_555 O15 ? D 6O7 . ? A 6O7 102 ? 1_555 160.0 ? 
19 O14 ? D 6O7 . ? A 6O7 102 ? 1_555 ZN ? F ZN . ? A ZN 104 ? 1_555 O15 ? D 6O7 . ? A 6O7 102 ? 1_555 87.3  ? 
20 O14 ? C 6O7 . ? A 6O7 101 ? 1_555 ZN ? F ZN . ? A ZN 104 ? 1_555 O   ? L HOH . ? A HOH 201 ? 1_555 171.1 ? 
21 O15 ? C 6O7 . ? A 6O7 101 ? 1_555 ZN ? F ZN . ? A ZN 104 ? 1_555 O   ? L HOH . ? A HOH 201 ? 1_555 88.3  ? 
22 O14 ? D 6O7 . ? A 6O7 102 ? 1_555 ZN ? F ZN . ? A ZN 104 ? 1_555 O   ? L HOH . ? A HOH 201 ? 1_555 116.3 ? 
23 O15 ? D 6O7 . ? A 6O7 102 ? 1_555 ZN ? F ZN . ? A ZN 104 ? 1_555 O   ? L HOH . ? A HOH 201 ? 1_555 97.5  ? 
24 O14 ? C 6O7 . ? A 6O7 101 ? 1_555 ZN ? F ZN . ? A ZN 104 ? 1_555 O   ? L HOH . ? A HOH 202 ? 1_555 81.7  ? 
25 O15 ? C 6O7 . ? A 6O7 101 ? 1_555 ZN ? F ZN . ? A ZN 104 ? 1_555 O   ? L HOH . ? A HOH 202 ? 1_555 84.6  ? 
26 O14 ? D 6O7 . ? A 6O7 102 ? 1_555 ZN ? F ZN . ? A ZN 104 ? 1_555 O   ? L HOH . ? A HOH 202 ? 1_555 143.9 ? 
27 O15 ? D 6O7 . ? A 6O7 102 ? 1_555 ZN ? F ZN . ? A ZN 104 ? 1_555 O   ? L HOH . ? A HOH 202 ? 1_555 75.7  ? 
28 O   ? L HOH . ? A HOH 201 ? 1_555 ZN ? F ZN . ? A ZN 104 ? 1_555 O   ? L HOH . ? A HOH 202 ? 1_555 97.7  ? 
29 O14 ? E 6O7 . ? A 6O7 103 ? 1_555 ZN ? J ZN . ? B ZN 102 ? 1_555 O15 ? E 6O7 . ? A 6O7 103 ? 1_555 80.7  ? 
30 O14 ? E 6O7 . ? A 6O7 103 ? 1_555 ZN ? J ZN . ? B ZN 102 ? 1_555 O14 ? I 6O7 . ? B 6O7 101 ? 1_555 58.6  ? 
31 O15 ? E 6O7 . ? A 6O7 103 ? 1_555 ZN ? J ZN . ? B ZN 102 ? 1_555 O14 ? I 6O7 . ? B 6O7 101 ? 1_555 76.7  ? 
32 O14 ? E 6O7 . ? A 6O7 103 ? 1_555 ZN ? J ZN . ? B ZN 102 ? 1_555 O15 ? I 6O7 . ? B 6O7 101 ? 1_555 100.0 ? 
33 O15 ? E 6O7 . ? A 6O7 103 ? 1_555 ZN ? J ZN . ? B ZN 102 ? 1_555 O15 ? I 6O7 . ? B 6O7 101 ? 1_555 175.6 ? 
34 O14 ? I 6O7 . ? B 6O7 101 ? 1_555 ZN ? J ZN . ? B ZN 102 ? 1_555 O15 ? I 6O7 . ? B 6O7 101 ? 1_555 107.4 ? 
35 O14 ? E 6O7 . ? A 6O7 103 ? 1_555 ZN ? J ZN . ? B ZN 102 ? 1_555 O   ? M HOH . ? B HOH 201 ? 1_555 102.2 ? 
36 O15 ? E 6O7 . ? A 6O7 103 ? 1_555 ZN ? J ZN . ? B ZN 102 ? 1_555 O   ? M HOH . ? B HOH 201 ? 1_555 105.6 ? 
37 O14 ? I 6O7 . ? B 6O7 101 ? 1_555 ZN ? J ZN . ? B ZN 102 ? 1_555 O   ? M HOH . ? B HOH 201 ? 1_555 160.5 ? 
38 O15 ? I 6O7 . ? B 6O7 101 ? 1_555 ZN ? J ZN . ? B ZN 102 ? 1_555 O   ? M HOH . ? B HOH 201 ? 1_555 70.0  ? 
39 O14 ? E 6O7 . ? A 6O7 103 ? 1_555 ZN ? J ZN . ? B ZN 102 ? 1_555 O   ? M HOH . ? B HOH 202 ? 1_555 139.2 ? 
40 O15 ? E 6O7 . ? A 6O7 103 ? 1_555 ZN ? J ZN . ? B ZN 102 ? 1_555 O   ? M HOH . ? B HOH 202 ? 1_555 90.3  ? 
41 O14 ? I 6O7 . ? B 6O7 101 ? 1_555 ZN ? J ZN . ? B ZN 102 ? 1_555 O   ? M HOH . ? B HOH 202 ? 1_555 80.6  ? 
42 O15 ? I 6O7 . ? B 6O7 101 ? 1_555 ZN ? J ZN . ? B ZN 102 ? 1_555 O   ? M HOH . ? B HOH 202 ? 1_555 91.9  ? 
43 O   ? M HOH . ? B HOH 201 ? 1_555 ZN ? J ZN . ? B ZN 102 ? 1_555 O   ? M HOH . ? B HOH 202 ? 1_555 118.4 ? 
44 N7  ? B DG  3 ? B DG  0   ? 1_555 ZN ? K ZN . ? B ZN 103 ? 1_555 O   ? M HOH . ? B HOH 203 ? 1_555 81.1  ? 
45 N7  ? B DG  3 ? B DG  0   ? 1_555 ZN ? K ZN . ? B ZN 103 ? 1_555 O   ? M HOH . ? B HOH 204 ? 1_555 85.6  ? 
46 O   ? M HOH . ? B HOH 203 ? 1_555 ZN ? K ZN . ? B ZN 103 ? 1_555 O   ? M HOH . ? B HOH 204 ? 1_555 117.3 ? 
47 N7  ? B DG  3 ? B DG  0   ? 1_555 ZN ? K ZN . ? B ZN 103 ? 1_555 O   ? M HOH . ? B HOH 207 ? 1_555 101.4 ? 
48 O   ? M HOH . ? B HOH 203 ? 1_555 ZN ? K ZN . ? B ZN 103 ? 1_555 O   ? M HOH . ? B HOH 207 ? 1_555 148.4 ? 
49 O   ? M HOH . ? B HOH 204 ? 1_555 ZN ? K ZN . ? B ZN 103 ? 1_555 O   ? M HOH . ? B HOH 207 ? 1_555 94.3  ? 
50 N7  ? B DG  3 ? B DG  0   ? 1_555 ZN ? K ZN . ? B ZN 103 ? 1_555 O   ? M HOH . ? B HOH 210 ? 1_555 158.3 ? 
51 O   ? M HOH . ? B HOH 203 ? 1_555 ZN ? K ZN . ? B ZN 103 ? 1_555 O   ? M HOH . ? B HOH 210 ? 1_555 89.1  ? 
52 O   ? M HOH . ? B HOH 204 ? 1_555 ZN ? K ZN . ? B ZN 103 ? 1_555 O   ? M HOH . ? B HOH 210 ? 1_555 116.1 ? 
53 O   ? M HOH . ? B HOH 207 ? 1_555 ZN ? K ZN . ? B ZN 103 ? 1_555 O   ? M HOH . ? B HOH 210 ? 1_555 77.1  ? 
# 
loop_
_struct_site.id 
_struct_site.pdbx_evidence_code 
_struct_site.pdbx_auth_asym_id 
_struct_site.pdbx_auth_comp_id 
_struct_site.pdbx_auth_seq_id 
_struct_site.pdbx_auth_ins_code 
_struct_site.pdbx_num_residues 
_struct_site.details 
AC1 Software A 6O7 101 ? 13 'binding site for residue 6O7 A 101' 
AC2 Software A 6O7 102 ? 12 'binding site for residue 6O7 A 102' 
AC3 Software A 6O7 103 ? 11 'binding site for residue 6O7 A 103' 
AC4 Software A ZN  104 ? 4  'binding site for residue ZN A 104'  
AC5 Software A ZN  105 ? 5  'binding site for residue ZN A 105'  
AC6 Software A ZN  106 ? 3  'binding site for residue ZN A 106'  
AC7 Software B 6O7 101 ? 12 'binding site for residue 6O7 B 101' 
AC8 Software B ZN  102 ? 5  'binding site for residue ZN B 102'  
AC9 Software B ZN  103 ? 5  'binding site for residue ZN B 103'  
# 
loop_
_struct_site_gen.id 
_struct_site_gen.site_id 
_struct_site_gen.pdbx_num_res 
_struct_site_gen.label_comp_id 
_struct_site_gen.label_asym_id 
_struct_site_gen.label_seq_id 
_struct_site_gen.pdbx_auth_ins_code 
_struct_site_gen.auth_comp_id 
_struct_site_gen.auth_asym_id 
_struct_site_gen.auth_seq_id 
_struct_site_gen.label_atom_id 
_struct_site_gen.label_alt_id 
_struct_site_gen.symmetry 
_struct_site_gen.details 
1  AC1 13 DA  A 1  ? DA  A 4   . ? 1_555 ? 
2  AC1 13 DG  A 2  ? DG  A 5   . ? 1_555 ? 
3  AC1 13 DG  A 3  ? DG  A 6   . ? 1_555 ? 
4  AC1 13 6O7 D .  ? 6O7 A 102 . ? 1_555 ? 
5  AC1 13 6O7 E .  ? 6O7 A 103 . ? 7_455 ? 
6  AC1 13 ZN  F .  ? ZN  A 104 . ? 1_555 ? 
7  AC1 13 HOH L .  ? HOH A 201 . ? 1_555 ? 
8  AC1 13 HOH L .  ? HOH A 202 . ? 1_555 ? 
9  AC1 13 DG  B 2  ? DG  B -1  . ? 3_454 ? 
10 AC1 13 DA  B 1  ? DA  B -2  . ? 3_454 ? 
11 AC1 13 DC  B 8  ? DC  B 5   . ? 1_555 ? 
12 AC1 13 DC  B 9  ? DC  B 6   . ? 1_555 ? 
13 AC1 13 DT  B 10 ? DT  B 7   . ? 1_555 ? 
14 AC2 12 DG  A 2  ? DG  A 5   . ? 1_555 ? 
15 AC2 12 DG  A 3  ? DG  A 6   . ? 1_555 ? 
16 AC2 12 DG  A 4  ? DG  A 7   . ? 1_555 ? 
17 AC2 12 DA  A 5  ? DA  A 8   . ? 1_555 ? 
18 AC2 12 DT  A 6  ? DT  A 9   . ? 1_555 ? 
19 AC2 12 6O7 C .  ? 6O7 A 101 . ? 1_555 ? 
20 AC2 12 ZN  F .  ? ZN  A 104 . ? 1_555 ? 
21 AC2 12 HOH L .  ? HOH A 201 . ? 1_555 ? 
22 AC2 12 HOH L .  ? HOH A 202 . ? 1_555 ? 
23 AC2 12 DC  B 7  ? DC  B 4   . ? 1_555 ? 
24 AC2 12 DC  B 8  ? DC  B 5   . ? 1_555 ? 
25 AC2 12 6O7 I .  ? 6O7 B 101 . ? 7_455 ? 
26 AC3 11 DC  A 7  ? DC  A 10  . ? 1_555 ? 
27 AC3 11 DC  A 8  ? DC  A 11  . ? 1_555 ? 
28 AC3 11 DC  A 9  ? DC  A 12  . ? 1_555 ? 
29 AC3 11 DT  A 10 ? DT  A 13  . ? 1_555 ? 
30 AC3 11 6O7 C .  ? 6O7 A 101 . ? 7_565 ? 
31 AC3 11 DG  B 2  ? DG  B -1  . ? 1_555 ? 
32 AC3 11 DG  B 3  ? DG  B 0   . ? 1_555 ? 
33 AC3 11 DG  B 4  ? DG  B 1   . ? 1_555 ? 
34 AC3 11 6O7 I .  ? 6O7 B 101 . ? 1_555 ? 
35 AC3 11 ZN  J .  ? ZN  B 102 . ? 1_555 ? 
36 AC3 11 HOH M .  ? HOH B 202 . ? 1_555 ? 
37 AC4 4  6O7 C .  ? 6O7 A 101 . ? 1_555 ? 
38 AC4 4  6O7 D .  ? 6O7 A 102 . ? 1_555 ? 
39 AC4 4  HOH L .  ? HOH A 201 . ? 1_555 ? 
40 AC4 4  HOH L .  ? HOH A 202 . ? 1_555 ? 
41 AC5 5  DG  A 3  ? DG  A 6   . ? 1_555 ? 
42 AC5 5  HOH L .  ? HOH A 203 . ? 1_555 ? 
43 AC5 5  HOH L .  ? HOH A 204 . ? 1_555 ? 
44 AC5 5  HOH L .  ? HOH A 205 . ? 1_555 ? 
45 AC5 5  HOH L .  ? HOH A 209 . ? 1_555 ? 
46 AC6 3  DG  A 2  ? DG  A 5   . ? 1_555 ? 
47 AC6 3  HOH L .  ? HOH A 206 . ? 1_555 ? 
48 AC6 3  HOH L .  ? HOH A 208 . ? 1_555 ? 
49 AC7 12 DT  A 6  ? DT  A 9   . ? 1_555 ? 
50 AC7 12 DC  A 9  ? DC  A 12  . ? 1_555 ? 
51 AC7 12 6O7 D .  ? 6O7 A 102 . ? 7_565 ? 
52 AC7 12 6O7 E .  ? 6O7 A 103 . ? 1_555 ? 
53 AC7 12 DG  B 3  ? DG  B 0   . ? 1_555 ? 
54 AC7 12 DG  B 4  ? DG  B 1   . ? 1_555 ? 
55 AC7 12 DA  B 5  ? DA  B 2   . ? 1_555 ? 
56 AC7 12 DT  B 6  ? DT  B 3   . ? 1_555 ? 
57 AC7 12 DC  B 7  ? DC  B 4   . ? 1_555 ? 
58 AC7 12 ZN  J .  ? ZN  B 102 . ? 1_555 ? 
59 AC7 12 HOH M .  ? HOH B 201 . ? 1_555 ? 
60 AC7 12 HOH M .  ? HOH B 202 . ? 1_555 ? 
61 AC8 5  DC  A 8  ? DC  A 11  . ? 1_555 ? 
62 AC8 5  6O7 E .  ? 6O7 A 103 . ? 1_555 ? 
63 AC8 5  6O7 I .  ? 6O7 B 101 . ? 1_555 ? 
64 AC8 5  HOH M .  ? HOH B 201 . ? 1_555 ? 
65 AC8 5  HOH M .  ? HOH B 202 . ? 1_555 ? 
66 AC9 5  DG  B 3  ? DG  B 0   . ? 1_555 ? 
67 AC9 5  HOH M .  ? HOH B 203 . ? 1_555 ? 
68 AC9 5  HOH M .  ? HOH B 204 . ? 1_555 ? 
69 AC9 5  HOH M .  ? HOH B 207 . ? 1_555 ? 
70 AC9 5  HOH M .  ? HOH B 210 . ? 1_555 ? 
# 
loop_
_pdbx_validate_close_contact.id 
_pdbx_validate_close_contact.PDB_model_num 
_pdbx_validate_close_contact.auth_atom_id_1 
_pdbx_validate_close_contact.auth_asym_id_1 
_pdbx_validate_close_contact.auth_comp_id_1 
_pdbx_validate_close_contact.auth_seq_id_1 
_pdbx_validate_close_contact.PDB_ins_code_1 
_pdbx_validate_close_contact.label_alt_id_1 
_pdbx_validate_close_contact.auth_atom_id_2 
_pdbx_validate_close_contact.auth_asym_id_2 
_pdbx_validate_close_contact.auth_comp_id_2 
_pdbx_validate_close_contact.auth_seq_id_2 
_pdbx_validate_close_contact.PDB_ins_code_2 
_pdbx_validate_close_contact.label_alt_id_2 
_pdbx_validate_close_contact.dist 
1 1 O14 A 6O7 103 ? ? O14 B 6O7 101 ? ? 1.94 
2 1 O   A HOH 203 ? ? O   A HOH 205 ? ? 2.10 
3 1 O14 A 6O7 101 ? ? O14 A 6O7 102 ? ? 2.16 
# 
loop_
_chem_comp_atom.comp_id 
_chem_comp_atom.atom_id 
_chem_comp_atom.type_symbol 
_chem_comp_atom.pdbx_aromatic_flag 
_chem_comp_atom.pdbx_stereo_config 
_chem_comp_atom.pdbx_ordinal 
6O7 C      C  N R 1   
6O7 N      N  N N 2   
6O7 O14    O  N N 3   
6O7 C20    C  N N 4   
6O7 C19    C  Y N 5   
6O7 C41    C  Y N 6   
6O7 O15    O  N N 7   
6O7 C42    C  Y N 8   
6O7 C60    C  Y N 9   
6O7 O23    O  N N 10  
6O7 C58    C  Y N 11  
6O7 C59    C  N N 12  
6O7 C45    C  Y N 13  
6O7 O16    O  N N 14  
6O7 C46    C  N S 15  
6O7 O17    O  N N 16  
6O7 C50    C  N R 17  
6O7 C51    C  N N 18  
6O7 C49    C  N R 19  
6O7 O18    O  N N 20  
6O7 C48    C  N R 21  
6O7 O19    O  N N 22  
6O7 C52    C  N S 23  
6O7 O20    O  N N 24  
6O7 C56    C  N R 25  
6O7 C57    C  N N 26  
6O7 C55    C  N S 27  
6O7 O21    O  N N 28  
6O7 C54    C  N R 29  
6O7 O22    O  N N 30  
6O7 C53    C  N N 31  
6O7 C47    C  N N 32  
6O7 C44    C  Y N 33  
6O7 C43    C  Y N 34  
6O7 C18    C  Y N 35  
6O7 C17    C  Y N 36  
6O7 C16    C  N N 37  
6O7 C21    C  N S 38  
6O7 C1     C  N S 39  
6O7 O3     O  N N 40  
6O7 C15    C  N N 41  
6O7 C2     C  N N 42  
6O7 O2     O  N N 43  
6O7 C3     C  N S 44  
6O7 C13    C  N N 45  
6O7 O1     O  N N 46  
6O7 O      O  N N 47  
6O7 C14    C  N N 48  
6O7 C4     C  N N 49  
6O7 C5     C  Y N 50  
6O7 C10    C  Y N 51  
6O7 C9     C  Y N 52  
6O7 C8     C  Y N 53  
6O7 C7     C  Y N 54  
6O7 C6     C  Y N 55  
6O7 O4     O  N N 56  
6O7 C22    C  N S 57  
6O7 O5     O  N N 58  
6O7 C26    C  N R 59  
6O7 C27    C  N N 60  
6O7 C25    C  N R 61  
6O7 O6     O  N N 62  
6O7 C24    C  N R 63  
6O7 C23    C  N N 64  
6O7 O7     O  N N 65  
6O7 C28    C  N S 66  
6O7 O8     O  N N 67  
6O7 C32    C  N R 68  
6O7 C33    C  N N 69  
6O7 C31    C  N S 70  
6O7 O9     O  N N 71  
6O7 C30    C  N R 72  
6O7 C29    C  N N 73  
6O7 O10    O  N N 74  
6O7 C34    C  N S 75  
6O7 O12    O  N N 76  
6O7 C38    C  N R 77  
6O7 C39    C  N N 78  
6O7 C37    C  N R 79  
6O7 O13    O  N N 80  
6O7 C36    C  N S 81  
6O7 C40    C  N N 82  
6O7 O11    O  N N 83  
6O7 C35    C  N N 84  
6O7 H1     H  N N 85  
6O7 H2     H  N N 86  
6O7 H3     H  N N 87  
6O7 H4     H  N N 88  
6O7 H5     H  N N 89  
6O7 H6     H  N N 90  
6O7 H7     H  N N 91  
6O7 H8     H  N N 92  
6O7 H9     H  N N 93  
6O7 H10    H  N N 94  
6O7 H11    H  N N 95  
6O7 H12    H  N N 96  
6O7 H13    H  N N 97  
6O7 H14    H  N N 98  
6O7 H15    H  N N 99  
6O7 H16    H  N N 100 
6O7 H17    H  N N 101 
6O7 H18    H  N N 102 
6O7 H19    H  N N 103 
6O7 H20    H  N N 104 
6O7 H21    H  N N 105 
6O7 H22    H  N N 106 
6O7 H23    H  N N 107 
6O7 H24    H  N N 108 
6O7 H25    H  N N 109 
6O7 H26    H  N N 110 
6O7 H27    H  N N 111 
6O7 H28    H  N N 112 
6O7 H29    H  N N 113 
6O7 H30    H  N N 114 
6O7 H31    H  N N 115 
6O7 H32    H  N N 116 
6O7 H33    H  N N 117 
6O7 H34    H  N N 118 
6O7 H35    H  N N 119 
6O7 H36    H  N N 120 
6O7 H37    H  N N 121 
6O7 H38    H  N N 122 
6O7 H39    H  N N 123 
6O7 H40    H  N N 124 
6O7 H41    H  N N 125 
6O7 H42    H  N N 126 
6O7 H43    H  N N 127 
6O7 H44    H  N N 128 
6O7 H45    H  N N 129 
6O7 H46    H  N N 130 
6O7 H47    H  N N 131 
6O7 H48    H  N N 132 
6O7 H49    H  N N 133 
6O7 H50    H  N N 134 
6O7 H51    H  N N 135 
6O7 H52    H  N N 136 
6O7 H53    H  N N 137 
6O7 H54    H  N N 138 
6O7 H55    H  N N 139 
6O7 H56    H  N N 140 
6O7 H57    H  N N 141 
6O7 H58    H  N N 142 
6O7 H59    H  N N 143 
6O7 H60    H  N N 144 
6O7 H61    H  N N 145 
6O7 H62    H  N N 146 
6O7 H63    H  N N 147 
6O7 H64    H  N N 148 
6O7 H65    H  N N 149 
6O7 H66    H  N N 150 
6O7 H67    H  N N 151 
6O7 H68    H  N N 152 
6O7 H69    H  N N 153 
6O7 H70    H  N N 154 
6O7 H71    H  N N 155 
6O7 H72    H  N N 156 
6O7 H73    H  N N 157 
6O7 H74    H  N N 158 
6O7 H75    H  N N 159 
6O7 H76    H  N N 160 
6O7 H77    H  N N 161 
6O7 H78    H  N N 162 
6O7 H79    H  N N 163 
6O7 H80    H  N N 164 
6O7 H81    H  N N 165 
DA  OP3    O  N N 166 
DA  P      P  N N 167 
DA  OP1    O  N N 168 
DA  OP2    O  N N 169 
DA  "O5'"  O  N N 170 
DA  "C5'"  C  N N 171 
DA  "C4'"  C  N R 172 
DA  "O4'"  O  N N 173 
DA  "C3'"  C  N S 174 
DA  "O3'"  O  N N 175 
DA  "C2'"  C  N N 176 
DA  "C1'"  C  N R 177 
DA  N9     N  Y N 178 
DA  C8     C  Y N 179 
DA  N7     N  Y N 180 
DA  C5     C  Y N 181 
DA  C6     C  Y N 182 
DA  N6     N  N N 183 
DA  N1     N  Y N 184 
DA  C2     C  Y N 185 
DA  N3     N  Y N 186 
DA  C4     C  Y N 187 
DA  HOP3   H  N N 188 
DA  HOP2   H  N N 189 
DA  "H5'"  H  N N 190 
DA  "H5''" H  N N 191 
DA  "H4'"  H  N N 192 
DA  "H3'"  H  N N 193 
DA  "HO3'" H  N N 194 
DA  "H2'"  H  N N 195 
DA  "H2''" H  N N 196 
DA  "H1'"  H  N N 197 
DA  H8     H  N N 198 
DA  H61    H  N N 199 
DA  H62    H  N N 200 
DA  H2     H  N N 201 
DC  OP3    O  N N 202 
DC  P      P  N N 203 
DC  OP1    O  N N 204 
DC  OP2    O  N N 205 
DC  "O5'"  O  N N 206 
DC  "C5'"  C  N N 207 
DC  "C4'"  C  N R 208 
DC  "O4'"  O  N N 209 
DC  "C3'"  C  N S 210 
DC  "O3'"  O  N N 211 
DC  "C2'"  C  N N 212 
DC  "C1'"  C  N R 213 
DC  N1     N  N N 214 
DC  C2     C  N N 215 
DC  O2     O  N N 216 
DC  N3     N  N N 217 
DC  C4     C  N N 218 
DC  N4     N  N N 219 
DC  C5     C  N N 220 
DC  C6     C  N N 221 
DC  HOP3   H  N N 222 
DC  HOP2   H  N N 223 
DC  "H5'"  H  N N 224 
DC  "H5''" H  N N 225 
DC  "H4'"  H  N N 226 
DC  "H3'"  H  N N 227 
DC  "HO3'" H  N N 228 
DC  "H2'"  H  N N 229 
DC  "H2''" H  N N 230 
DC  "H1'"  H  N N 231 
DC  H41    H  N N 232 
DC  H42    H  N N 233 
DC  H5     H  N N 234 
DC  H6     H  N N 235 
DG  OP3    O  N N 236 
DG  P      P  N N 237 
DG  OP1    O  N N 238 
DG  OP2    O  N N 239 
DG  "O5'"  O  N N 240 
DG  "C5'"  C  N N 241 
DG  "C4'"  C  N R 242 
DG  "O4'"  O  N N 243 
DG  "C3'"  C  N S 244 
DG  "O3'"  O  N N 245 
DG  "C2'"  C  N N 246 
DG  "C1'"  C  N R 247 
DG  N9     N  Y N 248 
DG  C8     C  Y N 249 
DG  N7     N  Y N 250 
DG  C5     C  Y N 251 
DG  C6     C  N N 252 
DG  O6     O  N N 253 
DG  N1     N  N N 254 
DG  C2     C  N N 255 
DG  N2     N  N N 256 
DG  N3     N  N N 257 
DG  C4     C  Y N 258 
DG  HOP3   H  N N 259 
DG  HOP2   H  N N 260 
DG  "H5'"  H  N N 261 
DG  "H5''" H  N N 262 
DG  "H4'"  H  N N 263 
DG  "H3'"  H  N N 264 
DG  "HO3'" H  N N 265 
DG  "H2'"  H  N N 266 
DG  "H2''" H  N N 267 
DG  "H1'"  H  N N 268 
DG  H8     H  N N 269 
DG  H1     H  N N 270 
DG  H21    H  N N 271 
DG  H22    H  N N 272 
DT  OP3    O  N N 273 
DT  P      P  N N 274 
DT  OP1    O  N N 275 
DT  OP2    O  N N 276 
DT  "O5'"  O  N N 277 
DT  "C5'"  C  N N 278 
DT  "C4'"  C  N R 279 
DT  "O4'"  O  N N 280 
DT  "C3'"  C  N S 281 
DT  "O3'"  O  N N 282 
DT  "C2'"  C  N N 283 
DT  "C1'"  C  N R 284 
DT  N1     N  N N 285 
DT  C2     C  N N 286 
DT  O2     O  N N 287 
DT  N3     N  N N 288 
DT  C4     C  N N 289 
DT  O4     O  N N 290 
DT  C5     C  N N 291 
DT  C7     C  N N 292 
DT  C6     C  N N 293 
DT  HOP3   H  N N 294 
DT  HOP2   H  N N 295 
DT  "H5'"  H  N N 296 
DT  "H5''" H  N N 297 
DT  "H4'"  H  N N 298 
DT  "H3'"  H  N N 299 
DT  "HO3'" H  N N 300 
DT  "H2'"  H  N N 301 
DT  "H2''" H  N N 302 
DT  "H1'"  H  N N 303 
DT  H3     H  N N 304 
DT  H71    H  N N 305 
DT  H72    H  N N 306 
DT  H73    H  N N 307 
DT  H6     H  N N 308 
HOH O      O  N N 309 
HOH H1     H  N N 310 
HOH H2     H  N N 311 
ZN  ZN     ZN N N 312 
# 
loop_
_chem_comp_bond.comp_id 
_chem_comp_bond.atom_id_1 
_chem_comp_bond.atom_id_2 
_chem_comp_bond.value_order 
_chem_comp_bond.pdbx_aromatic_flag 
_chem_comp_bond.pdbx_stereo_config 
_chem_comp_bond.pdbx_ordinal 
6O7 C40   C36    sing N N 1   
6O7 C36   O11    sing N N 2   
6O7 C36   C35    sing N N 3   
6O7 C36   C37    sing N N 4   
6O7 O13   C37    sing N N 5   
6O7 C35   C34    sing N N 6   
6O7 C37   C38    sing N N 7   
6O7 C57   C56    sing N N 8   
6O7 O21   C55    sing N N 9   
6O7 C34   O10    sing N N 10  
6O7 C34   O12    sing N N 11  
6O7 C38   O12    sing N N 12  
6O7 C38   C39    sing N N 13  
6O7 O10   C30    sing N N 14  
6O7 C56   C55    sing N N 15  
6O7 C56   O20    sing N N 16  
6O7 O9    C31    sing N N 17  
6O7 C9    C10    doub Y N 18  
6O7 C9    C8     sing Y N 19  
6O7 C55   C54    sing N N 20  
6O7 C10   C5     sing Y N 21  
6O7 O1    C13    doub N N 22  
6O7 O20   C52    sing N N 23  
6O7 C30   C29    sing N N 24  
6O7 C30   C31    sing N N 25  
6O7 C8    C7     doub Y N 26  
6O7 O2    C2     doub N N 27  
6O7 C29   C28    sing N N 28  
6O7 C31   C32    sing N N 29  
6O7 C3    C13    sing N N 30  
6O7 C3    N      sing N N 31  
6O7 C3    C4     sing N N 32  
6O7 C13   O      sing N N 33  
6O7 C54   O22    sing N N 34  
6O7 C54   C53    sing N N 35  
6O7 C5    C4     sing N N 36  
6O7 C5    C6     doub Y N 37  
6O7 C2    N      sing N N 38  
6O7 C2    C1     sing N N 39  
6O7 O7    C28    sing N N 40  
6O7 O7    C24    sing N N 41  
6O7 C52   C53    sing N N 42  
6O7 C52   O19    sing N N 43  
6O7 O8    C28    sing N N 44  
6O7 O8    C32    sing N N 45  
6O7 C7    C6     sing Y N 46  
6O7 C32   C33    sing N N 47  
6O7 O18   C49    sing N N 48  
6O7 C1    C      sing N N 49  
6O7 C1    O3     sing N N 50  
6O7 O     C14    sing N N 51  
6O7 C23   C24    sing N N 52  
6O7 C23   C22    sing N N 53  
6O7 C25   C24    sing N N 54  
6O7 C25   O6     sing N N 55  
6O7 C25   C26    sing N N 56  
6O7 O4    C22    sing N N 57  
6O7 O4    C21    sing N N 58  
6O7 O19   C48    sing N N 59  
6O7 C     C16    sing N N 60  
6O7 C     C21    sing N N 61  
6O7 C48   C49    sing N N 62  
6O7 C48   C47    sing N N 63  
6O7 O5    C22    sing N N 64  
6O7 O5    C26    sing N N 65  
6O7 C49   C50    sing N N 66  
6O7 C16   C17    sing N N 67  
6O7 C21   C20    sing N N 68  
6O7 C26   C27    sing N N 69  
6O7 O3    C15    sing N N 70  
6O7 C50   C51    sing N N 71  
6O7 C50   O17    sing N N 72  
6O7 C47   C46    sing N N 73  
6O7 C17   C18    doub Y N 74  
6O7 C17   C19    sing Y N 75  
6O7 C18   C43    sing Y N 76  
6O7 C46   O17    sing N N 77  
6O7 C46   O16    sing N N 78  
6O7 C20   C19    sing N N 79  
6O7 C20   O14    doub N N 80  
6O7 C19   C41    doub Y N 81  
6O7 C43   C44    doub Y N 82  
6O7 C43   C42    sing Y N 83  
6O7 C44   C45    sing Y N 84  
6O7 C41   C42    sing Y N 85  
6O7 C41   O15    sing N N 86  
6O7 C42   C60    doub Y N 87  
6O7 C45   O16    sing N N 88  
6O7 C45   C58    doub Y N 89  
6O7 C60   C58    sing Y N 90  
6O7 C60   O23    sing N N 91  
6O7 C58   C59    sing N N 92  
6O7 C     H1     sing N N 93  
6O7 N     H2     sing N N 94  
6O7 O15   H3     sing N N 95  
6O7 O23   H4     sing N N 96  
6O7 C59   H5     sing N N 97  
6O7 C59   H6     sing N N 98  
6O7 C59   H7     sing N N 99  
6O7 C46   H8     sing N N 100 
6O7 C50   H9     sing N N 101 
6O7 C51   H10    sing N N 102 
6O7 C51   H11    sing N N 103 
6O7 C51   H12    sing N N 104 
6O7 C49   H13    sing N N 105 
6O7 O18   H14    sing N N 106 
6O7 C48   H15    sing N N 107 
6O7 C52   H16    sing N N 108 
6O7 C56   H17    sing N N 109 
6O7 C57   H18    sing N N 110 
6O7 C57   H19    sing N N 111 
6O7 C57   H20    sing N N 112 
6O7 C55   H21    sing N N 113 
6O7 O21   H22    sing N N 114 
6O7 C54   H23    sing N N 115 
6O7 O22   H24    sing N N 116 
6O7 C53   H25    sing N N 117 
6O7 C53   H26    sing N N 118 
6O7 C47   H27    sing N N 119 
6O7 C47   H28    sing N N 120 
6O7 C44   H29    sing N N 121 
6O7 C18   H30    sing N N 122 
6O7 C16   H31    sing N N 123 
6O7 C16   H32    sing N N 124 
6O7 C21   H33    sing N N 125 
6O7 C1    H34    sing N N 126 
6O7 C15   H35    sing N N 127 
6O7 C15   H36    sing N N 128 
6O7 C15   H37    sing N N 129 
6O7 C3    H38    sing N N 130 
6O7 C14   H39    sing N N 131 
6O7 C14   H40    sing N N 132 
6O7 C14   H41    sing N N 133 
6O7 C4    H42    sing N N 134 
6O7 C4    H43    sing N N 135 
6O7 C10   H44    sing N N 136 
6O7 C9    H45    sing N N 137 
6O7 C8    H46    sing N N 138 
6O7 C7    H47    sing N N 139 
6O7 C6    H48    sing N N 140 
6O7 C22   H49    sing N N 141 
6O7 C26   H50    sing N N 142 
6O7 C27   H51    sing N N 143 
6O7 C27   H52    sing N N 144 
6O7 C27   H53    sing N N 145 
6O7 C25   H54    sing N N 146 
6O7 O6    H55    sing N N 147 
6O7 C24   H56    sing N N 148 
6O7 C23   H57    sing N N 149 
6O7 C23   H58    sing N N 150 
6O7 C28   H59    sing N N 151 
6O7 C32   H60    sing N N 152 
6O7 C33   H61    sing N N 153 
6O7 C33   H62    sing N N 154 
6O7 C33   H63    sing N N 155 
6O7 C31   H64    sing N N 156 
6O7 O9    H65    sing N N 157 
6O7 C30   H66    sing N N 158 
6O7 C29   H67    sing N N 159 
6O7 C29   H68    sing N N 160 
6O7 C34   H69    sing N N 161 
6O7 C38   H70    sing N N 162 
6O7 C39   H71    sing N N 163 
6O7 C39   H72    sing N N 164 
6O7 C39   H73    sing N N 165 
6O7 C37   H74    sing N N 166 
6O7 O13   H75    sing N N 167 
6O7 C40   H76    sing N N 168 
6O7 C40   H77    sing N N 169 
6O7 C40   H78    sing N N 170 
6O7 O11   H79    sing N N 171 
6O7 C35   H80    sing N N 172 
6O7 C35   H81    sing N N 173 
DA  OP3   P      sing N N 174 
DA  OP3   HOP3   sing N N 175 
DA  P     OP1    doub N N 176 
DA  P     OP2    sing N N 177 
DA  P     "O5'"  sing N N 178 
DA  OP2   HOP2   sing N N 179 
DA  "O5'" "C5'"  sing N N 180 
DA  "C5'" "C4'"  sing N N 181 
DA  "C5'" "H5'"  sing N N 182 
DA  "C5'" "H5''" sing N N 183 
DA  "C4'" "O4'"  sing N N 184 
DA  "C4'" "C3'"  sing N N 185 
DA  "C4'" "H4'"  sing N N 186 
DA  "O4'" "C1'"  sing N N 187 
DA  "C3'" "O3'"  sing N N 188 
DA  "C3'" "C2'"  sing N N 189 
DA  "C3'" "H3'"  sing N N 190 
DA  "O3'" "HO3'" sing N N 191 
DA  "C2'" "C1'"  sing N N 192 
DA  "C2'" "H2'"  sing N N 193 
DA  "C2'" "H2''" sing N N 194 
DA  "C1'" N9     sing N N 195 
DA  "C1'" "H1'"  sing N N 196 
DA  N9    C8     sing Y N 197 
DA  N9    C4     sing Y N 198 
DA  C8    N7     doub Y N 199 
DA  C8    H8     sing N N 200 
DA  N7    C5     sing Y N 201 
DA  C5    C6     sing Y N 202 
DA  C5    C4     doub Y N 203 
DA  C6    N6     sing N N 204 
DA  C6    N1     doub Y N 205 
DA  N6    H61    sing N N 206 
DA  N6    H62    sing N N 207 
DA  N1    C2     sing Y N 208 
DA  C2    N3     doub Y N 209 
DA  C2    H2     sing N N 210 
DA  N3    C4     sing Y N 211 
DC  OP3   P      sing N N 212 
DC  OP3   HOP3   sing N N 213 
DC  P     OP1    doub N N 214 
DC  P     OP2    sing N N 215 
DC  P     "O5'"  sing N N 216 
DC  OP2   HOP2   sing N N 217 
DC  "O5'" "C5'"  sing N N 218 
DC  "C5'" "C4'"  sing N N 219 
DC  "C5'" "H5'"  sing N N 220 
DC  "C5'" "H5''" sing N N 221 
DC  "C4'" "O4'"  sing N N 222 
DC  "C4'" "C3'"  sing N N 223 
DC  "C4'" "H4'"  sing N N 224 
DC  "O4'" "C1'"  sing N N 225 
DC  "C3'" "O3'"  sing N N 226 
DC  "C3'" "C2'"  sing N N 227 
DC  "C3'" "H3'"  sing N N 228 
DC  "O3'" "HO3'" sing N N 229 
DC  "C2'" "C1'"  sing N N 230 
DC  "C2'" "H2'"  sing N N 231 
DC  "C2'" "H2''" sing N N 232 
DC  "C1'" N1     sing N N 233 
DC  "C1'" "H1'"  sing N N 234 
DC  N1    C2     sing N N 235 
DC  N1    C6     sing N N 236 
DC  C2    O2     doub N N 237 
DC  C2    N3     sing N N 238 
DC  N3    C4     doub N N 239 
DC  C4    N4     sing N N 240 
DC  C4    C5     sing N N 241 
DC  N4    H41    sing N N 242 
DC  N4    H42    sing N N 243 
DC  C5    C6     doub N N 244 
DC  C5    H5     sing N N 245 
DC  C6    H6     sing N N 246 
DG  OP3   P      sing N N 247 
DG  OP3   HOP3   sing N N 248 
DG  P     OP1    doub N N 249 
DG  P     OP2    sing N N 250 
DG  P     "O5'"  sing N N 251 
DG  OP2   HOP2   sing N N 252 
DG  "O5'" "C5'"  sing N N 253 
DG  "C5'" "C4'"  sing N N 254 
DG  "C5'" "H5'"  sing N N 255 
DG  "C5'" "H5''" sing N N 256 
DG  "C4'" "O4'"  sing N N 257 
DG  "C4'" "C3'"  sing N N 258 
DG  "C4'" "H4'"  sing N N 259 
DG  "O4'" "C1'"  sing N N 260 
DG  "C3'" "O3'"  sing N N 261 
DG  "C3'" "C2'"  sing N N 262 
DG  "C3'" "H3'"  sing N N 263 
DG  "O3'" "HO3'" sing N N 264 
DG  "C2'" "C1'"  sing N N 265 
DG  "C2'" "H2'"  sing N N 266 
DG  "C2'" "H2''" sing N N 267 
DG  "C1'" N9     sing N N 268 
DG  "C1'" "H1'"  sing N N 269 
DG  N9    C8     sing Y N 270 
DG  N9    C4     sing Y N 271 
DG  C8    N7     doub Y N 272 
DG  C8    H8     sing N N 273 
DG  N7    C5     sing Y N 274 
DG  C5    C6     sing N N 275 
DG  C5    C4     doub Y N 276 
DG  C6    O6     doub N N 277 
DG  C6    N1     sing N N 278 
DG  N1    C2     sing N N 279 
DG  N1    H1     sing N N 280 
DG  C2    N2     sing N N 281 
DG  C2    N3     doub N N 282 
DG  N2    H21    sing N N 283 
DG  N2    H22    sing N N 284 
DG  N3    C4     sing N N 285 
DT  OP3   P      sing N N 286 
DT  OP3   HOP3   sing N N 287 
DT  P     OP1    doub N N 288 
DT  P     OP2    sing N N 289 
DT  P     "O5'"  sing N N 290 
DT  OP2   HOP2   sing N N 291 
DT  "O5'" "C5'"  sing N N 292 
DT  "C5'" "C4'"  sing N N 293 
DT  "C5'" "H5'"  sing N N 294 
DT  "C5'" "H5''" sing N N 295 
DT  "C4'" "O4'"  sing N N 296 
DT  "C4'" "C3'"  sing N N 297 
DT  "C4'" "H4'"  sing N N 298 
DT  "O4'" "C1'"  sing N N 299 
DT  "C3'" "O3'"  sing N N 300 
DT  "C3'" "C2'"  sing N N 301 
DT  "C3'" "H3'"  sing N N 302 
DT  "O3'" "HO3'" sing N N 303 
DT  "C2'" "C1'"  sing N N 304 
DT  "C2'" "H2'"  sing N N 305 
DT  "C2'" "H2''" sing N N 306 
DT  "C1'" N1     sing N N 307 
DT  "C1'" "H1'"  sing N N 308 
DT  N1    C2     sing N N 309 
DT  N1    C6     sing N N 310 
DT  C2    O2     doub N N 311 
DT  C2    N3     sing N N 312 
DT  N3    C4     sing N N 313 
DT  N3    H3     sing N N 314 
DT  C4    O4     doub N N 315 
DT  C4    C5     sing N N 316 
DT  C5    C7     sing N N 317 
DT  C5    C6     doub N N 318 
DT  C7    H71    sing N N 319 
DT  C7    H72    sing N N 320 
DT  C7    H73    sing N N 321 
DT  C6    H6     sing N N 322 
HOH O     H1     sing N N 323 
HOH O     H2     sing N N 324 
# 
loop_
_ndb_struct_conf_na.entry_id 
_ndb_struct_conf_na.feature 
5JW2 'double helix'        
5JW2 'a-form double helix' 
# 
loop_
_ndb_struct_na_base_pair.model_number 
_ndb_struct_na_base_pair.i_label_asym_id 
_ndb_struct_na_base_pair.i_label_comp_id 
_ndb_struct_na_base_pair.i_label_seq_id 
_ndb_struct_na_base_pair.i_symmetry 
_ndb_struct_na_base_pair.j_label_asym_id 
_ndb_struct_na_base_pair.j_label_comp_id 
_ndb_struct_na_base_pair.j_label_seq_id 
_ndb_struct_na_base_pair.j_symmetry 
_ndb_struct_na_base_pair.shear 
_ndb_struct_na_base_pair.stretch 
_ndb_struct_na_base_pair.stagger 
_ndb_struct_na_base_pair.buckle 
_ndb_struct_na_base_pair.propeller 
_ndb_struct_na_base_pair.opening 
_ndb_struct_na_base_pair.pair_number 
_ndb_struct_na_base_pair.pair_name 
_ndb_struct_na_base_pair.i_auth_asym_id 
_ndb_struct_na_base_pair.i_auth_seq_id 
_ndb_struct_na_base_pair.i_PDB_ins_code 
_ndb_struct_na_base_pair.j_auth_asym_id 
_ndb_struct_na_base_pair.j_auth_seq_id 
_ndb_struct_na_base_pair.j_PDB_ins_code 
_ndb_struct_na_base_pair.hbond_type_28 
_ndb_struct_na_base_pair.hbond_type_12 
1 A DA 1  1_555 B DT 10 1_555 0.103  -0.187 0.006  -4.601  -16.994 -0.264  1  A_DA4:DT7_B   A 4  ? B 7  ? 20 1 
1 A DG 2  1_555 B DC 9  1_555 -0.122 0.147  0.086  -8.823  -17.292 4.584   2  A_DG5:DC6_B   A 5  ? B 6  ? 19 1 
1 A DG 3  1_555 B DC 8  1_555 -0.666 -0.006 -0.036 -14.869 -2.060  7.227   3  A_DG6:DC5_B   A 6  ? B 5  ? 19 1 
1 A DG 4  1_555 B DC 7  1_555 0.138  -0.022 -0.222 -0.349  -5.832  8.250   4  A_DG7:DC4_B   A 7  ? B 4  ? 19 1 
1 A DA 5  1_555 B DT 6  1_555 -0.269 -0.262 -0.181 -1.834  -7.413  3.372   5  A_DA8:DT3_B   A 8  ? B 3  ? 20 1 
1 A DT 6  1_555 B DA 5  1_555 -0.226 -0.142 0.142  1.984   -4.450  -12.064 6  A_DT9:DA2_B   A 9  ? B 2  ? 20 1 
1 A DC 7  1_555 B DG 4  1_555 -0.279 0.038  0.564  6.179   -16.689 -2.344  7  A_DC10:DG1_B  A 10 ? B 1  ? 19 1 
1 A DC 8  1_555 B DG 3  1_555 -0.600 0.223  0.328  1.597   -14.197 5.884   8  A_DC11:DG0_B  A 11 ? B 0  ? 19 1 
1 A DC 9  1_555 B DG 2  1_555 -0.224 -0.062 -0.431 10.531  -12.632 -7.016  9  A_DC12:DG-1_B A 12 ? B -1 ? 19 1 
1 A DT 10 1_555 B DA 1  1_555 -0.060 -0.284 -0.249 10.740  -10.366 1.943   10 A_DT13:DA-2_B A 13 ? B -2 ? 20 1 
# 
loop_
_ndb_struct_na_base_pair_step.model_number 
_ndb_struct_na_base_pair_step.i_label_asym_id_1 
_ndb_struct_na_base_pair_step.i_label_comp_id_1 
_ndb_struct_na_base_pair_step.i_label_seq_id_1 
_ndb_struct_na_base_pair_step.i_symmetry_1 
_ndb_struct_na_base_pair_step.j_label_asym_id_1 
_ndb_struct_na_base_pair_step.j_label_comp_id_1 
_ndb_struct_na_base_pair_step.j_label_seq_id_1 
_ndb_struct_na_base_pair_step.j_symmetry_1 
_ndb_struct_na_base_pair_step.i_label_asym_id_2 
_ndb_struct_na_base_pair_step.i_label_comp_id_2 
_ndb_struct_na_base_pair_step.i_label_seq_id_2 
_ndb_struct_na_base_pair_step.i_symmetry_2 
_ndb_struct_na_base_pair_step.j_label_asym_id_2 
_ndb_struct_na_base_pair_step.j_label_comp_id_2 
_ndb_struct_na_base_pair_step.j_label_seq_id_2 
_ndb_struct_na_base_pair_step.j_symmetry_2 
_ndb_struct_na_base_pair_step.shift 
_ndb_struct_na_base_pair_step.slide 
_ndb_struct_na_base_pair_step.rise 
_ndb_struct_na_base_pair_step.tilt 
_ndb_struct_na_base_pair_step.roll 
_ndb_struct_na_base_pair_step.twist 
_ndb_struct_na_base_pair_step.x_displacement 
_ndb_struct_na_base_pair_step.y_displacement 
_ndb_struct_na_base_pair_step.helical_rise 
_ndb_struct_na_base_pair_step.inclination 
_ndb_struct_na_base_pair_step.tip 
_ndb_struct_na_base_pair_step.helical_twist 
_ndb_struct_na_base_pair_step.step_number 
_ndb_struct_na_base_pair_step.step_name 
_ndb_struct_na_base_pair_step.i_auth_asym_id_1 
_ndb_struct_na_base_pair_step.i_auth_seq_id_1 
_ndb_struct_na_base_pair_step.i_PDB_ins_code_1 
_ndb_struct_na_base_pair_step.j_auth_asym_id_1 
_ndb_struct_na_base_pair_step.j_auth_seq_id_1 
_ndb_struct_na_base_pair_step.j_PDB_ins_code_1 
_ndb_struct_na_base_pair_step.i_auth_asym_id_2 
_ndb_struct_na_base_pair_step.i_auth_seq_id_2 
_ndb_struct_na_base_pair_step.i_PDB_ins_code_2 
_ndb_struct_na_base_pair_step.j_auth_asym_id_2 
_ndb_struct_na_base_pair_step.j_auth_seq_id_2 
_ndb_struct_na_base_pair_step.j_PDB_ins_code_2 
1 A DA 1 1_555 B DT 10 1_555 A DG 2  1_555 B DC 9 1_555 1.068  -1.563 3.583 3.089  1.870  30.591 -3.344 -1.350 3.572 3.530  -5.829 
30.799 1 AA_DA4DG5:DC6DT7_BB     A 4  ? B 7  ? A 5  ? B 6  ? 
1 A DG 2 1_555 B DC 9  1_555 A DG 3  1_555 B DC 8 1_555 -0.054 -1.727 3.535 5.530  -4.103 28.592 -2.421 1.431  3.666 -8.158 
-10.997 29.393 2 AA_DG5DG6:DC5DC6_BB     A 5  ? B 6  ? A 6  ? B 5  ? 
1 A DG 3 1_555 B DC 8  1_555 A DG 4  1_555 B DC 7 1_555 -0.736 0.058  3.053 1.450  10.848 33.032 -1.451 1.439  2.894 18.459 -2.467 
34.750 3 AA_DG6DG7:DC4DC5_BB     A 6  ? B 5  ? A 7  ? B 4  ? 
1 A DG 4 1_555 B DC 7  1_555 A DA 5  1_555 B DT 6 1_555 -0.567 -0.354 3.386 -2.198 4.324  34.585 -1.266 0.601  3.348 7.229  3.674 
34.913 4 AA_DG7DA8:DT3DC4_BB     A 7  ? B 4  ? A 8  ? B 3  ? 
1 A DA 5 1_555 B DT 6  1_555 A DT 6  1_555 B DA 5 1_555 -0.689 -0.502 3.227 -3.728 4.642  28.345 -2.019 0.563  3.169 9.349  7.509 
28.951 5 AA_DA8DT9:DA2DT3_BB     A 8  ? B 3  ? A 9  ? B 2  ? 
1 A DT 6 1_555 B DA 5  1_555 A DC 7  1_555 B DG 4 1_555 0.859  -1.253 3.227 -4.651 -3.028 26.794 -1.909 -2.955 3.156 -6.447 9.901 
27.352 6 AA_DT9DC10:DG1DA2_BB    A 9  ? B 2  ? A 10 ? B 1  ? 
1 A DC 7 1_555 B DG 4  1_555 A DC 8  1_555 B DG 3 1_555 0.795  -2.397 3.270 0.675  -0.818 32.180 -4.175 -1.311 3.344 -1.475 -1.217 
32.197 7 AA_DC10DC11:DG0DG1_BB   A 10 ? B 1  ? A 11 ? B 0  ? 
1 A DC 8 1_555 B DG 3  1_555 A DC 9  1_555 B DG 2 1_555 -1.993 -1.378 2.921 0.396  13.186 27.362 -4.753 3.875  2.028 26.042 -0.783 
30.322 8 AA_DC11DC12:DG-1DG0_BB  A 11 ? B 0  ? A 12 ? B -1 ? 
1 A DC 9 1_555 B DG 2  1_555 A DT 10 1_555 B DA 1 1_555 0.453  -1.059 3.516 -2.438 2.259  40.120 -1.811 -0.951 3.422 3.286  3.547 
40.251 9 AA_DC12DT13:DA-2DG-1_BB A 12 ? B -1 ? A 13 ? B -2 ? 
# 
_atom_sites.entry_id                    5JW2 
_atom_sites.fract_transf_matrix[1][1]   -0.00349198 
_atom_sites.fract_transf_matrix[1][2]   -0.01170009 
_atom_sites.fract_transf_matrix[1][3]   -0.01615602 
_atom_sites.fract_transf_matrix[2][1]   -0.01437177 
_atom_sites.fract_transf_matrix[2][2]   0.01284995 
_atom_sites.fract_transf_matrix[2][3]   -0.00619952 
_atom_sites.fract_transf_matrix[3][1]   0.00532472 
_atom_sites.fract_transf_matrix[3][2]   0.00400186 
_atom_sites.fract_transf_matrix[3][3]   -0.00404901 
_atom_sites.fract_transf_vector[1]      -0.458085 
_atom_sites.fract_transf_vector[2]      0.010544 
_atom_sites.fract_transf_vector[3]      0.019418 
# 
loop_
_atom_type.symbol 
C  
N  
O  
P  
ZN 
# 
loop_
_atom_site.group_PDB 
_atom_site.id 
_atom_site.type_symbol 
_atom_site.label_atom_id 
_atom_site.label_alt_id 
_atom_site.label_comp_id 
_atom_site.label_asym_id 
_atom_site.label_entity_id 
_atom_site.label_seq_id 
_atom_site.pdbx_PDB_ins_code 
_atom_site.Cartn_x 
_atom_site.Cartn_y 
_atom_site.Cartn_z 
_atom_site.occupancy 
_atom_site.B_iso_or_equiv 
_atom_site.pdbx_formal_charge 
_atom_site.auth_seq_id 
_atom_site.auth_comp_id 
_atom_site.auth_asym_id 
_atom_site.auth_atom_id 
_atom_site.pdbx_PDB_model_num 
ATOM   1   O  "O5'" . DA  A 1 1  ? -11.601 1.448   12.426  1.00 2.90  ? 4   DA  A "O5'" 1 
ATOM   2   C  "C5'" . DA  A 1 1  ? -11.536 2.115   13.706  1.00 2.91  ? 4   DA  A "C5'" 1 
ATOM   3   C  "C4'" . DA  A 1 1  ? -10.285 1.773   14.487  1.00 2.91  ? 4   DA  A "C4'" 1 
ATOM   4   O  "O4'" . DA  A 1 1  ? -10.267 0.397   14.937  1.00 2.91  ? 4   DA  A "O4'" 1 
ATOM   5   C  "C3'" . DA  A 1 1  ? -8.961  1.964   13.761  1.00 2.93  ? 4   DA  A "C3'" 1 
ATOM   6   O  "O3'" . DA  A 1 1  ? -8.621  3.350   13.788  1.00 2.98  ? 4   DA  A "O3'" 1 
ATOM   7   C  "C2'" . DA  A 1 1  ? -8.040  1.066   14.559  1.00 2.92  ? 4   DA  A "C2'" 1 
ATOM   8   C  "C1'" . DA  A 1 1  ? -8.947  -0.127  14.813  1.00 2.91  ? 4   DA  A "C1'" 1 
ATOM   9   N  N9    . DA  A 1 1  ? -8.953  -1.095  13.718  1.00 2.91  ? 4   DA  A N9    1 
ATOM   10  C  C8    . DA  A 1 1  ? -9.872  -1.213  12.702  1.00 2.90  ? 4   DA  A C8    1 
ATOM   11  N  N7    . DA  A 1 1  ? -9.609  -2.183  11.862  1.00 2.91  ? 4   DA  A N7    1 
ATOM   12  C  C5    . DA  A 1 1  ? -8.437  -2.740  12.354  1.00 2.92  ? 4   DA  A C5    1 
ATOM   13  C  C6    . DA  A 1 1  ? -7.640  -3.810  11.910  1.00 2.93  ? 4   DA  A C6    1 
ATOM   14  N  N6    . DA  A 1 1  ? -7.918  -4.542  10.828  1.00 2.93  ? 4   DA  A N6    1 
ATOM   15  N  N1    . DA  A 1 1  ? -6.533  -4.109  12.625  1.00 2.94  ? 4   DA  A N1    1 
ATOM   16  C  C2    . DA  A 1 1  ? -6.254  -3.374  13.711  1.00 2.94  ? 4   DA  A C2    1 
ATOM   17  N  N3    . DA  A 1 1  ? -6.926  -2.347  14.228  1.00 2.93  ? 4   DA  A N3    1 
ATOM   18  C  C4    . DA  A 1 1  ? -8.021  -2.078  13.494  1.00 2.91  ? 4   DA  A C4    1 
ATOM   19  P  P     . DG  A 1 2  ? -7.733  3.983   12.636  1.00 3.03  ? 5   DG  A P     1 
ATOM   20  O  OP1   . DG  A 1 2  ? -7.862  5.457   12.746  1.00 3.03  ? 5   DG  A OP1   1 
ATOM   21  O  OP2   . DG  A 1 2  ? -8.061  3.305   11.352  1.00 3.01  ? 5   DG  A OP2   1 
ATOM   22  O  "O5'" . DG  A 1 2  ? -6.268  3.580   13.094  1.00 3.09  ? 5   DG  A "O5'" 1 
ATOM   23  C  "C5'" . DG  A 1 2  ? -5.261  3.256   12.138  1.00 3.18  ? 5   DG  A "C5'" 1 
ATOM   24  C  "C4'" . DG  A 1 2  ? -4.298  2.282   12.767  1.00 3.26  ? 5   DG  A "C4'" 1 
ATOM   25  O  "O4'" . DG  A 1 2  ? -5.000  1.082   13.162  1.00 3.25  ? 5   DG  A "O4'" 1 
ATOM   26  C  "C3'" . DG  A 1 2  ? -3.183  1.812   11.845  1.00 3.38  ? 5   DG  A "C3'" 1 
ATOM   27  O  "O3'" . DG  A 1 2  ? -2.069  2.698   11.964  1.00 3.70  ? 5   DG  A "O3'" 1 
ATOM   28  C  "C2'" . DG  A 1 2  ? -2.893  0.435   12.392  1.00 3.33  ? 5   DG  A "C2'" 1 
ATOM   29  C  "C1'" . DG  A 1 2  ? -4.291  -0.062  12.705  1.00 3.24  ? 5   DG  A "C1'" 1 
ATOM   30  N  N9    . DG  A 1 2  ? -4.996  -0.591  11.544  1.00 3.15  ? 5   DG  A N9    1 
ATOM   31  C  C8    . DG  A 1 2  ? -6.106  -0.066  10.927  1.00 3.11  ? 5   DG  A C8    1 
ATOM   32  N  N7    . DG  A 1 2  ? -6.497  -0.763  9.896   1.00 3.07  ? 5   DG  A N7    1 
ATOM   33  C  C5    . DG  A 1 2  ? -5.585  -1.806  9.822   1.00 3.07  ? 5   DG  A C5    1 
ATOM   34  C  C6    . DG  A 1 2  ? -5.495  -2.881  8.904   1.00 3.06  ? 5   DG  A C6    1 
ATOM   35  O  O6    . DG  A 1 2  ? -6.229  -3.138  7.944   1.00 3.06  ? 5   DG  A O6    1 
ATOM   36  N  N1    . DG  A 1 2  ? -4.414  -3.710  9.192   1.00 3.06  ? 5   DG  A N1    1 
ATOM   37  C  C2    . DG  A 1 2  ? -3.530  -3.523  10.228  1.00 3.07  ? 5   DG  A C2    1 
ATOM   38  N  N2    . DG  A 1 2  ? -2.545  -4.428  10.345  1.00 3.08  ? 5   DG  A N2    1 
ATOM   39  N  N3    . DG  A 1 2  ? -3.606  -2.524  11.090  1.00 3.08  ? 5   DG  A N3    1 
ATOM   40  C  C4    . DG  A 1 2  ? -4.651  -1.712  10.831  1.00 3.09  ? 5   DG  A C4    1 
ATOM   41  P  P     . DG  A 1 3  ? -1.193  3.069   10.687  1.00 4.04  ? 6   DG  A P     1 
ATOM   42  O  OP1   . DG  A 1 3  ? -0.189  4.074   11.126  1.00 4.04  ? 6   DG  A OP1   1 
ATOM   43  O  OP2   . DG  A 1 3  ? -2.110  3.391   9.565   1.00 4.03  ? 6   DG  A OP2   1 
ATOM   44  O  "O5'" . DG  A 1 3  ? -0.442  1.700   10.394  1.00 4.47  ? 6   DG  A "O5'" 1 
ATOM   45  C  "C5'" . DG  A 1 3  ? 0.367   1.114   11.430  1.00 5.01  ? 6   DG  A "C5'" 1 
ATOM   46  C  "C4'" . DG  A 1 3  ? 1.012   -0.162  10.949  1.00 5.44  ? 6   DG  A "C4'" 1 
ATOM   47  O  "O4'" . DG  A 1 3  ? -0.020  -1.136  10.715  1.00 5.62  ? 6   DG  A "O4'" 1 
ATOM   48  C  "C3'" . DG  A 1 3  ? 1.769   -0.055  9.632   1.00 5.78  ? 6   DG  A "C3'" 1 
ATOM   49  O  "O3'" . DG  A 1 3  ? 3.147   0.222   9.878   1.00 6.28  ? 6   DG  A "O3'" 1 
ATOM   50  C  "C2'" . DG  A 1 3  ? 1.637   -1.447  9.058   1.00 5.81  ? 6   DG  A "C2'" 1 
ATOM   51  C  "C1'" . DG  A 1 3  ? 0.309   -1.931  9.590   1.00 5.78  ? 6   DG  A "C1'" 1 
ATOM   52  N  N9    . DG  A 1 3  ? -0.782  -1.835  8.636   1.00 5.81  ? 6   DG  A N9    1 
ATOM   53  C  C8    . DG  A 1 3  ? -1.735  -0.851  8.521   1.00 5.82  ? 6   DG  A C8    1 
ATOM   54  N  N7    . DG  A 1 3  ? -2.590  -1.078  7.561   1.00 5.85  ? 6   DG  A N7    1 
ATOM   55  C  C5    . DG  A 1 3  ? -2.186  -2.293  7.023   1.00 5.90  ? 6   DG  A C5    1 
ATOM   56  C  C6    . DG  A 1 3  ? -2.733  -3.059  5.958   1.00 5.95  ? 6   DG  A C6    1 
ATOM   57  O  O6    . DG  A 1 3  ? -3.712  -2.806  5.250   1.00 5.92  ? 6   DG  A O6    1 
ATOM   58  N  N1    . DG  A 1 3  ? -2.002  -4.223  5.739   1.00 6.00  ? 6   DG  A N1    1 
ATOM   59  C  C2    . DG  A 1 3  ? -0.886  -4.600  6.447   1.00 6.06  ? 6   DG  A C2    1 
ATOM   60  N  N2    . DG  A 1 3  ? -0.319  -5.762  6.091   1.00 6.11  ? 6   DG  A N2    1 
ATOM   61  N  N3    . DG  A 1 3  ? -0.377  -3.902  7.445   1.00 5.98  ? 6   DG  A N3    1 
ATOM   62  C  C4    . DG  A 1 3  ? -1.067  -2.765  7.673   1.00 5.88  ? 6   DG  A C4    1 
ATOM   63  P  P     . DG  A 1 4  ? 4.126   0.572   8.667   1.00 6.81  ? 7   DG  A P     1 
ATOM   64  O  OP1   . DG  A 1 4  ? 5.395   1.079   9.255   1.00 6.81  ? 7   DG  A OP1   1 
ATOM   65  O  OP2   . DG  A 1 4  ? 3.378   1.407   7.681   1.00 6.77  ? 7   DG  A OP2   1 
ATOM   66  O  "O5'" . DG  A 1 4  ? 4.403   -0.848  7.999   1.00 7.35  ? 7   DG  A "O5'" 1 
ATOM   67  C  "C5'" . DG  A 1 4  ? 5.184   -1.875  8.645   1.00 7.94  ? 7   DG  A "C5'" 1 
ATOM   68  C  "C4'" . DG  A 1 4  ? 5.449   -3.011  7.682   1.00 8.37  ? 7   DG  A "C4'" 1 
ATOM   69  O  "O4'" . DG  A 1 4  ? 4.203   -3.447  7.090   1.00 8.39  ? 7   DG  A "O4'" 1 
ATOM   70  C  "C3'" . DG  A 1 4  ? 6.366   -2.650  6.513   1.00 8.76  ? 7   DG  A "C3'" 1 
ATOM   71  O  "O3'" . DG  A 1 4  ? 7.243   -3.727  6.143   1.00 9.54  ? 7   DG  A "O3'" 1 
ATOM   72  C  "C2'" . DG  A 1 4  ? 5.391   -2.292  5.409   1.00 8.63  ? 7   DG  A "C2'" 1 
ATOM   73  C  "C1'" . DG  A 1 4  ? 4.187   -3.172  5.698   1.00 8.41  ? 7   DG  A "C1'" 1 
ATOM   74  N  N9    . DG  A 1 4  ? 2.918   -2.532  5.385   1.00 8.23  ? 7   DG  A N9    1 
ATOM   75  C  C8    . DG  A 1 4  ? 2.463   -1.323  5.848   1.00 8.13  ? 7   DG  A C8    1 
ATOM   76  N  N7    . DG  A 1 4  ? 1.278   -1.015  5.400   1.00 8.14  ? 7   DG  A N7    1 
ATOM   77  C  C5    . DG  A 1 4  ? 0.939   -2.076  4.573   1.00 8.13  ? 7   DG  A C5    1 
ATOM   78  C  C6    . DG  A 1 4  ? -0.225  -2.298  3.793   1.00 8.11  ? 7   DG  A C6    1 
ATOM   79  O  O6    . DG  A 1 4  ? -1.225  -1.580  3.676   1.00 8.04  ? 7   DG  A O6    1 
ATOM   80  N  N1    . DG  A 1 4  ? -0.154  -3.505  3.104   1.00 8.16  ? 7   DG  A N1    1 
ATOM   81  C  C2    . DG  A 1 4  ? 0.902   -4.383  3.157   1.00 8.22  ? 7   DG  A C2    1 
ATOM   82  N  N2    . DG  A 1 4  ? 0.787   -5.498  2.426   1.00 8.33  ? 7   DG  A N2    1 
ATOM   83  N  N3    . DG  A 1 4  ? 1.992   -4.184  3.875   1.00 8.18  ? 7   DG  A N3    1 
ATOM   84  C  C4    . DG  A 1 4  ? 1.944   -3.019  4.552   1.00 8.17  ? 7   DG  A C4    1 
ATOM   85  P  P     . DA  A 1 5  ? 8.363   -3.514  5.000   1.00 10.29 ? 8   DA  A P     1 
ATOM   86  O  OP1   . DA  A 1 5  ? 9.519   -4.387  5.326   1.00 10.29 ? 8   DA  A OP1   1 
ATOM   87  O  OP2   . DA  A 1 5  ? 8.573   -2.058  4.824   1.00 10.34 ? 8   DA  A OP2   1 
ATOM   88  O  "O5'" . DA  A 1 5  ? 7.646   -4.048  3.682   1.00 10.90 ? 8   DA  A "O5'" 1 
ATOM   89  C  "C5'" . DA  A 1 5  ? 6.690   -5.115  3.764   1.00 11.76 ? 8   DA  A "C5'" 1 
ATOM   90  C  "C4'" . DA  A 1 5  ? 6.585   -5.849  2.451   1.00 12.46 ? 8   DA  A "C4'" 1 
ATOM   91  O  "O4'" . DA  A 1 5  ? 5.283   -5.604  1.869   1.00 12.68 ? 8   DA  A "O4'" 1 
ATOM   92  C  "C3'" . DA  A 1 5  ? 7.590   -5.443  1.382   1.00 13.00 ? 8   DA  A "C3'" 1 
ATOM   93  O  "O3'" . DA  A 1 5  ? 7.824   -6.595  0.565   1.00 13.96 ? 8   DA  A "O3'" 1 
ATOM   94  C  "C2'" . DA  A 1 5  ? 6.867   -4.323  0.658   1.00 12.92 ? 8   DA  A "C2'" 1 
ATOM   95  C  "C1'" . DA  A 1 5  ? 5.396   -4.727  0.756   1.00 12.74 ? 8   DA  A "C1'" 1 
ATOM   96  N  N9    . DA  A 1 5  ? 4.467   -3.624  0.976   1.00 12.60 ? 8   DA  A N9    1 
ATOM   97  C  C8    . DA  A 1 5  ? 4.639   -2.566  1.833   1.00 12.60 ? 8   DA  A C8    1 
ATOM   98  N  N7    . DA  A 1 5  ? 3.635   -1.726  1.842   1.00 12.61 ? 8   DA  A N7    1 
ATOM   99  C  C5    . DA  A 1 5  ? 2.726   -2.281  0.953   1.00 12.46 ? 8   DA  A C5    1 
ATOM   100 C  C6    . DA  A 1 5  ? 1.452   -1.871  0.526   1.00 12.34 ? 8   DA  A C6    1 
ATOM   101 N  N6    . DA  A 1 5  ? 0.850   -0.762  0.958   1.00 12.30 ? 8   DA  A N6    1 
ATOM   102 N  N1    . DA  A 1 5  ? 0.809   -2.651  -0.371  1.00 12.31 ? 8   DA  A N1    1 
ATOM   103 C  C2    . DA  A 1 5  ? 1.416   -3.766  -0.803  1.00 12.37 ? 8   DA  A C2    1 
ATOM   104 N  N3    . DA  A 1 5  ? 2.611   -4.256  -0.474  1.00 12.47 ? 8   DA  A N3    1 
ATOM   105 C  C4    . DA  A 1 5  ? 3.223   -3.456  0.417   1.00 12.50 ? 8   DA  A C4    1 
ATOM   106 P  P     . DT  A 1 6  ? 8.952   -6.590  -0.566  1.00 14.85 ? 9   DT  A P     1 
ATOM   107 O  OP1   . DT  A 1 6  ? 9.381   -8.004  -0.777  1.00 14.89 ? 9   DT  A OP1   1 
ATOM   108 O  OP2   . DT  A 1 6  ? 9.967   -5.551  -0.216  1.00 14.79 ? 9   DT  A OP2   1 
ATOM   109 O  "O5'" . DT  A 1 6  ? 8.149   -6.126  -1.860  1.00 14.83 ? 9   DT  A "O5'" 1 
ATOM   110 C  "C5'" . DT  A 1 6  ? 7.254   -7.031  -2.514  1.00 15.01 ? 9   DT  A "C5'" 1 
ATOM   111 C  "C4'" . DT  A 1 6  ? 6.450   -6.294  -3.559  1.00 15.35 ? 9   DT  A "C4'" 1 
ATOM   112 O  "O4'" . DT  A 1 6  ? 5.619   -5.286  -2.931  1.00 15.48 ? 9   DT  A "O4'" 1 
ATOM   113 C  "C3'" . DT  A 1 6  ? 7.270   -5.551  -4.626  1.00 15.58 ? 9   DT  A "C3'" 1 
ATOM   114 O  "O3'" . DT  A 1 6  ? 6.719   -5.826  -5.928  1.00 15.82 ? 9   DT  A "O3'" 1 
ATOM   115 C  "C2'" . DT  A 1 6  ? 7.039   -4.090  -4.285  1.00 15.47 ? 9   DT  A "C2'" 1 
ATOM   116 C  "C1'" . DT  A 1 6  ? 5.607   -4.184  -3.815  1.00 15.36 ? 9   DT  A "C1'" 1 
ATOM   117 N  N1    . DT  A 1 6  ? 5.027   -3.015  -3.119  1.00 15.09 ? 9   DT  A N1    1 
ATOM   118 C  C2    . DT  A 1 6  ? 3.781   -2.589  -3.527  1.00 14.85 ? 9   DT  A C2    1 
ATOM   119 O  O2    . DT  A 1 6  ? 3.144   -3.140  -4.409  1.00 14.62 ? 9   DT  A O2    1 
ATOM   120 N  N3    . DT  A 1 6  ? 3.304   -1.489  -2.859  1.00 14.76 ? 9   DT  A N3    1 
ATOM   121 C  C4    . DT  A 1 6  ? 3.935   -0.790  -1.846  1.00 14.79 ? 9   DT  A C4    1 
ATOM   122 O  O4    . DT  A 1 6  ? 3.379   0.178   -1.333  1.00 14.61 ? 9   DT  A O4    1 
ATOM   123 C  C5    . DT  A 1 6  ? 5.237   -1.293  -1.464  1.00 14.91 ? 9   DT  A C5    1 
ATOM   124 C  C7    . DT  A 1 6  ? 6.000   -0.593  -0.384  1.00 14.92 ? 9   DT  A C7    1 
ATOM   125 C  C6    . DT  A 1 6  ? 5.714   -2.363  -2.116  1.00 14.99 ? 9   DT  A C6    1 
ATOM   126 P  P     . DC  A 1 7  ? 7.612   -5.688  -7.265  1.00 15.84 ? 10  DC  A P     1 
ATOM   127 O  OP1   . DC  A 1 7  ? 6.771   -6.119  -8.417  1.00 15.77 ? 10  DC  A OP1   1 
ATOM   128 O  OP2   . DC  A 1 7  ? 8.916   -6.370  -7.021  1.00 15.92 ? 10  DC  A OP2   1 
ATOM   129 O  "O5'" . DC  A 1 7  ? 7.907   -4.123  -7.340  1.00 15.00 ? 10  DC  A "O5'" 1 
ATOM   130 C  "C5'" . DC  A 1 7  ? 7.478   -3.314  -8.450  1.00 14.17 ? 10  DC  A "C5'" 1 
ATOM   131 C  "C4'" . DC  A 1 7  ? 5.971   -3.219  -8.503  1.00 13.54 ? 10  DC  A "C4'" 1 
ATOM   132 O  "O4'" . DC  A 1 7  ? 5.407   -3.031  -7.183  1.00 13.35 ? 10  DC  A "O4'" 1 
ATOM   133 C  "C3'" . DC  A 1 7  ? 5.451   -2.042  -9.314  1.00 13.06 ? 10  DC  A "C3'" 1 
ATOM   134 O  "O3'" . DC  A 1 7  ? 5.404   -2.340  -10.709 1.00 12.17 ? 10  DC  A "O3'" 1 
ATOM   135 C  "C2'" . DC  A 1 7  ? 4.059   -1.867  -8.751  1.00 13.19 ? 10  DC  A "C2'" 1 
ATOM   136 C  "C1'" . DC  A 1 7  ? 4.242   -2.201  -7.273  1.00 13.31 ? 10  DC  A "C1'" 1 
ATOM   137 N  N1    . DC  A 1 7  ? 4.428   -1.024  -6.389  1.00 13.23 ? 10  DC  A N1    1 
ATOM   138 C  C2    . DC  A 1 7  ? 3.380   -0.094  -6.259  1.00 13.11 ? 10  DC  A C2    1 
ATOM   139 O  O2    . DC  A 1 7  ? 2.323   -0.283  -6.885  1.00 12.96 ? 10  DC  A O2    1 
ATOM   140 N  N3    . DC  A 1 7  ? 3.549   0.983   -5.456  1.00 13.03 ? 10  DC  A N3    1 
ATOM   141 C  C4    . DC  A 1 7  ? 4.702   1.154   -4.802  1.00 13.01 ? 10  DC  A C4    1 
ATOM   142 N  N4    . DC  A 1 7  ? 4.826   2.229   -4.023  1.00 13.01 ? 10  DC  A N4    1 
ATOM   143 C  C5    . DC  A 1 7  ? 5.780   0.227   -4.917  1.00 13.12 ? 10  DC  A C5    1 
ATOM   144 C  C6    . DC  A 1 7  ? 5.602   -0.837  -5.712  1.00 13.17 ? 10  DC  A C6    1 
ATOM   145 P  P     . DC  A 1 8  ? 5.249   -1.151  -11.767 1.00 11.41 ? 11  DC  A P     1 
ATOM   146 O  OP1   . DC  A 1 8  ? 5.061   -1.748  -13.126 1.00 11.44 ? 11  DC  A OP1   1 
ATOM   147 O  OP2   . DC  A 1 8  ? 6.329   -0.156  -11.514 1.00 11.37 ? 11  DC  A OP2   1 
ATOM   148 O  "O5'" . DC  A 1 8  ? 3.851   -0.504  -11.388 1.00 10.12 ? 11  DC  A "O5'" 1 
ATOM   149 C  "C5'" . DC  A 1 8  ? 3.183   0.318   -12.336 1.00 9.03  ? 11  DC  A "C5'" 1 
ATOM   150 C  "C4'" . DC  A 1 8  ? 2.179   1.175   -11.611 1.00 8.37  ? 11  DC  A "C4'" 1 
ATOM   151 O  "O4'" . DC  A 1 8  ? 2.435   1.200   -10.193 1.00 8.19  ? 11  DC  A "O4'" 1 
ATOM   152 C  "C3'" . DC  A 1 8  ? 2.194   2.639   -11.993 1.00 7.86  ? 11  DC  A "C3'" 1 
ATOM   153 O  "O3'" . DC  A 1 8  ? 1.539   2.826   -13.240 1.00 7.09  ? 11  DC  A "O3'" 1 
ATOM   154 C  "C2'" . DC  A 1 8  ? 1.429   3.258   -10.848 1.00 7.94  ? 11  DC  A "C2'" 1 
ATOM   155 C  "C1'" . DC  A 1 8  ? 1.823   2.378   -9.660  1.00 7.99  ? 11  DC  A "C1'" 1 
ATOM   156 N  N1    . DC  A 1 8  ? 2.762   3.009   -8.723  1.00 7.86  ? 11  DC  A N1    1 
ATOM   157 C  C2    . DC  A 1 8  ? 2.355   4.166   -8.048  1.00 7.80  ? 11  DC  A C2    1 
ATOM   158 O  O2    . DC  A 1 8  ? 1.218   4.610   -8.252  1.00 7.80  ? 11  DC  A O2    1 
ATOM   159 N  N3    . DC  A 1 8  ? 3.205   4.760   -7.180  1.00 7.81  ? 11  DC  A N3    1 
ATOM   160 C  C4    . DC  A 1 8  ? 4.420   4.245   -6.978  1.00 7.81  ? 11  DC  A C4    1 
ATOM   161 N  N4    . DC  A 1 8  ? 5.230   4.863   -6.114  1.00 7.79  ? 11  DC  A N4    1 
ATOM   162 C  C5    . DC  A 1 8  ? 4.861   3.070   -7.655  1.00 7.83  ? 11  DC  A C5    1 
ATOM   163 C  C6    . DC  A 1 8  ? 4.009   2.489   -8.510  1.00 7.82  ? 11  DC  A C6    1 
ATOM   164 P  P     . DC  A 1 9  ? 2.324   3.498   -14.436 1.00 6.47  ? 12  DC  A P     1 
ATOM   165 O  OP1   . DC  A 1 9  ? 1.985   2.753   -15.687 1.00 6.49  ? 12  DC  A OP1   1 
ATOM   166 O  OP2   . DC  A 1 9  ? 3.747   3.641   -14.021 1.00 6.46  ? 12  DC  A OP2   1 
ATOM   167 O  "O5'" . DC  A 1 9  ? 1.651   4.937   -14.538 1.00 5.74  ? 12  DC  A "O5'" 1 
ATOM   168 C  "C5'" . DC  A 1 9  ? 0.228   5.062   -14.580 1.00 5.10  ? 12  DC  A "C5'" 1 
ATOM   169 C  "C4'" . DC  A 1 9  ? -0.182  6.310   -13.839 1.00 4.67  ? 12  DC  A "C4'" 1 
ATOM   170 O  "O4'" . DC  A 1 9  ? 0.386   6.291   -12.503 1.00 4.49  ? 12  DC  A "O4'" 1 
ATOM   171 C  "C3'" . DC  A 1 9  ? 0.321   7.600   -14.495 1.00 4.38  ? 12  DC  A "C3'" 1 
ATOM   172 O  "O3'" . DC  A 1 9  ? -0.679  8.627   -14.562 1.00 4.09  ? 12  DC  A "O3'" 1 
ATOM   173 C  "C2'" . DC  A 1 9  ? 1.431   8.036   -13.565 1.00 4.33  ? 12  DC  A "C2'" 1 
ATOM   174 C  "C1'" . DC  A 1 9  ? 0.842   7.601   -12.248 1.00 4.32  ? 12  DC  A "C1'" 1 
ATOM   175 N  N1    . DC  A 1 9  ? 1.806   7.563   -11.142 1.00 4.19  ? 12  DC  A N1    1 
ATOM   176 C  C2    . DC  A 1 9  ? 1.753   8.565   -10.163 1.00 4.11  ? 12  DC  A C2    1 
ATOM   177 O  O2    . DC  A 1 9  ? 0.855   9.417   -10.223 1.00 4.08  ? 12  DC  A O2    1 
ATOM   178 N  N3    . DC  A 1 9  ? 2.668   8.566   -9.170  1.00 4.07  ? 12  DC  A N3    1 
ATOM   179 C  C4    . DC  A 1 9  ? 3.618   7.628   -9.139  1.00 4.07  ? 12  DC  A C4    1 
ATOM   180 N  N4    . DC  A 1 9  ? 4.498   7.660   -8.137  1.00 4.05  ? 12  DC  A N4    1 
ATOM   181 C  C5    . DC  A 1 9  ? 3.710   6.613   -10.136 1.00 4.10  ? 12  DC  A C5    1 
ATOM   182 C  C6    . DC  A 1 9  ? 2.799   6.625   -11.115 1.00 4.14  ? 12  DC  A C6    1 
ATOM   183 P  P     . DT  A 1 10 ? -0.413  9.949   -15.441 1.00 3.85  ? 13  DT  A P     1 
ATOM   184 O  OP1   . DT  A 1 10 ? -1.728  10.563  -15.778 1.00 3.85  ? 13  DT  A OP1   1 
ATOM   185 O  OP2   . DT  A 1 10 ? 0.540   9.599   -16.525 1.00 3.85  ? 13  DT  A OP2   1 
ATOM   186 O  "O5'" . DT  A 1 10 ? 0.338   10.927  -14.431 1.00 3.62  ? 13  DT  A "O5'" 1 
ATOM   187 C  "C5'" . DT  A 1 10 ? -0.204  11.222  -13.126 1.00 3.41  ? 13  DT  A "C5'" 1 
ATOM   188 C  "C4'" . DT  A 1 10 ? 0.010   12.672  -12.751 1.00 3.28  ? 13  DT  A "C4'" 1 
ATOM   189 O  "O4'" . DT  A 1 10 ? 0.993   12.761  -11.696 1.00 3.21  ? 13  DT  A "O4'" 1 
ATOM   190 C  "C3'" . DT  A 1 10 ? 0.526   13.583  -13.860 1.00 3.21  ? 13  DT  A "C3'" 1 
ATOM   191 O  "O3'" . DT  A 1 10 ? 0.031   14.913  -13.678 1.00 3.21  ? 13  DT  A "O3'" 1 
ATOM   192 C  "C2'" . DT  A 1 10 ? 2.034   13.490  -13.702 1.00 3.17  ? 13  DT  A "C2'" 1 
ATOM   193 C  "C1'" . DT  A 1 10 ? 2.230   13.239  -12.205 1.00 3.15  ? 13  DT  A "C1'" 1 
ATOM   194 N  N1    . DT  A 1 10 ? 3.287   12.277  -11.803 1.00 3.07  ? 13  DT  A N1    1 
ATOM   195 C  C2    . DT  A 1 10 ? 3.966   12.544  -10.636 1.00 3.04  ? 13  DT  A C2    1 
ATOM   196 O  O2    . DT  A 1 10 ? 3.752   13.529  -9.952  1.00 3.06  ? 13  DT  A O2    1 
ATOM   197 N  N3    . DT  A 1 10 ? 4.917   11.614  -10.303 1.00 3.01  ? 13  DT  A N3    1 
ATOM   198 C  C4    . DT  A 1 10 ? 5.246   10.468  -10.998 1.00 3.01  ? 13  DT  A C4    1 
ATOM   199 O  O4    . DT  A 1 10 ? 6.128   9.727   -10.573 1.00 3.00  ? 13  DT  A O4    1 
ATOM   200 C  C5    . DT  A 1 10 ? 4.490   10.245  -12.207 1.00 3.01  ? 13  DT  A C5    1 
ATOM   201 C  C7    . DT  A 1 10 ? 4.788   9.033   -13.033 1.00 3.00  ? 13  DT  A C7    1 
ATOM   202 C  C6    . DT  A 1 10 ? 3.555   11.144  -12.541 1.00 3.03  ? 13  DT  A C6    1 
ATOM   203 O  "O5'" . DA  B 1 1  ? 11.008  13.037  -2.045  1.00 2.82  ? -2  DA  B "O5'" 1 
ATOM   204 C  "C5'" . DA  B 1 1  ? 10.924  14.434  -1.695  1.00 2.82  ? -2  DA  B "C5'" 1 
ATOM   205 C  "C4'" . DA  B 1 1  ? 9.962   15.171  -2.599  1.00 2.82  ? -2  DA  B "C4'" 1 
ATOM   206 O  "O4'" . DA  B 1 1  ? 10.279  14.941  -3.990  1.00 2.81  ? -2  DA  B "O4'" 1 
ATOM   207 C  "C3'" . DA  B 1 1  ? 8.498   14.775  -2.466  1.00 2.84  ? -2  DA  B "C3'" 1 
ATOM   208 O  "O3'" . DA  B 1 1  ? 7.901   15.438  -1.346  1.00 2.88  ? -2  DA  B "O3'" 1 
ATOM   209 C  "C2'" . DA  B 1 1  ? 7.934   15.227  -3.798  1.00 2.82  ? -2  DA  B "C2'" 1 
ATOM   210 C  "C1'" . DA  B 1 1  ? 9.082   14.948  -4.761  1.00 2.80  ? -2  DA  B "C1'" 1 
ATOM   211 N  N9    . DA  B 1 1  ? 8.977   13.664  -5.448  1.00 2.78  ? -2  DA  B N9    1 
ATOM   212 C  C8    . DA  B 1 1  ? 9.726   12.526  -5.280  1.00 2.78  ? -2  DA  B C8    1 
ATOM   213 N  N7    . DA  B 1 1  ? 9.370   11.539  -6.065  1.00 2.77  ? -2  DA  B N7    1 
ATOM   214 C  C5    . DA  B 1 1  ? 8.315   12.062  -6.800  1.00 2.77  ? -2  DA  B C5    1 
ATOM   215 C  C6    . DA  B 1 1  ? 7.501   11.516  -7.807  1.00 2.77  ? -2  DA  B C6    1 
ATOM   216 N  N6    . DA  B 1 1  ? 7.627   10.271  -8.267  1.00 2.77  ? -2  DA  B N6    1 
ATOM   217 N  N1    . DA  B 1 1  ? 6.537   12.304  -8.331  1.00 2.77  ? -2  DA  B N1    1 
ATOM   218 C  C2    . DA  B 1 1  ? 6.412   13.557  -7.871  1.00 2.77  ? -2  DA  B C2    1 
ATOM   219 N  N3    . DA  B 1 1  ? 7.117   14.181  -6.929  1.00 2.77  ? -2  DA  B N3    1 
ATOM   220 C  C4    . DA  B 1 1  ? 8.062   13.369  -6.427  1.00 2.77  ? -2  DA  B C4    1 
ATOM   221 P  P     . DG  B 1 2  ? 6.703   14.748  -0.527  1.00 2.93  ? -1  DG  B P     1 
ATOM   222 O  OP1   . DG  B 1 2  ? 6.532   15.514  0.739   1.00 2.92  ? -1  DG  B OP1   1 
ATOM   223 O  OP2   . DG  B 1 2  ? 6.937   13.273  -0.485  1.00 2.92  ? -1  DG  B OP2   1 
ATOM   224 O  "O5'" . DG  B 1 2  ? 5.433   15.046  -1.435  1.00 2.97  ? -1  DG  B "O5'" 1 
ATOM   225 C  "C5'" . DG  B 1 2  ? 5.026   16.398  -1.682  1.00 3.02  ? -1  DG  B "C5'" 1 
ATOM   226 C  "C4'" . DG  B 1 2  ? 3.945   16.422  -2.735  1.00 3.08  ? -1  DG  B "C4'" 1 
ATOM   227 O  "O4'" . DG  B 1 2  ? 4.474   15.931  -3.985  1.00 3.09  ? -1  DG  B "O4'" 1 
ATOM   228 C  "C3'" . DG  B 1 2  ? 2.748   15.526  -2.449  1.00 3.14  ? -1  DG  B "C3'" 1 
ATOM   229 O  "O3'" . DG  B 1 2  ? 1.826   16.156  -1.555  1.00 3.27  ? -1  DG  B "O3'" 1 
ATOM   230 C  "C2'" . DG  B 1 2  ? 2.206   15.282  -3.844  1.00 3.13  ? -1  DG  B "C2'" 1 
ATOM   231 C  "C1'" . DG  B 1 2  ? 3.483   15.162  -4.664  1.00 3.10  ? -1  DG  B "C1'" 1 
ATOM   232 N  N9    . DG  B 1 2  ? 3.988   13.802  -4.796  1.00 3.08  ? -1  DG  B N9    1 
ATOM   233 C  C8    . DG  B 1 2  ? 4.930   13.195  -4.001  1.00 3.07  ? -1  DG  B C8    1 
ATOM   234 N  N7    . DG  B 1 2  ? 5.201   11.974  -4.368  1.00 3.07  ? -1  DG  B N7    1 
ATOM   235 C  C5    . DG  B 1 2  ? 4.384   11.757  -5.469  1.00 3.07  ? -1  DG  B C5    1 
ATOM   236 C  C6    . DG  B 1 2  ? 4.240   10.613  -6.288  1.00 3.08  ? -1  DG  B C6    1 
ATOM   237 O  O6    . DG  B 1 2  ? 4.819   9.525   -6.201  1.00 3.08  ? -1  DG  B O6    1 
ATOM   238 N  N1    . DG  B 1 2  ? 3.294   10.816  -7.288  1.00 3.09  ? -1  DG  B N1    1 
ATOM   239 C  C2    . DG  B 1 2  ? 2.588   11.977  -7.481  1.00 3.12  ? -1  DG  B C2    1 
ATOM   240 N  N2    . DG  B 1 2  ? 1.725   11.980  -8.508  1.00 3.14  ? -1  DG  B N2    1 
ATOM   241 N  N3    . DG  B 1 2  ? 2.718   13.056  -6.725  1.00 3.10  ? -1  DG  B N3    1 
ATOM   242 C  C4    . DG  B 1 2  ? 3.627   12.876  -5.744  1.00 3.07  ? -1  DG  B C4    1 
ATOM   243 P  P     . DG  B 1 3  ? 1.110   15.299  -0.406  1.00 3.43  ? 0   DG  B P     1 
ATOM   244 O  OP1   . DG  B 1 3  ? 0.461   16.248  0.536   1.00 3.43  ? 0   DG  B OP1   1 
ATOM   245 O  OP2   . DG  B 1 3  ? 2.084   14.286  0.101   1.00 3.42  ? 0   DG  B OP2   1 
ATOM   246 O  "O5'" . DG  B 1 3  ? -0.088  14.600  -1.183  1.00 3.63  ? 0   DG  B "O5'" 1 
ATOM   247 C  "C5'" . DG  B 1 3  ? -0.329  13.190  -1.080  1.00 3.83  ? 0   DG  B "C5'" 1 
ATOM   248 C  "C4'" . DG  B 1 3  ? -0.825  12.681  -2.411  1.00 3.99  ? 0   DG  B "C4'" 1 
ATOM   249 O  "O4'" . DG  B 1 3  ? 0.278   12.649  -3.343  1.00 4.00  ? 0   DG  B "O4'" 1 
ATOM   250 C  "C3'" . DG  B 1 3  ? -1.375  11.259  -2.398  1.00 4.16  ? 0   DG  B "C3'" 1 
ATOM   251 O  "O3'" . DG  B 1 3  ? -2.771  11.231  -2.076  1.00 4.49  ? 0   DG  B "O3'" 1 
ATOM   252 C  "C2'" . DG  B 1 3  ? -1.129  10.825  -3.826  1.00 4.12  ? 0   DG  B "C2'" 1 
ATOM   253 C  "C1'" . DG  B 1 3  ? 0.216   11.465  -4.126  1.00 4.02  ? 0   DG  B "C1'" 1 
ATOM   254 N  N9    . DG  B 1 3  ? 1.358   10.625  -3.775  1.00 3.94  ? 0   DG  B N9    1 
ATOM   255 C  C8    . DG  B 1 3  ? 2.272   10.819  -2.768  1.00 3.91  ? 0   DG  B C8    1 
ATOM   256 N  N7    . DG  B 1 3  ? 3.176   9.882   -2.713  1.00 3.91  ? 0   DG  B N7    1 
ATOM   257 C  C5    . DG  B 1 3  ? 2.832   9.010   -3.736  1.00 3.88  ? 0   DG  B C5    1 
ATOM   258 C  C6    . DG  B 1 3  ? 3.446   7.801   -4.166  1.00 3.87  ? 0   DG  B C6    1 
ATOM   259 O  O6    . DG  B 1 3  ? 4.454   7.243   -3.715  1.00 3.85  ? 0   DG  B O6    1 
ATOM   260 N  N1    . DG  B 1 3  ? 2.770   7.241   -5.245  1.00 3.87  ? 0   DG  B N1    1 
ATOM   261 C  C2    . DG  B 1 3  ? 1.650   7.771   -5.836  1.00 3.87  ? 0   DG  B C2    1 
ATOM   262 N  N2    . DG  B 1 3  ? 1.137   7.082   -6.865  1.00 3.88  ? 0   DG  B N2    1 
ATOM   263 N  N3    . DG  B 1 3  ? 1.074   8.897   -5.450  1.00 3.88  ? 0   DG  B N3    1 
ATOM   264 C  C4    . DG  B 1 3  ? 1.712   9.457   -4.401  1.00 3.89  ? 0   DG  B C4    1 
ATOM   265 P  P     . DG  B 1 4  ? -3.442  9.910   -1.474  1.00 4.80  ? 1   DG  B P     1 
ATOM   266 O  OP1   . DG  B 1 4  ? -4.866  10.221  -1.191  1.00 4.79  ? 1   DG  B OP1   1 
ATOM   267 O  OP2   . DG  B 1 4  ? -2.562  9.394   -0.391  1.00 4.80  ? 1   DG  B OP2   1 
ATOM   268 O  "O5'" . DG  B 1 4  ? -3.370  8.875   -2.682  1.00 5.17  ? 1   DG  B "O5'" 1 
ATOM   269 C  "C5'" . DG  B 1 4  ? -4.073  9.129   -3.911  1.00 5.64  ? 1   DG  B "C5'" 1 
ATOM   270 C  "C4'" . DG  B 1 4  ? -3.984  7.938   -4.833  1.00 5.98  ? 1   DG  B "C4'" 1 
ATOM   271 O  "O4'" . DG  B 1 4  ? -2.628  7.746   -5.291  1.00 6.10  ? 1   DG  B "O4'" 1 
ATOM   272 C  "C3'" . DG  B 1 4  ? -4.363  6.610   -4.200  1.00 6.29  ? 1   DG  B "C3'" 1 
ATOM   273 O  "O3'" . DG  B 1 4  ? -5.777  6.443   -4.251  1.00 6.79  ? 1   DG  B "O3'" 1 
ATOM   274 C  "C2'" . DG  B 1 4  ? -3.658  5.621   -5.100  1.00 6.27  ? 1   DG  B "C2'" 1 
ATOM   275 C  "C1'" . DG  B 1 4  ? -2.380  6.354   -5.479  1.00 6.16  ? 1   DG  B "C1'" 1 
ATOM   276 N  N9    . DG  B 1 4  ? -1.239  5.987   -4.655  1.00 6.02  ? 1   DG  B N9    1 
ATOM   277 C  C8    . DG  B 1 4  ? -0.780  6.655   -3.547  1.00 5.97  ? 1   DG  B C8    1 
ATOM   278 N  N7    . DG  B 1 4  ? 0.261   6.088   -3.003  1.00 5.94  ? 1   DG  B N7    1 
ATOM   279 C  C5    . DG  B 1 4  ? 0.493   4.971   -3.789  1.00 5.94  ? 1   DG  B C5    1 
ATOM   280 C  C6    . DG  B 1 4  ? 1.489   3.970   -3.685  1.00 5.94  ? 1   DG  B C6    1 
ATOM   281 O  O6    . DG  B 1 4  ? 2.391   3.870   -2.847  1.00 5.91  ? 1   DG  B O6    1 
ATOM   282 N  N1    . DG  B 1 4  ? 1.368   3.019   -4.693  1.00 5.98  ? 1   DG  B N1    1 
ATOM   283 C  C2    . DG  B 1 4  ? 0.406   3.027   -5.675  1.00 6.01  ? 1   DG  B C2    1 
ATOM   284 N  N2    . DG  B 1 4  ? 0.451   2.021   -6.564  1.00 6.02  ? 1   DG  B N2    1 
ATOM   285 N  N3    . DG  B 1 4  ? -0.525  3.964   -5.787  1.00 6.00  ? 1   DG  B N3    1 
ATOM   286 C  C4    . DG  B 1 4  ? -0.426  4.893   -4.813  1.00 5.97  ? 1   DG  B C4    1 
ATOM   287 P  P     . DA  B 1 5  ? -6.466  5.293   -3.406  1.00 7.30  ? 2   DA  B P     1 
ATOM   288 O  OP1   . DA  B 1 5  ? -7.938  5.473   -3.526  1.00 7.25  ? 2   DA  B OP1   1 
ATOM   289 O  OP2   . DA  B 1 5  ? -5.819  5.239   -2.069  1.00 7.30  ? 2   DA  B OP2   1 
ATOM   290 O  "O5'" . DA  B 1 5  ? -5.988  3.966   -4.136  1.00 7.88  ? 2   DA  B "O5'" 1 
ATOM   291 C  "C5'" . DA  B 1 5  ? -6.542  3.573   -5.397  1.00 8.66  ? 2   DA  B "C5'" 1 
ATOM   292 C  "C4'" . DA  B 1 5  ? -5.776  2.372   -5.888  1.00 9.26  ? 2   DA  B "C4'" 1 
ATOM   293 O  "O4'" . DA  B 1 5  ? -4.402  2.530   -5.483  1.00 9.41  ? 2   DA  B "O4'" 1 
ATOM   294 C  "C3'" . DA  B 1 5  ? -6.245  1.050   -5.282  1.00 9.82  ? 2   DA  B "C3'" 1 
ATOM   295 O  "O3'" . DA  B 1 5  ? -6.812  0.186   -6.268  1.00 10.73 ? 2   DA  B "O3'" 1 
ATOM   296 C  "C2'" . DA  B 1 5  ? -4.998  0.436   -4.676  1.00 9.74  ? 2   DA  B "C2'" 1 
ATOM   297 C  "C1'" . DA  B 1 5  ? -3.852  1.269   -5.194  1.00 9.55  ? 2   DA  B "C1'" 1 
ATOM   298 N  N9    . DA  B 1 5  ? -2.799  1.462   -4.206  1.00 9.54  ? 2   DA  B N9    1 
ATOM   299 C  C8    . DA  B 1 5  ? -2.743  2.394   -3.199  1.00 9.54  ? 2   DA  B C8    1 
ATOM   300 N  N7    . DA  B 1 5  ? -1.664  2.309   -2.459  1.00 9.57  ? 2   DA  B N7    1 
ATOM   301 C  C5    . DA  B 1 5  ? -0.966  1.244   -3.010  1.00 9.63  ? 2   DA  B C5    1 
ATOM   302 C  C6    . DA  B 1 5  ? 0.260   0.643   -2.675  1.00 9.70  ? 2   DA  B C6    1 
ATOM   303 N  N6    . DA  B 1 5  ? 1.027   1.054   -1.664  1.00 9.78  ? 2   DA  B N6    1 
ATOM   304 N  N1    . DA  B 1 5  ? 0.679   -0.399  -3.428  1.00 9.67  ? 2   DA  B N1    1 
ATOM   305 C  C2    . DA  B 1 5  ? -0.097  -0.808  -4.443  1.00 9.69  ? 2   DA  B C2    1 
ATOM   306 N  N3    . DA  B 1 5  ? -1.273  -0.327  -4.852  1.00 9.67  ? 2   DA  B N3    1 
ATOM   307 C  C4    . DA  B 1 5  ? -1.655  0.710   -4.084  1.00 9.61  ? 2   DA  B C4    1 
ATOM   308 P  P     . DT  B 1 6  ? -7.945  -0.846  -5.846  1.00 11.59 ? 3   DT  B P     1 
ATOM   309 O  OP1   . DT  B 1 6  ? -8.590  -1.354  -7.088  1.00 11.60 ? 3   DT  B OP1   1 
ATOM   310 O  OP2   . DT  B 1 6  ? -8.781  -0.202  -4.798  1.00 11.57 ? 3   DT  B OP2   1 
ATOM   311 O  "O5'" . DT  B 1 6  ? -7.105  -2.041  -5.222  1.00 12.29 ? 3   DT  B "O5'" 1 
ATOM   312 C  "C5'" . DT  B 1 6  ? -6.535  -3.019  -6.096  1.00 13.37 ? 3   DT  B "C5'" 1 
ATOM   313 C  "C4'" . DT  B 1 6  ? -5.355  -3.683  -5.430  1.00 14.35 ? 3   DT  B "C4'" 1 
ATOM   314 O  "O4'" . DT  B 1 6  ? -4.532  -2.704  -4.769  1.00 14.44 ? 3   DT  B "O4'" 1 
ATOM   315 C  "C3'" . DT  B 1 6  ? -5.726  -4.683  -4.338  1.00 15.27 ? 3   DT  B "C3'" 1 
ATOM   316 O  "O3'" . DT  B 1 6  ? -5.800  -6.033  -4.813  1.00 16.74 ? 3   DT  B "O3'" 1 
ATOM   317 C  "C2'" . DT  B 1 6  ? -4.607  -4.537  -3.324  1.00 15.04 ? 3   DT  B "C2'" 1 
ATOM   318 C  "C1'" . DT  B 1 6  ? -3.728  -3.426  -3.863  1.00 14.66 ? 3   DT  B "C1'" 1 
ATOM   319 N  N1    . DT  B 1 6  ? -3.248  -2.506  -2.818  1.00 14.52 ? 3   DT  B N1    1 
ATOM   320 C  C2    . DT  B 1 6  ? -1.981  -2.719  -2.320  1.00 14.48 ? 3   DT  B C2    1 
ATOM   321 O  O2    . DT  B 1 6  ? -1.243  -3.598  -2.730  1.00 14.56 ? 3   DT  B O2    1 
ATOM   322 N  N3    . DT  B 1 6  ? -1.598  -1.844  -1.334  1.00 14.39 ? 3   DT  B N3    1 
ATOM   323 C  C4    . DT  B 1 6  ? -2.345  -0.815  -0.794  1.00 14.40 ? 3   DT  B C4    1 
ATOM   324 O  O4    . DT  B 1 6  ? -1.862  -0.110  0.088   1.00 14.32 ? 3   DT  B O4    1 
ATOM   325 C  C5    . DT  B 1 6  ? -3.673  -0.657  -1.353  1.00 14.48 ? 3   DT  B C5    1 
ATOM   326 C  C7    . DT  B 1 6  ? -4.558  0.430   -0.831  1.00 14.51 ? 3   DT  B C7    1 
ATOM   327 C  C6    . DT  B 1 6  ? -4.058  -1.513  -2.311  1.00 14.45 ? 3   DT  B C6    1 
ATOM   328 P  P     . DC  B 1 7  ? -6.731  -7.110  -4.065  1.00 18.16 ? 4   DC  B P     1 
ATOM   329 O  OP1   . DC  B 1 7  ? -7.519  -7.829  -5.106  1.00 18.16 ? 4   DC  B OP1   1 
ATOM   330 O  OP2   . DC  B 1 7  ? -7.432  -6.437  -2.931  1.00 17.91 ? 4   DC  B OP2   1 
ATOM   331 O  "O5'" . DC  B 1 7  ? -5.683  -8.116  -3.415  1.00 18.82 ? 4   DC  B "O5'" 1 
ATOM   332 C  "C5'" . DC  B 1 7  ? -4.408  -8.393  -4.018  1.00 19.85 ? 4   DC  B "C5'" 1 
ATOM   333 C  "C4'" . DC  B 1 7  ? -3.377  -8.599  -2.934  1.00 20.65 ? 4   DC  B "C4'" 1 
ATOM   334 O  "O4'" . DC  B 1 7  ? -2.879  -7.323  -2.484  1.00 20.68 ? 4   DC  B "O4'" 1 
ATOM   335 C  "C3'" . DC  B 1 7  ? -3.901  -9.273  -1.672  1.00 21.32 ? 4   DC  B "C3'" 1 
ATOM   336 O  "O3'" . DC  B 1 7  ? -3.903  -10.697 -1.843  1.00 22.26 ? 4   DC  B "O3'" 1 
ATOM   337 C  "C2'" . DC  B 1 7  ? -2.956  -8.754  -0.603  1.00 21.14 ? 4   DC  B "C2'" 1 
ATOM   338 C  "C1'" . DC  B 1 7  ? -2.369  -7.468  -1.167  1.00 20.51 ? 4   DC  B "C1'" 1 
ATOM   339 N  N1    . DC  B 1 7  ? -2.685  -6.238  -0.409  1.00 19.69 ? 4   DC  B N1    1 
ATOM   340 C  C2    . DC  B 1 7  ? -1.705  -5.701  0.436   1.00 19.17 ? 4   DC  B C2    1 
ATOM   341 O  O2    . DC  B 1 7  ? -0.611  -6.279  0.529   1.00 19.00 ? 4   DC  B O2    1 
ATOM   342 N  N3    . DC  B 1 7  ? -1.974  -4.565  1.125   1.00 18.89 ? 4   DC  B N3    1 
ATOM   343 C  C4    . DC  B 1 7  ? -3.160  -3.965  0.984   1.00 18.70 ? 4   DC  B C4    1 
ATOM   344 N  N4    . DC  B 1 7  ? -3.383  -2.848  1.682   1.00 18.37 ? 4   DC  B N4    1 
ATOM   345 C  C5    . DC  B 1 7  ? -4.177  -4.493  0.134   1.00 18.92 ? 4   DC  B C5    1 
ATOM   346 C  C6    . DC  B 1 7  ? -3.903  -5.627  -0.529  1.00 19.17 ? 4   DC  B C6    1 
ATOM   347 P  P     . DC  B 1 8  ? -4.791  -11.637 -0.887  1.00 23.34 ? 5   DC  B P     1 
ATOM   348 O  OP1   . DC  B 1 8  ? -4.772  -13.006 -1.458  1.00 23.75 ? 5   DC  B OP1   1 
ATOM   349 O  OP2   . DC  B 1 8  ? -6.098  -10.967 -0.614  1.00 22.83 ? 5   DC  B OP2   1 
ATOM   350 O  "O5'" . DC  B 1 8  ? -3.945  -11.670 0.458   1.00 22.37 ? 5   DC  B "O5'" 1 
ATOM   351 C  "C5'" . DC  B 1 8  ? -2.519  -11.891 0.454   1.00 21.67 ? 5   DC  B "C5'" 1 
ATOM   352 C  "C4'" . DC  B 1 8  ? -1.950  -11.439 1.777   1.00 21.08 ? 5   DC  B "C4'" 1 
ATOM   353 O  "O4'" . DC  B 1 8  ? -2.072  -10.002 1.889   1.00 21.20 ? 5   DC  B "O4'" 1 
ATOM   354 C  "C3'" . DC  B 1 8  ? -2.690  -12.031 2.979   1.00 20.42 ? 5   DC  B "C3'" 1 
ATOM   355 O  "O3'" . DC  B 1 8  ? -1.835  -12.865 3.760   1.00 19.10 ? 5   DC  B "O3'" 1 
ATOM   356 C  "C2'" . DC  B 1 8  ? -3.201  -10.828 3.756   1.00 20.63 ? 5   DC  B "C2'" 1 
ATOM   357 C  "C1'" . DC  B 1 8  ? -2.415  -9.649  3.214   1.00 20.77 ? 5   DC  B "C1'" 1 
ATOM   358 N  N1    . DC  B 1 8  ? -3.179  -8.381  3.175   1.00 20.50 ? 5   DC  B N1    1 
ATOM   359 C  C2    . DC  B 1 8  ? -2.702  -7.272  3.888   1.00 19.96 ? 5   DC  B C2    1 
ATOM   360 O  O2    . DC  B 1 8  ? -1.638  -7.374  4.515   1.00 19.88 ? 5   DC  B O2    1 
ATOM   361 N  N3    . DC  B 1 8  ? -3.416  -6.121  3.881   1.00 19.91 ? 5   DC  B N3    1 
ATOM   362 C  C4    . DC  B 1 8  ? -4.562  -6.053  3.198   1.00 20.04 ? 5   DC  B C4    1 
ATOM   363 N  N4    . DC  B 1 8  ? -5.232  -4.898  3.213   1.00 19.89 ? 5   DC  B N4    1 
ATOM   364 C  C5    . DC  B 1 8  ? -5.072  -7.165  2.464   1.00 20.31 ? 5   DC  B C5    1 
ATOM   365 C  C6    . DC  B 1 8  ? -4.362  -8.303  2.491   1.00 20.44 ? 5   DC  B C6    1 
ATOM   366 P  P     . DC  B 1 9  ? -2.428  -13.638 5.023   1.00 17.94 ? 6   DC  B P     1 
ATOM   367 O  OP1   . DC  B 1 9  ? -1.692  -14.922 5.171   1.00 18.23 ? 6   DC  B OP1   1 
ATOM   368 O  OP2   . DC  B 1 9  ? -3.915  -13.626 4.921   1.00 17.78 ? 6   DC  B OP2   1 
ATOM   369 O  "O5'" . DC  B 1 9  ? -1.972  -12.725 6.245   1.00 16.48 ? 6   DC  B "O5'" 1 
ATOM   370 C  "C5'" . DC  B 1 9  ? -0.590  -12.381 6.420   1.00 15.06 ? 6   DC  B "C5'" 1 
ATOM   371 C  "C4'" . DC  B 1 9  ? -0.473  -11.112 7.228   1.00 14.21 ? 6   DC  B "C4'" 1 
ATOM   372 O  "O4'" . DC  B 1 9  ? -1.127  -10.003 6.577   1.00 13.74 ? 6   DC  B "O4'" 1 
ATOM   373 C  "C3'" . DC  B 1 9  ? -1.119  -11.143 8.603   1.00 13.64 ? 6   DC  B "C3'" 1 
ATOM   374 O  "O3'" . DC  B 1 9  ? -0.315  -11.806 9.580   1.00 13.20 ? 6   DC  B "O3'" 1 
ATOM   375 C  "C2'" . DC  B 1 9  ? -1.245  -9.667  8.927   1.00 13.45 ? 6   DC  B "C2'" 1 
ATOM   376 C  "C1'" . DC  B 1 9  ? -1.296  -8.982  7.561   1.00 13.29 ? 6   DC  B "C1'" 1 
ATOM   377 N  N1    . DC  B 1 9  ? -2.571  -8.285  7.313   1.00 12.81 ? 6   DC  B N1    1 
ATOM   378 C  C2    . DC  B 1 9  ? -2.765  -7.030  7.899   1.00 12.50 ? 6   DC  B C2    1 
ATOM   379 O  O2    . DC  B 1 9  ? -1.851  -6.535  8.577   1.00 12.33 ? 6   DC  B O2    1 
ATOM   380 N  N3    . DC  B 1 9  ? -3.936  -6.381  7.701   1.00 12.53 ? 6   DC  B N3    1 
ATOM   381 C  C4    . DC  B 1 9  ? -4.898  -6.950  6.970   1.00 12.52 ? 6   DC  B C4    1 
ATOM   382 N  N4    . DC  B 1 9  ? -6.038  -6.278  6.801   1.00 12.48 ? 6   DC  B N4    1 
ATOM   383 C  C5    . DC  B 1 9  ? -4.732  -8.235  6.376   1.00 12.59 ? 6   DC  B C5    1 
ATOM   384 C  C6    . DC  B 1 9  ? -3.567  -8.864  6.577   1.00 12.66 ? 6   DC  B C6    1 
ATOM   385 P  P     . DT  B 1 10 ? -0.957  -12.238 10.991  1.00 12.87 ? 7   DT  B P     1 
ATOM   386 O  OP1   . DT  B 1 10 ? -0.036  -13.212 11.641  1.00 12.96 ? 7   DT  B OP1   1 
ATOM   387 O  OP2   . DT  B 1 10 ? -2.389  -12.582 10.778  1.00 12.89 ? 7   DT  B OP2   1 
ATOM   388 O  "O5'" . DT  B 1 10 ? -0.922  -10.899 11.847  1.00 12.16 ? 7   DT  B "O5'" 1 
ATOM   389 C  "C5'" . DT  B 1 10 ? 0.310   -10.419 12.400  1.00 11.52 ? 7   DT  B "C5'" 1 
ATOM   390 C  "C4'" . DT  B 1 10 ? 0.051   -9.136  13.149  1.00 11.05 ? 7   DT  B "C4'" 1 
ATOM   391 O  "O4'" . DT  B 1 10 ? -0.688  -8.234  12.307  1.00 10.74 ? 7   DT  B "O4'" 1 
ATOM   392 C  "C3'" . DT  B 1 10 ? -0.806  -9.302  14.394  1.00 10.78 ? 7   DT  B "C3'" 1 
ATOM   393 O  "O3'" . DT  B 1 10 ? 0.046   -9.570  15.506  1.00 10.83 ? 7   DT  B "O3'" 1 
ATOM   394 C  "C2'" . DT  B 1 10 ? -1.500  -7.957  14.520  1.00 10.58 ? 7   DT  B "C2'" 1 
ATOM   395 C  "C1'" . DT  B 1 10 ? -1.510  -7.395  13.102  1.00 10.41 ? 7   DT  B "C1'" 1 
ATOM   396 N  N1    . DT  B 1 10 ? -2.839  -7.324  12.460  1.00 10.00 ? 7   DT  B N1    1 
ATOM   397 C  C2    . DT  B 1 10 ? -3.607  -6.207  12.697  1.00 9.72  ? 7   DT  B C2    1 
ATOM   398 O  O2    . DT  B 1 10 ? -3.247  -5.293  13.421  1.00 9.84  ? 7   DT  B O2    1 
ATOM   399 N  N3    . DT  B 1 10 ? -4.821  -6.200  12.057  1.00 9.50  ? 7   DT  B N3    1 
ATOM   400 C  C4    . DT  B 1 10 ? -5.328  -7.173  11.219  1.00 9.45  ? 7   DT  B C4    1 
ATOM   401 O  O4    . DT  B 1 10 ? -6.436  -7.025  10.714  1.00 9.36  ? 7   DT  B O4    1 
ATOM   402 C  C5    . DT  B 1 10 ? -4.468  -8.316  11.010  1.00 9.59  ? 7   DT  B C5    1 
ATOM   403 C  C7    . DT  B 1 10 ? -4.933  -9.425  10.121  1.00 9.60  ? 7   DT  B C7    1 
ATOM   404 C  C6    . DT  B 1 10 ? -3.284  -8.335  11.635  1.00 9.78  ? 7   DT  B C6    1 
HETATM 405 C  C     . 6O7 C 2 .  ? 4.309   -10.462 12.201  1.00 20.60 ? 101 6O7 A C     1 
HETATM 406 N  N     . 6O7 C 2 .  ? 6.088   -12.895 14.440  1.00 29.30 ? 101 6O7 A N     1 
HETATM 407 O  O14   . 6O7 C 2 .  ? 3.435   -7.193  10.861  1.00 16.36 ? 101 6O7 A O14   1 
HETATM 408 C  C20   . 6O7 C 2 .  ? 3.796   -8.351  10.871  1.00 18.29 ? 101 6O7 A C20   1 
HETATM 409 C  C19   . 6O7 C 2 .  ? 3.665   -9.210  9.659   1.00 18.89 ? 101 6O7 A C19   1 
HETATM 410 C  C41   . 6O7 C 2 .  ? 3.046   -8.750  8.509   1.00 19.13 ? 101 6O7 A C41   1 
HETATM 411 O  O15   . 6O7 C 2 .  ? 2.552   -7.502  8.444   1.00 17.28 ? 101 6O7 A O15   1 
HETATM 412 C  C42   . 6O7 C 2 .  ? 2.916   -9.557  7.400   1.00 20.75 ? 101 6O7 A C42   1 
HETATM 413 C  C60   . 6O7 C 2 .  ? 2.290   -9.079  6.246   1.00 22.11 ? 101 6O7 A C60   1 
HETATM 414 O  O23   . 6O7 C 2 .  ? 1.817   -7.794  6.244   1.00 21.83 ? 101 6O7 A O23   1 
HETATM 415 C  C58   . 6O7 C 2 .  ? 2.154   -9.910  5.130   1.00 23.51 ? 101 6O7 A C58   1 
HETATM 416 C  C59   . 6O7 C 2 .  ? 1.468   -9.395  3.880   1.00 23.58 ? 101 6O7 A C59   1 
HETATM 417 C  C45   . 6O7 C 2 .  ? 2.648   -11.225 5.175   1.00 24.25 ? 101 6O7 A C45   1 
HETATM 418 O  O16   . 6O7 C 2 .  ? 2.525   -12.046 4.070   1.00 26.70 ? 101 6O7 A O16   1 
HETATM 419 C  C46   . 6O7 C 2 .  ? 2.402   -13.472 4.153   1.00 28.28 ? 101 6O7 A C46   1 
HETATM 420 O  O17   . 6O7 C 2 .  ? 3.713   -14.043 4.152   1.00 28.82 ? 101 6O7 A O17   1 
HETATM 421 C  C50   . 6O7 C 2 .  ? 3.683   -15.450 4.422   1.00 29.55 ? 101 6O7 A C50   1 
HETATM 422 C  C51   . 6O7 C 2 .  ? 5.133   -15.925 4.488   1.00 29.75 ? 101 6O7 A C51   1 
HETATM 423 C  C49   . 6O7 C 2 .  ? 2.854   -16.221 3.373   1.00 29.39 ? 101 6O7 A C49   1 
HETATM 424 O  O18   . 6O7 C 2 .  ? 2.630   -17.576 3.784   1.00 29.16 ? 101 6O7 A O18   1 
HETATM 425 C  C48   . 6O7 C 2 .  ? 1.482   -15.590 3.139   1.00 29.20 ? 101 6O7 A C48   1 
HETATM 426 O  O19   . 6O7 C 2 .  ? 0.850   -16.216 2.005   1.00 29.14 ? 101 6O7 A O19   1 
HETATM 427 C  C52   . 6O7 C 2 .  ? -0.587  -16.141 2.015   1.00 29.60 ? 101 6O7 A C52   1 
HETATM 428 O  O20   . 6O7 C 2 .  ? -1.195  -17.414 2.286   1.00 29.72 ? 101 6O7 A O20   1 
HETATM 429 C  C56   . 6O7 C 2 .  ? -2.628  -17.352 2.442   1.00 29.62 ? 101 6O7 A C56   1 
HETATM 430 C  C57   . 6O7 C 2 .  ? -3.212  -18.725 2.762   1.00 29.60 ? 101 6O7 A C57   1 
HETATM 431 C  C55   . 6O7 C 2 .  ? -3.284  -16.809 1.177   1.00 29.58 ? 101 6O7 A C55   1 
HETATM 432 O  O21   . 6O7 C 2 .  ? -4.690  -16.613 1.381   1.00 29.00 ? 101 6O7 A O21   1 
HETATM 433 C  C54   . 6O7 C 2 .  ? -2.633  -15.491 0.786   1.00 29.83 ? 101 6O7 A C54   1 
HETATM 434 O  O22   . 6O7 C 2 .  ? -3.186  -15.048 -0.456  1.00 30.39 ? 101 6O7 A O22   1 
HETATM 435 C  C53   . 6O7 C 2 .  ? -1.114  -15.638 0.678   1.00 29.73 ? 101 6O7 A C53   1 
HETATM 436 C  C47   . 6O7 C 2 .  ? 1.614   -14.069 2.978   1.00 28.91 ? 101 6O7 A C47   1 
HETATM 437 C  C44   . 6O7 C 2 .  ? 3.282   -11.687 6.338   1.00 22.97 ? 101 6O7 A C44   1 
HETATM 438 C  C43   . 6O7 C 2 .  ? 3.404   -10.857 7.445   1.00 21.49 ? 101 6O7 A C43   1 
HETATM 439 C  C18   . 6O7 C 2 .  ? 4.024   -11.327 8.591   1.00 20.74 ? 101 6O7 A C18   1 
HETATM 440 C  C17   . 6O7 C 2 .  ? 4.154   -10.506 9.699   1.00 19.92 ? 101 6O7 A C17   1 
HETATM 441 C  C16   . 6O7 C 2 .  ? 4.846   -11.073 10.911  1.00 20.24 ? 101 6O7 A C16   1 
HETATM 442 C  C21   . 6O7 C 2 .  ? 4.323   -8.933  12.140  1.00 18.71 ? 101 6O7 A C21   1 
HETATM 443 C  C1    . 6O7 C 2 .  ? 5.072   -10.953 13.442  1.00 23.15 ? 101 6O7 A C1    1 
HETATM 444 O  O3    . 6O7 C 2 .  ? 6.438   -10.575 13.266  1.00 23.25 ? 101 6O7 A O3    1 
HETATM 445 C  C15   . 6O7 C 2 .  ? 6.983   -9.699  14.250  1.00 23.40 ? 101 6O7 A C15   1 
HETATM 446 C  C2    . 6O7 C 2 .  ? 5.076   -12.456 13.677  1.00 26.24 ? 101 6O7 A C2    1 
HETATM 447 O  O2    . 6O7 C 2 .  ? 4.254   -13.206 13.162  1.00 27.17 ? 101 6O7 A O2    1 
HETATM 448 C  C3    . 6O7 C 2 .  ? 6.483   -14.277 14.570  1.00 32.07 ? 101 6O7 A C3    1 
HETATM 449 C  C13   . 6O7 C 2 .  ? 7.550   -14.427 15.605  1.00 31.66 ? 101 6O7 A C13   1 
HETATM 450 O  O1    . 6O7 C 2 .  ? 7.393   -15.158 16.557  1.00 31.78 ? 101 6O7 A O1    1 
HETATM 451 O  O     . 6O7 C 2 .  ? 8.803   -13.709 15.460  1.00 31.56 ? 101 6O7 A O     1 
HETATM 452 C  C14   . 6O7 C 2 .  ? 10.039  -14.422 15.447  1.00 31.55 ? 101 6O7 A C14   1 
HETATM 453 C  C4    . 6O7 C 2 .  ? 7.115   -14.725 13.252  1.00 35.45 ? 101 6O7 A C4    1 
HETATM 454 C  C5    . 6O7 C 2 .  ? 6.274   -15.543 12.296  1.00 39.09 ? 101 6O7 A C5    1 
HETATM 455 C  C10   . 6O7 C 2 .  ? 4.974   -16.017 12.547  1.00 40.63 ? 101 6O7 A C10   1 
HETATM 456 C  C9    . 6O7 C 2 .  ? 4.316   -16.765 11.571  1.00 42.55 ? 101 6O7 A C9    1 
HETATM 457 C  C8    . 6O7 C 2 .  ? 4.951   -17.051 10.356  1.00 43.23 ? 101 6O7 A C8    1 
HETATM 458 C  C7    . 6O7 C 2 .  ? 6.247   -16.587 10.107  1.00 42.04 ? 101 6O7 A C7    1 
HETATM 459 C  C6    . 6O7 C 2 .  ? 6.904   -15.835 11.078  1.00 40.84 ? 101 6O7 A C6    1 
HETATM 460 O  O4    . 6O7 C 2 .  ? 3.455   -8.495  13.165  1.00 17.29 ? 101 6O7 A O4    1 
HETATM 461 C  C22   . 6O7 C 2 .  ? 3.862   -7.302  13.814  1.00 16.07 ? 101 6O7 A C22   1 
HETATM 462 O  O5    . 6O7 C 2 .  ? 4.735   -7.697  14.856  1.00 15.68 ? 101 6O7 A O5    1 
HETATM 463 C  C26   . 6O7 C 2 .  ? 5.190   -6.582  15.604  1.00 15.38 ? 101 6O7 A C26   1 
HETATM 464 C  C27   . 6O7 C 2 .  ? 6.383   -6.996  16.444  1.00 15.55 ? 101 6O7 A C27   1 
HETATM 465 C  C25   . 6O7 C 2 .  ? 3.998   -6.137  16.426  1.00 15.09 ? 101 6O7 A C25   1 
HETATM 466 O  O6    . 6O7 C 2 .  ? 4.389   -5.164  17.396  1.00 15.23 ? 101 6O7 A O6    1 
HETATM 467 C  C24   . 6O7 C 2 .  ? 2.951   -5.581  15.470  1.00 14.83 ? 101 6O7 A C24   1 
HETATM 468 C  C23   . 6O7 C 2 .  ? 2.631   -6.590  14.367  1.00 15.46 ? 101 6O7 A C23   1 
HETATM 469 O  O7    . 6O7 C 2 .  ? 1.739   -5.325  16.187  1.00 13.52 ? 101 6O7 A O7    1 
HETATM 470 C  C28   . 6O7 C 2 .  ? 1.554   -4.000  16.677  1.00 12.25 ? 101 6O7 A C28   1 
HETATM 471 O  O8    . 6O7 C 2 .  ? 2.257   -3.837  17.898  1.00 11.90 ? 101 6O7 A O8    1 
HETATM 472 C  C32   . 6O7 C 2 .  ? 2.125   -2.517  18.398  1.00 11.55 ? 101 6O7 A C32   1 
HETATM 473 C  C33   . 6O7 C 2 .  ? 3.166   -2.316  19.486  1.00 11.55 ? 101 6O7 A C33   1 
HETATM 474 C  C31   . 6O7 C 2 .  ? 0.700   -2.366  18.902  1.00 11.35 ? 101 6O7 A C31   1 
HETATM 475 O  O9    . 6O7 C 2 .  ? 0.448   -3.308  19.961  1.00 11.34 ? 101 6O7 A O9    1 
HETATM 476 C  C30   . 6O7 C 2 .  ? -0.308  -2.596  17.785  1.00 11.16 ? 101 6O7 A C30   1 
HETATM 477 C  C29   . 6O7 C 2 .  ? 0.059   -3.779  16.888  1.00 11.69 ? 101 6O7 A C29   1 
HETATM 478 O  O10   . 6O7 C 2 .  ? -1.550  -2.848  18.430  1.00 10.27 ? 101 6O7 A O10   1 
HETATM 479 C  C34   . 6O7 C 2 .  ? -2.713  -2.812  17.621  1.00 9.49  ? 101 6O7 A C34   1 
HETATM 480 O  O12   . 6O7 C 2 .  ? -2.988  -1.468  17.244  1.00 9.21  ? 101 6O7 A O12   1 
HETATM 481 C  C38   . 6O7 C 2 .  ? -4.230  -1.294  16.570  1.00 8.91  ? 101 6O7 A C38   1 
HETATM 482 C  C39   . 6O7 C 2 .  ? -4.357  0.169   16.194  1.00 8.84  ? 101 6O7 A C39   1 
HETATM 483 C  C37   . 6O7 C 2 .  ? -5.361  -1.728  17.486  1.00 8.87  ? 101 6O7 A C37   1 
HETATM 484 O  O13   . 6O7 C 2 .  ? -6.617  -1.556  16.827  1.00 8.73  ? 101 6O7 A O13   1 
HETATM 485 C  C36   . 6O7 C 2 .  ? -5.163  -3.180  17.877  1.00 8.93  ? 101 6O7 A C36   1 
HETATM 486 C  C40   . 6O7 C 2 .  ? -6.213  -3.627  18.866  1.00 8.92  ? 101 6O7 A C40   1 
HETATM 487 O  O11   . 6O7 C 2 .  ? -5.219  -4.018  16.728  1.00 8.84  ? 101 6O7 A O11   1 
HETATM 488 C  C35   . 6O7 C 2 .  ? -3.807  -3.364  18.512  1.00 9.19  ? 101 6O7 A C35   1 
HETATM 489 C  C     . 6O7 D 2 .  ? 7.059   -3.656  11.400  1.00 13.02 ? 102 6O7 A C     1 
HETATM 490 N  N     . 6O7 D 2 .  ? 9.466   -2.283  13.197  1.00 14.94 ? 102 6O7 A N     1 
HETATM 491 O  O14   . 6O7 D 2 .  ? 4.407   -5.474  9.980   1.00 12.99 ? 102 6O7 A O14   1 
HETATM 492 C  C20   . 6O7 D 2 .  ? 4.969   -4.901  10.882  1.00 12.73 ? 102 6O7 A C20   1 
HETATM 493 C  C19   . 6O7 D 2 .  ? 4.196   -4.026  11.817  1.00 12.21 ? 102 6O7 A C19   1 
HETATM 494 C  C41   . 6O7 D 2 .  ? 2.798   -3.977  11.862  1.00 11.71 ? 102 6O7 A C41   1 
HETATM 495 O  O15   . 6O7 D 2 .  ? 2.056   -4.780  11.092  1.00 12.16 ? 102 6O7 A O15   1 
HETATM 496 C  C42   . 6O7 D 2 .  ? 2.133   -3.113  12.727  1.00 11.06 ? 102 6O7 A C42   1 
HETATM 497 C  C60   . 6O7 D 2 .  ? 0.738   -3.042  12.817  1.00 10.48 ? 102 6O7 A C60   1 
HETATM 498 O  O23   . 6O7 D 2 .  ? -0.048  -3.843  12.035  1.00 10.52 ? 102 6O7 A O23   1 
HETATM 499 C  C58   . 6O7 D 2 .  ? 0.144   -2.152  13.699  1.00 10.05 ? 102 6O7 A C58   1 
HETATM 500 C  C59   . 6O7 D 2 .  ? -1.352  -2.081  13.800  1.00 9.91  ? 102 6O7 A C59   1 
HETATM 501 C  C45   . 6O7 D 2 .  ? 0.928   -1.328  14.499  1.00 9.85  ? 102 6O7 A C45   1 
HETATM 502 O  O16   . 6O7 D 2 .  ? 0.402   -0.433  15.381  1.00 8.93  ? 102 6O7 A O16   1 
HETATM 503 C  C46   . 6O7 D 2 .  ? 0.862   0.919   15.425  1.00 8.25  ? 102 6O7 A C46   1 
HETATM 504 O  O17   . 6O7 D 2 .  ? 1.430   1.115   16.729  1.00 8.02  ? 102 6O7 A O17   1 
HETATM 505 C  C50   . 6O7 D 2 .  ? 1.690   2.475   17.079  1.00 7.85  ? 102 6O7 A C50   1 
HETATM 506 C  C51   . 6O7 D 2 .  ? 2.415   2.532   18.415  1.00 7.81  ? 102 6O7 A C51   1 
HETATM 507 C  C49   . 6O7 D 2 .  ? 0.344   3.183   17.120  1.00 7.79  ? 102 6O7 A C49   1 
HETATM 508 O  O18   . 6O7 D 2 .  ? 0.389   4.544   17.569  1.00 7.79  ? 102 6O7 A O18   1 
HETATM 509 C  C48   . 6O7 D 2 .  ? -0.217  3.196   15.724  1.00 7.76  ? 102 6O7 A C48   1 
HETATM 510 O  O19   . 6O7 D 2 .  ? -1.515  3.741   15.896  1.00 7.47  ? 102 6O7 A O19   1 
HETATM 511 C  C52   . 6O7 D 2 .  ? -1.791  4.747   14.958  1.00 7.25  ? 102 6O7 A C52   1 
HETATM 512 O  O20   . 6O7 D 2 .  ? -0.763  5.726   15.028  1.00 7.19  ? 102 6O7 A O20   1 
HETATM 513 C  C56   . 6O7 D 2 .  ? -0.821  6.598   13.905  1.00 7.13  ? 102 6O7 A C56   1 
HETATM 514 C  C57   . 6O7 D 2 .  ? 0.365   7.550   14.016  1.00 7.10  ? 102 6O7 A C57   1 
HETATM 515 C  C55   . 6O7 D 2 .  ? -2.185  7.316   13.875  1.00 7.12  ? 102 6O7 A C55   1 
HETATM 516 O  O21   . 6O7 D 2 .  ? -2.353  7.912   12.582  1.00 7.13  ? 102 6O7 A O21   1 
HETATM 517 C  C54   . 6O7 D 2 .  ? -3.397  6.406   14.156  1.00 7.10  ? 102 6O7 A C54   1 
HETATM 518 O  O22   . 6O7 D 2 .  ? -4.543  7.171   14.533  1.00 7.05  ? 102 6O7 A O22   1 
HETATM 519 C  C53   . 6O7 D 2 .  ? -3.123  5.408   15.265  1.00 7.15  ? 102 6O7 A C53   1 
HETATM 520 C  C47   . 6O7 D 2 .  ? -0.317  1.827   15.083  1.00 7.97  ? 102 6O7 A C47   1 
HETATM 521 C  C44   . 6O7 D 2 .  ? 2.304   -1.406  14.413  1.00 10.40 ? 102 6O7 A C44   1 
HETATM 522 C  C43   . 6O7 D 2 .  ? 2.895   -2.289  13.533  1.00 11.04 ? 102 6O7 A C43   1 
HETATM 523 C  C18   . 6O7 D 2 .  ? 4.274   -2.329  13.487  1.00 11.64 ? 102 6O7 A C18   1 
HETATM 524 C  C17   . 6O7 D 2 .  ? 4.931   -3.183  12.635  1.00 12.18 ? 102 6O7 A C17   1 
HETATM 525 C  C16   . 6O7 D 2 .  ? 6.438   -3.132  12.682  1.00 12.61 ? 102 6O7 A C16   1 
HETATM 526 C  C21   . 6O7 D 2 .  ? 6.467   -4.996  11.000  1.00 13.00 ? 102 6O7 A C21   1 
HETATM 527 C  C1    . 6O7 D 2 .  ? 8.568   -3.790  11.507  1.00 13.60 ? 102 6O7 A C1    1 
HETATM 528 O  O3    . 6O7 D 2 .  ? 8.890   -4.825  12.426  1.00 13.68 ? 102 6O7 A O3    1 
HETATM 529 C  C15   . 6O7 D 2 .  ? 10.067  -5.555  12.072  1.00 13.76 ? 102 6O7 A C15   1 
HETATM 530 C  C2    . 6O7 D 2 .  ? 9.175   -2.492  11.919  1.00 14.28 ? 102 6O7 A C2    1 
HETATM 531 O  O2    . 6O7 D 2 .  ? 9.388   -1.669  11.049  1.00 14.68 ? 102 6O7 A O2    1 
HETATM 532 C  C3    . 6O7 D 2 .  ? 10.074  -1.022  13.606  1.00 15.79 ? 102 6O7 A C3    1 
HETATM 533 C  C13   . 6O7 D 2 .  ? 11.507  -0.817  13.148  1.00 16.11 ? 102 6O7 A C13   1 
HETATM 534 O  O1    . 6O7 D 2 .  ? 12.118  0.192   13.470  1.00 16.17 ? 102 6O7 A O1    1 
HETATM 535 O  O     . 6O7 D 2 .  ? 12.197  -1.787  12.295  1.00 16.50 ? 102 6O7 A O     1 
HETATM 536 C  C14   . 6O7 D 2 .  ? 12.706  -1.466  10.996  1.00 16.51 ? 102 6O7 A C14   1 
HETATM 537 C  C4    . 6O7 D 2 .  ? 9.928   -0.874  15.119  1.00 16.20 ? 102 6O7 A C4    1 
HETATM 538 C  C5    . 6O7 D 2 .  ? 8.492   -0.503  15.402  1.00 16.61 ? 102 6O7 A C5    1 
HETATM 539 C  C10   . 6O7 D 2 .  ? 7.616   -1.457  15.904  1.00 16.83 ? 102 6O7 A C10   1 
HETATM 540 C  C9    . 6O7 D 2 .  ? 6.294   -1.101  16.169  1.00 16.94 ? 102 6O7 A C9    1 
HETATM 541 C  C8    . 6O7 D 2 .  ? 5.841   0.201   15.918  1.00 16.92 ? 102 6O7 A C8    1 
HETATM 542 C  C7    . 6O7 D 2 .  ? 6.714   1.155   15.404  1.00 16.85 ? 102 6O7 A C7    1 
HETATM 543 C  C6    . 6O7 D 2 .  ? 8.040   0.799   15.152  1.00 16.81 ? 102 6O7 A C6    1 
HETATM 544 O  O4    . 6O7 D 2 .  ? 7.095   -5.306  9.764   1.00 13.24 ? 102 6O7 A O4    1 
HETATM 545 C  C22   . 6O7 D 2 .  ? 7.042   -6.674  9.434   1.00 13.75 ? 102 6O7 A C22   1 
HETATM 546 O  O5    . 6O7 D 2 .  ? 8.225   -7.328  9.869   1.00 13.82 ? 102 6O7 A O5    1 
HETATM 547 C  C26   . 6O7 D 2 .  ? 8.103   -8.736  9.644   1.00 14.13 ? 102 6O7 A C26   1 
HETATM 548 C  C27   . 6O7 D 2 .  ? 9.247   -9.462  10.342  1.00 14.12 ? 102 6O7 A C27   1 
HETATM 549 C  C25   . 6O7 D 2 .  ? 8.030   -8.993  8.132   1.00 14.32 ? 102 6O7 A C25   1 
HETATM 550 O  O6    . 6O7 D 2 .  ? 7.964   -10.404 7.896   1.00 14.35 ? 102 6O7 A O6    1 
HETATM 551 C  C24   . 6O7 D 2 .  ? 6.818   -8.259  7.542   1.00 14.49 ? 102 6O7 A C24   1 
HETATM 552 C  C23   . 6O7 D 2 .  ? 6.892   -6.791  7.930   1.00 14.11 ? 102 6O7 A C23   1 
HETATM 553 O  O7    . 6O7 D 2 .  ? 6.735   -8.287  6.117   1.00 15.38 ? 102 6O7 A O7    1 
HETATM 554 C  C28   . 6O7 D 2 .  ? 6.435   -9.547  5.540   1.00 16.43 ? 102 6O7 A C28   1 
HETATM 555 O  O8    . 6O7 D 2 .  ? 7.673   -10.164 5.248   1.00 16.85 ? 102 6O7 A O8    1 
HETATM 556 C  C32   . 6O7 D 2 .  ? 7.502   -11.544 4.942   1.00 17.39 ? 102 6O7 A C32   1 
HETATM 557 C  C33   . 6O7 D 2 .  ? 8.890   -12.186 4.958   1.00 17.52 ? 102 6O7 A C33   1 
HETATM 558 C  C31   . 6O7 D 2 .  ? 6.734   -11.727 3.621   1.00 17.47 ? 102 6O7 A C31   1 
HETATM 559 O  O9    . 6O7 D 2 .  ? 7.591   -11.758 2.463   1.00 17.41 ? 102 6O7 A O9    1 
HETATM 560 C  C30   . 6O7 D 2 .  ? 5.679   -10.657 3.364   1.00 17.48 ? 102 6O7 A C30   1 
HETATM 561 C  C29   . 6O7 D 2 .  ? 5.692   -9.391  4.229   1.00 16.94 ? 102 6O7 A C29   1 
HETATM 562 O  O10   . 6O7 D 2 .  ? 5.863   -10.257 2.010   1.00 18.55 ? 102 6O7 A O10   1 
HETATM 563 C  C34   . 6O7 D 2 .  ? 4.628   -9.952  1.384   1.00 19.90 ? 102 6O7 A C34   1 
HETATM 564 O  O12   . 6O7 D 2 .  ? 4.145   -11.071 0.651   1.00 20.44 ? 102 6O7 A O12   1 
HETATM 565 C  C38   . 6O7 D 2 .  ? 2.759   -10.897 0.313   1.00 20.76 ? 102 6O7 A C38   1 
HETATM 566 C  C39   . 6O7 D 2 .  ? 2.422   -12.038 -0.647  1.00 20.82 ? 102 6O7 A C39   1 
HETATM 567 C  C37   . 6O7 D 2 .  ? 2.385   -9.509  -0.288  1.00 20.77 ? 102 6O7 A C37   1 
HETATM 568 O  O13   . 6O7 D 2 .  ? 1.077   -9.119  0.181   1.00 20.48 ? 102 6O7 A O13   1 
HETATM 569 C  C36   . 6O7 D 2 .  ? 3.388   -8.341  -0.063  1.00 20.73 ? 102 6O7 A C36   1 
HETATM 570 C  C40   . 6O7 D 2 .  ? 3.570   -7.575  -1.373  1.00 20.88 ? 102 6O7 A C40   1 
HETATM 571 O  O11   . 6O7 D 2 .  ? 2.889   -7.417  0.924   1.00 20.60 ? 102 6O7 A O11   1 
HETATM 572 C  C35   . 6O7 D 2 .  ? 4.774   -8.807  0.400   1.00 20.43 ? 102 6O7 A C35   1 
HETATM 573 C  C     . 6O7 E 2 .  ? -3.349  3.748   -14.676 1.00 17.17 ? 103 6O7 A C     1 
HETATM 574 N  N     . 6O7 E 2 .  ? -3.882  2.631   -17.638 1.00 20.69 ? 103 6O7 A N     1 
HETATM 575 O  O14   . 6O7 E 2 .  ? -3.208  4.349   -11.138 1.00 15.43 ? 103 6O7 A O14   1 
HETATM 576 C  C20   . 6O7 E 2 .  ? -3.307  3.727   -12.195 1.00 16.20 ? 103 6O7 A C20   1 
HETATM 577 C  C19   . 6O7 E 2 .  ? -2.734  2.333   -12.300 1.00 15.89 ? 103 6O7 A C19   1 
HETATM 578 C  C41   . 6O7 E 2 .  ? -2.045  1.731   -11.253 1.00 15.59 ? 103 6O7 A C41   1 
HETATM 579 O  O15   . 6O7 E 2 .  ? -1.902  2.400   -10.089 1.00 15.25 ? 103 6O7 A O15   1 
HETATM 580 C  C42   . 6O7 E 2 .  ? -1.498  0.456   -11.371 1.00 15.55 ? 103 6O7 A C42   1 
HETATM 581 C  C60   . 6O7 E 2 .  ? -0.813  -0.144  -10.308 1.00 15.60 ? 103 6O7 A C60   1 
HETATM 582 O  O23   . 6O7 E 2 .  ? -0.670  0.512   -9.121  1.00 15.54 ? 103 6O7 A O23   1 
HETATM 583 C  C58   . 6O7 E 2 .  ? -0.274  -1.412  -10.446 1.00 15.69 ? 103 6O7 A C58   1 
HETATM 584 C  C59   . 6O7 E 2 .  ? 0.484   -2.033  -9.302  1.00 15.60 ? 103 6O7 A C59   1 
HETATM 585 C  C45   . 6O7 E 2 .  ? -0.403  -2.094  -11.655 1.00 15.84 ? 103 6O7 A C45   1 
HETATM 586 O  O16   . 6O7 E 2 .  ? 0.132   -3.354  -11.772 1.00 15.94 ? 103 6O7 A O16   1 
HETATM 587 C  C46   . 6O7 E 2 .  ? 0.866   -3.811  -12.898 1.00 15.83 ? 103 6O7 A C46   1 
HETATM 588 O  O17   . 6O7 E 2 .  ? -0.031  -4.536  -13.739 1.00 15.76 ? 103 6O7 A O17   1 
HETATM 589 C  C50   . 6O7 E 2 .  ? 0.531   -5.310  -14.801 1.00 15.89 ? 103 6O7 A C50   1 
HETATM 590 C  C51   . 6O7 E 2 .  ? -0.512  -6.349  -15.193 1.00 15.85 ? 103 6O7 A C51   1 
HETATM 591 C  C49   . 6O7 E 2 .  ? 1.846   -6.024  -14.453 1.00 16.00 ? 103 6O7 A C49   1 
HETATM 592 O  O18   . 6O7 E 2 .  ? 2.578   -6.245  -15.665 1.00 16.35 ? 103 6O7 A O18   1 
HETATM 593 C  C48   . 6O7 E 2 .  ? 2.763   -5.254  -13.516 1.00 15.93 ? 103 6O7 A C48   1 
HETATM 594 O  O19   . 6O7 E 2 .  ? 3.796   -6.132  -13.055 1.00 15.91 ? 103 6O7 A O19   1 
HETATM 595 C  C52   . 6O7 E 2 .  ? 5.055   -5.495  -12.797 1.00 16.07 ? 103 6O7 A C52   1 
HETATM 596 O  O20   . 6O7 E 2 .  ? 5.565   -4.906  -14.007 1.00 16.13 ? 103 6O7 A O20   1 
HETATM 597 C  C56   . 6O7 E 2 .  ? 6.978   -4.956  -14.290 1.00 16.27 ? 103 6O7 A C56   1 
HETATM 598 C  C57   . 6O7 E 2 .  ? 7.230   -6.096  -15.280 1.00 16.27 ? 103 6O7 A C57   1 
HETATM 599 C  C55   . 6O7 E 2 .  ? 7.922   -5.064  -13.072 1.00 16.25 ? 103 6O7 A C55   1 
HETATM 600 O  O21   . 6O7 E 2 .  ? 8.293   -3.750  -12.616 1.00 16.36 ? 103 6O7 A O21   1 
HETATM 601 C  C54   . 6O7 E 2 .  ? 7.370   -5.862  -11.884 1.00 16.11 ? 103 6O7 A C54   1 
HETATM 602 O  O22   . 6O7 E 2 .  ? 8.334   -6.852  -11.503 1.00 15.85 ? 103 6O7 A O22   1 
HETATM 603 C  C53   . 6O7 E 2 .  ? 6.022   -6.516  -12.187 1.00 16.11 ? 103 6O7 A C53   1 
HETATM 604 C  C47   . 6O7 E 2 .  ? 1.971   -4.701  -12.356 1.00 15.83 ? 103 6O7 A C47   1 
HETATM 605 C  C44   . 6O7 E 2 .  ? -1.095  -1.505  -12.717 1.00 15.76 ? 103 6O7 A C44   1 
HETATM 606 C  C43   . 6O7 E 2 .  ? -1.635  -0.229  -12.571 1.00 15.73 ? 103 6O7 A C43   1 
HETATM 607 C  C18   . 6O7 E 2 .  ? -2.317  0.369   -13.618 1.00 15.97 ? 103 6O7 A C18   1 
HETATM 608 C  C17   . 6O7 E 2 .  ? -2.862  1.641   -13.485 1.00 16.17 ? 103 6O7 A C17   1 
HETATM 609 C  C16   . 6O7 E 2 .  ? -3.588  2.245   -14.651 1.00 16.61 ? 103 6O7 A C16   1 
HETATM 610 C  C21   . 6O7 E 2 .  ? -3.919  4.389   -13.400 1.00 16.74 ? 103 6O7 A C21   1 
HETATM 611 C  C1    . 6O7 E 2 .  ? -3.722  4.472   -15.984 1.00 18.45 ? 103 6O7 A C1    1 
HETATM 612 O  O3    . 6O7 E 2 .  ? -5.117  4.758   -16.051 1.00 18.90 ? 103 6O7 A O3    1 
HETATM 613 C  C15   . 6O7 E 2 .  ? -5.389  5.988   -16.749 1.00 19.05 ? 103 6O7 A C15   1 
HETATM 614 C  C2    . 6O7 E 2 .  ? -3.268  3.751   -17.239 1.00 19.51 ? 103 6O7 A C2    1 
HETATM 615 O  O2    . 6O7 E 2 .  ? -2.320  4.206   -17.857 1.00 19.89 ? 103 6O7 A O2    1 
HETATM 616 C  C3    . 6O7 E 2 .  ? -3.355  1.818   -18.727 1.00 21.92 ? 103 6O7 A C3    1 
HETATM 617 C  C13   . 6O7 E 2 .  ? -3.472  2.522   -20.048 1.00 22.19 ? 103 6O7 A C13   1 
HETATM 618 O  O1    . 6O7 E 2 .  ? -4.192  3.501   -20.177 1.00 22.19 ? 103 6O7 A O1    1 
HETATM 619 O  O     . 6O7 E 2 .  ? -2.692  2.039   -21.179 1.00 22.68 ? 103 6O7 A O     1 
HETATM 620 C  C14   . 6O7 E 2 .  ? -3.315  1.403   -22.297 1.00 22.67 ? 103 6O7 A C14   1 
HETATM 621 C  C4    . 6O7 E 2 .  ? -4.051  0.453   -18.831 1.00 22.67 ? 103 6O7 A C4    1 
HETATM 622 C  C5    . 6O7 E 2 .  ? -3.640  -0.550  -17.764 1.00 23.50 ? 103 6O7 A C5    1 
HETATM 623 C  C10   . 6O7 E 2 .  ? -4.603  -1.057  -16.878 1.00 23.68 ? 103 6O7 A C10   1 
HETATM 624 C  C9    . 6O7 E 2 .  ? -4.239  -1.991  -15.899 1.00 24.00 ? 103 6O7 A C9    1 
HETATM 625 C  C8    . 6O7 E 2 .  ? -2.914  -2.440  -15.804 1.00 24.07 ? 103 6O7 A C8    1 
HETATM 626 C  C7    . 6O7 E 2 .  ? -1.946  -1.946  -16.686 1.00 24.11 ? 103 6O7 A C7    1 
HETATM 627 C  C6    . 6O7 E 2 .  ? -2.311  -1.007  -17.665 1.00 24.03 ? 103 6O7 A C6    1 
HETATM 628 O  O4    . 6O7 E 2 .  ? -3.568  5.773   -13.330 1.00 17.05 ? 103 6O7 A O4    1 
HETATM 629 C  C22   . 6O7 E 2 .  ? -4.504  6.652   -12.709 1.00 17.30 ? 103 6O7 A C22   1 
HETATM 630 O  O5    . 6O7 E 2 .  ? -5.456  6.963   -13.721 1.00 17.49 ? 103 6O7 A O5    1 
HETATM 631 C  C26   . 6O7 E 2 .  ? -6.396  7.935   -13.281 1.00 17.63 ? 103 6O7 A C26   1 
HETATM 632 C  C27   . 6O7 E 2 .  ? -7.632  7.901   -14.171 1.00 17.81 ? 103 6O7 A C27   1 
HETATM 633 C  C25   . 6O7 E 2 .  ? -5.621  9.252   -13.255 1.00 17.38 ? 103 6O7 A C25   1 
HETATM 634 O  O6    . 6O7 E 2 .  ? -6.472  10.401  -13.196 1.00 17.26 ? 103 6O7 A O6    1 
HETATM 635 C  C24   . 6O7 E 2 .  ? -4.709  9.150   -12.039 1.00 17.21 ? 103 6O7 A C24   1 
HETATM 636 C  C23   . 6O7 E 2 .  ? -3.798  7.917   -12.178 1.00 17.30 ? 103 6O7 A C23   1 
HETATM 637 O  O7    . 6O7 E 2 .  ? -3.941  10.350  -11.912 1.00 16.77 ? 103 6O7 A O7    1 
HETATM 638 C  C28   . 6O7 E 2 .  ? -4.537  11.405  -11.148 1.00 16.18 ? 103 6O7 A C28   1 
HETATM 639 O  O8    . 6O7 E 2 .  ? -5.270  12.262  -12.003 1.00 16.10 ? 103 6O7 A O8    1 
HETATM 640 C  C32   . 6O7 E 2 .  ? -6.112  13.134  -11.253 1.00 16.04 ? 103 6O7 A C32   1 
HETATM 641 C  C33   . 6O7 E 2 .  ? -6.942  13.920  -12.264 1.00 16.19 ? 103 6O7 A C33   1 
HETATM 642 C  C31   . 6O7 E 2 .  ? -5.339  14.047  -10.278 1.00 15.85 ? 103 6O7 A C31   1 
HETATM 643 O  O9    . 6O7 E 2 .  ? -5.208  15.385  -10.802 1.00 15.94 ? 103 6O7 A O9    1 
HETATM 644 C  C30   . 6O7 E 2 .  ? -3.944  13.553  -9.854  1.00 15.61 ? 103 6O7 A C30   1 
HETATM 645 C  C29   . 6O7 E 2 .  ? -3.450  12.265  -10.532 1.00 15.87 ? 103 6O7 A C29   1 
HETATM 646 O  O10   . 6O7 E 2 .  ? -3.006  14.619  -10.093 1.00 14.96 ? 103 6O7 A O10   1 
HETATM 647 C  C34   . 6O7 E 2 .  ? -1.815  14.568  -9.298  1.00 14.19 ? 103 6O7 A C34   1 
HETATM 648 O  O12   . 6O7 E 2 .  ? -2.072  14.975  -7.943  1.00 13.91 ? 103 6O7 A O12   1 
HETATM 649 C  C38   . 6O7 E 2 .  ? -0.924  14.728  -7.119  1.00 13.54 ? 103 6O7 A C38   1 
HETATM 650 C  C39   . 6O7 E 2 .  ? -1.274  14.961  -5.654  1.00 13.60 ? 103 6O7 A C39   1 
HETATM 651 C  C37   . 6O7 E 2 .  ? 0.225   15.632  -7.573  1.00 13.30 ? 103 6O7 A C37   1 
HETATM 652 O  O13   . 6O7 E 2 .  ? 1.398   15.326  -6.823  1.00 12.65 ? 103 6O7 A O13   1 
HETATM 653 C  C36   . 6O7 E 2 .  ? 0.539   15.500  -9.066  1.00 13.31 ? 103 6O7 A C36   1 
HETATM 654 C  C40   . 6O7 E 2 .  ? 1.435   16.653  -9.485  1.00 13.35 ? 103 6O7 A C40   1 
HETATM 655 O  O11   . 6O7 E 2 .  ? 1.283   14.305  -9.313  1.00 12.58 ? 103 6O7 A O11   1 
HETATM 656 C  C35   . 6O7 E 2 .  ? -0.739  15.469  -9.914  1.00 13.74 ? 103 6O7 A C35   1 
HETATM 657 ZN ZN    . ZN  F 3 .  ? 2.539   -5.948  9.622   1.00 13.74 ? 104 ZN  A ZN    1 
HETATM 658 ZN ZN    . ZN  G 3 .  ? -3.270  0.299   6.146   0.80 5.82  ? 105 ZN  A ZN    1 
HETATM 659 ZN ZN    . ZN  H 3 .  ? -7.902  -0.432  8.416   0.20 3.00  ? 106 ZN  A ZN    1 
HETATM 660 C  C     . 6O7 I 2 .  ? -7.469  4.216   -9.315  1.00 13.68 ? 101 6O7 B C     1 
HETATM 661 N  N     . 6O7 I 2 .  ? -11.136 4.169   -9.606  1.00 14.89 ? 101 6O7 B N     1 
HETATM 662 O  O14   . 6O7 I 2 .  ? -4.044  3.451   -9.641  1.00 13.91 ? 101 6O7 B O14   1 
HETATM 663 C  C20   . 6O7 I 2 .  ? -4.969  4.200   -9.586  1.00 13.56 ? 101 6O7 B C20   1 
HETATM 664 C  C19   . 6O7 I 2 .  ? -4.858  5.649   -9.173  1.00 13.52 ? 101 6O7 B C19   1 
HETATM 665 C  C41   . 6O7 I 2 .  ? -3.751  6.419   -8.782  1.00 13.58 ? 101 6O7 B C41   1 
HETATM 666 O  O15   . 6O7 I 2 .  ? -2.482  5.991   -8.722  1.00 13.90 ? 101 6O7 B O15   1 
HETATM 667 C  C42   . 6O7 I 2 .  ? -3.898  7.759   -8.398  1.00 13.71 ? 101 6O7 B C42   1 
HETATM 668 C  C60   . 6O7 I 2 .  ? -2.837  8.598   -7.998  1.00 13.68 ? 101 6O7 B C60   1 
HETATM 669 O  O23   . 6O7 I 2 .  ? -1.552  8.130   -7.946  1.00 13.74 ? 101 6O7 B O23   1 
HETATM 670 C  C58   . 6O7 I 2 .  ? -3.084  9.919   -7.628  1.00 13.73 ? 101 6O7 B C58   1 
HETATM 671 C  C59   . 6O7 I 2 .  ? -1.965  10.823  -7.193  1.00 13.62 ? 101 6O7 B C59   1 
HETATM 672 C  C45   . 6O7 I 2 .  ? -4.374  10.439  -7.654  1.00 13.97 ? 101 6O7 B C45   1 
HETATM 673 O  O16   . 6O7 I 2 .  ? -4.649  11.736  -7.303  1.00 14.33 ? 101 6O7 B O16   1 
HETATM 674 C  C46   . 6O7 I 2 .  ? -5.548  12.112  -6.247  1.00 14.60 ? 101 6O7 B C46   1 
HETATM 675 O  O17   . 6O7 I 2 .  ? -6.387  13.144  -6.785  1.00 14.69 ? 101 6O7 B O17   1 
HETATM 676 C  C50   . 6O7 I 2 .  ? -7.196  13.901  -5.863  1.00 14.90 ? 101 6O7 B C50   1 
HETATM 677 C  C51   . 6O7 I 2 .  ? -7.984  14.991  -6.583  1.00 14.87 ? 101 6O7 B C51   1 
HETATM 678 C  C49   . 6O7 I 2 .  ? -6.306  14.582  -4.843  1.00 15.00 ? 101 6O7 B C49   1 
HETATM 679 O  O18   . 6O7 I 2 .  ? -7.039  15.423  -3.922  1.00 14.94 ? 101 6O7 B O18   1 
HETATM 680 C  C48   . 6O7 I 2 .  ? -5.521  13.530  -4.089  1.00 14.99 ? 101 6O7 B C48   1 
HETATM 681 O  O19   . 6O7 I 2 .  ? -4.625  14.367  -3.393  1.00 15.28 ? 101 6O7 B O19   1 
HETATM 682 C  C52   . 6O7 I 2 .  ? -4.377  14.206  -2.012  1.00 15.52 ? 101 6O7 B C52   1 
HETATM 683 O  O20   . 6O7 I 2 .  ? -5.510  13.987  -1.155  1.00 15.61 ? 101 6O7 B O20   1 
HETATM 684 C  C56   . 6O7 I 2 .  ? -5.051  13.839  0.204   1.00 15.65 ? 101 6O7 B C56   1 
HETATM 685 C  C57   . 6O7 I 2 .  ? -6.150  13.288  1.101   1.00 15.56 ? 101 6O7 B C57   1 
HETATM 686 C  C55   . 6O7 I 2 .  ? -4.499  15.188  0.679   1.00 15.67 ? 101 6O7 B C55   1 
HETATM 687 O  O21   . 6O7 I 2 .  ? -4.014  15.089  2.022   1.00 15.64 ? 101 6O7 B O21   1 
HETATM 688 C  C54   . 6O7 I 2 .  ? -3.332  15.610  -0.210  1.00 15.69 ? 101 6O7 B C54   1 
HETATM 689 O  O22   . 6O7 I 2 .  ? -2.898  16.944  0.078   1.00 15.87 ? 101 6O7 B O22   1 
HETATM 690 C  C53   . 6O7 I 2 .  ? -3.717  15.537  -1.678  1.00 15.63 ? 101 6O7 B C53   1 
HETATM 691 C  C47   . 6O7 I 2 .  ? -4.751  12.604  -5.031  1.00 14.74 ? 101 6O7 B C47   1 
HETATM 692 C  C44   . 6O7 I 2 .  ? -5.414  9.631   -8.054  1.00 13.87 ? 101 6O7 B C44   1 
HETATM 693 C  C43   . 6O7 I 2 .  ? -5.160  8.323   -8.412  1.00 13.81 ? 101 6O7 B C43   1 
HETATM 694 C  C18   . 6O7 I 2 .  ? -6.228  7.589   -8.787  1.00 13.73 ? 101 6O7 B C18   1 
HETATM 695 C  C17   . 6O7 I 2 .  ? -6.058  6.290   -9.149  1.00 13.62 ? 101 6O7 B C17   1 
HETATM 696 C  C16   . 6O7 I 2 .  ? -7.342  5.694   -9.529  1.00 13.64 ? 101 6O7 B C16   1 
HETATM 697 C  C21   . 6O7 I 2 .  ? -6.276  3.530   -9.936  1.00 13.51 ? 101 6O7 B C21   1 
HETATM 698 C  C1    . 6O7 I 2 .  ? -8.787  3.678   -9.894  1.00 13.98 ? 101 6O7 B C1    1 
HETATM 699 O  O3    . 6O7 I 2 .  ? -8.604  3.417   -11.286 1.00 13.91 ? 101 6O7 B O3    1 
HETATM 700 C  C15   . 6O7 I 2 .  ? -9.674  2.743   -11.947 1.00 13.93 ? 101 6O7 B C15   1 
HETATM 701 C  C2    . 6O7 I 2 .  ? -9.918  4.654   -9.698  1.00 14.43 ? 101 6O7 B C2    1 
HETATM 702 O  O2    . 6O7 I 2 .  ? -9.724  5.840   -9.577  1.00 14.48 ? 101 6O7 B O2    1 
HETATM 703 C  C3    . 6O7 I 2 .  ? -12.230 4.984   -9.108  1.00 15.26 ? 101 6O7 B C3    1 
HETATM 704 C  C13   . 6O7 I 2 .  ? -13.452 4.134   -9.050  1.00 15.71 ? 101 6O7 B C13   1 
HETATM 705 O  O1    . 6O7 I 2 .  ? -13.774 3.468   -10.024 1.00 16.13 ? 101 6O7 B O1    1 
HETATM 706 O  O     . 6O7 I 2 .  ? -14.241 4.086   -7.827  1.00 16.03 ? 101 6O7 B O     1 
HETATM 707 C  C14   . 6O7 I 2 .  ? -15.181 3.030   -7.615  1.00 15.92 ? 101 6O7 B C14   1 
HETATM 708 C  C4    . 6O7 I 2 .  ? -12.529 6.278   -9.895  1.00 15.19 ? 101 6O7 B C4    1 
HETATM 709 C  C5    . 6O7 I 2 .  ? -11.990 7.434   -9.096  1.00 15.28 ? 101 6O7 B C5    1 
HETATM 710 C  C10   . 6O7 I 2 .  ? -12.454 7.643   -7.791  1.00 15.38 ? 101 6O7 B C10   1 
HETATM 711 C  C9    . 6O7 I 2 .  ? -11.931 8.690   -7.036  1.00 15.60 ? 101 6O7 B C9    1 
HETATM 712 C  C8    . 6O7 I 2 .  ? -10.948 9.527   -7.588  1.00 15.63 ? 101 6O7 B C8    1 
HETATM 713 C  C7    . 6O7 I 2 .  ? -10.481 9.311   -8.891  1.00 15.46 ? 101 6O7 B C7    1 
HETATM 714 C  C6    . 6O7 I 2 .  ? -11.007 8.264   -9.647  1.00 15.31 ? 101 6O7 B C6    1 
HETATM 715 O  O4    . 6O7 I 2 .  ? -6.404  2.208   -9.406  1.00 12.95 ? 101 6O7 B O4    1 
HETATM 716 C  C22   . 6O7 I 2 .  ? -6.039  1.187   -10.319 1.00 12.41 ? 101 6O7 B C22   1 
HETATM 717 O  O5    . 6O7 I 2 .  ? -7.098  0.868   -11.216 1.00 12.09 ? 101 6O7 B O5    1 
HETATM 718 C  C26   . 6O7 I 2 .  ? -6.679  -0.064  -12.213 1.00 12.00 ? 101 6O7 B C26   1 
HETATM 719 C  C27   . 6O7 I 2 .  ? -7.842  -0.264  -13.159 1.00 12.02 ? 101 6O7 B C27   1 
HETATM 720 C  C25   . 6O7 I 2 .  ? -6.284  -1.379  -11.562 1.00 12.00 ? 101 6O7 B C25   1 
HETATM 721 O  O6    . 6O7 I 2 .  ? -5.753  -2.330  -12.496 1.00 11.84 ? 101 6O7 B O6    1 
HETATM 722 C  C24   . 6O7 I 2 .  ? -5.239  -1.061  -10.531 1.00 12.10 ? 101 6O7 B C24   1 
HETATM 723 C  C23   . 6O7 I 2 .  ? -5.689  -0.042  -9.519  1.00 12.25 ? 101 6O7 B C23   1 
HETATM 724 O  O7    . 6O7 I 2 .  ? -5.044  -2.236  -9.824  1.00 12.21 ? 101 6O7 B O7    1 
HETATM 725 C  C28   . 6O7 I 2 .  ? -3.843  -2.833  -10.201 1.00 12.46 ? 101 6O7 B C28   1 
HETATM 726 O  O8    . 6O7 I 2 .  ? -4.210  -3.822  -11.157 1.00 12.52 ? 101 6O7 B O8    1 
HETATM 727 C  C32   . 6O7 I 2 .  ? -3.220  -4.828  -11.386 1.00 12.72 ? 101 6O7 B C32   1 
HETATM 728 C  C33   . 6O7 I 2 .  ? -3.776  -5.862  -12.358 1.00 12.68 ? 101 6O7 B C33   1 
HETATM 729 C  C31   . 6O7 I 2 .  ? -2.808  -5.486  -10.071 1.00 12.82 ? 101 6O7 B C31   1 
HETATM 730 O  O9    . 6O7 I 2 .  ? -3.918  -6.198  -9.509  1.00 12.95 ? 101 6O7 B O9    1 
HETATM 731 C  C30   . 6O7 I 2 .  ? -2.334  -4.413  -9.108  1.00 12.87 ? 101 6O7 B C30   1 
HETATM 732 C  C29   . 6O7 I 2 .  ? -3.362  -3.348  -8.878  1.00 12.66 ? 101 6O7 B C29   1 
HETATM 733 O  O10   . 6O7 I 2 .  ? -2.154  -4.914  -7.804  1.00 13.34 ? 101 6O7 B O10   1 
HETATM 734 C  C34   . 6O7 I 2 .  ? -0.828  -4.822  -7.364  1.00 13.84 ? 101 6O7 B C34   1 
HETATM 735 O  O12   . 6O7 I 2 .  ? -0.224  -5.912  -8.015  1.00 14.03 ? 101 6O7 B O12   1 
HETATM 736 C  C38   . 6O7 I 2 .  ? 1.152   -6.021  -7.729  1.00 14.34 ? 101 6O7 B C38   1 
HETATM 737 C  C39   . 6O7 I 2 .  ? 1.544   -7.238  -8.562  1.00 14.43 ? 101 6O7 B C39   1 
HETATM 738 C  C37   . 6O7 I 2 .  ? 1.431   -6.199  -6.222  1.00 14.35 ? 101 6O7 B C37   1 
HETATM 739 O  O13   . 6O7 I 2 .  ? 2.787   -5.810  -5.896  1.00 14.39 ? 101 6O7 B O13   1 
HETATM 740 C  C36   . 6O7 I 2 .  ? 0.499   -5.433  -5.260  1.00 14.33 ? 101 6O7 B C36   1 
HETATM 741 C  C40   . 6O7 I 2 .  ? 0.150   -6.342  -4.084  1.00 14.51 ? 101 6O7 B C40   1 
HETATM 742 O  O11   . 6O7 I 2 .  ? 1.219   -4.306  -4.723  1.00 14.31 ? 101 6O7 B O11   1 
HETATM 743 C  C35   . 6O7 I 2 .  ? -0.817  -4.921  -5.855  1.00 14.06 ? 101 6O7 B C35   1 
HETATM 744 ZN ZN    . ZN  J 3 .  ? -2.263  4.195   -9.377  1.00 14.21 ? 102 ZN  B ZN    1 
HETATM 745 ZN ZN    . ZN  K 3 .  ? 4.800   9.210   -1.654  1.00 4.01  ? 103 ZN  B ZN    1 
HETATM 746 O  O     . HOH L 4 .  ? 1.642   -4.937  8.182   1.00 12.19 ? 201 HOH A O     1 
HETATM 747 O  O     . HOH L 4 .  ? 0.932   -6.785  10.399  1.00 12.70 ? 202 HOH A O     1 
HETATM 748 O  O     . HOH L 4 .  ? -5.028  -0.662  6.190   1.00 5.69  ? 203 HOH A O     1 
HETATM 749 O  O     . HOH L 4 .  ? -1.974  1.494   7.088   1.00 5.67  ? 204 HOH A O     1 
HETATM 750 O  O     . HOH L 4 .  ? -4.555  0.821   7.606   1.00 5.80  ? 205 HOH A O     1 
HETATM 751 O  O     . HOH L 4 .  ? -8.956  0.871   9.492   1.00 2.97  ? 206 HOH A O     1 
HETATM 752 O  O     . HOH L 4 .  ? 4.988   1.988   12.091  1.00 2.21  ? 207 HOH A O     1 
HETATM 753 O  O     . HOH L 4 .  ? -8.920  -1.815  7.407   1.00 2.97  ? 208 HOH A O     1 
HETATM 754 O  O     . HOH L 4 .  ? -4.573  1.577   5.317   1.00 5.68  ? 209 HOH A O     1 
HETATM 755 O  O     . HOH M 4 .  ? -0.600  5.243   -9.696  1.00 13.11 ? 201 HOH B O     1 
HETATM 756 O  O     . HOH M 4 .  ? -2.565  3.431   -7.578  1.00 12.66 ? 202 HOH B O     1 
HETATM 757 O  O     . HOH M 4 .  ? 3.459   7.848   -1.062  1.00 3.98  ? 203 HOH B O     1 
HETATM 758 O  O     . HOH M 4 .  ? 4.753   10.995  -0.751  1.00 3.99  ? 204 HOH B O     1 
HETATM 759 O  O     . HOH M 4 .  ? -9.905  7.350   -4.402  1.00 3.37  ? 205 HOH B O     1 
HETATM 760 O  O     . HOH M 4 .  ? 0.569   6.889   -0.232  1.00 4.56  ? 206 HOH B O     1 
HETATM 761 O  O     . HOH M 4 .  ? 6.304   9.702   -2.881  1.00 3.93  ? 207 HOH B O     1 
HETATM 762 O  O     . HOH M 4 .  ? -9.858  2.099   -6.501  1.00 4.80  ? 208 HOH B O     1 
HETATM 763 O  O     . HOH M 4 .  ? -9.427  -5.195  -4.918  1.00 4.31  ? 209 HOH B O     1 
HETATM 764 O  O     . HOH M 4 .  ? 6.263   7.973   -1.084  1.00 3.98  ? 210 HOH B O     1 
HETATM 765 O  O     . HOH M 4 .  ? -8.926  8.051   -0.189  1.00 2.00  ? 211 HOH B O     1 
# 
